data_8VDU
#
_entry.id   8VDU
#
_cell.length_a   72.319
_cell.length_b   138.116
_cell.length_c   101.832
_cell.angle_alpha   90.000
_cell.angle_beta   102.498
_cell.angle_gamma   90.000
#
_symmetry.space_group_name_H-M   'P 1 21 1'
#
loop_
_entity.id
_entity.type
_entity.pdbx_description
1 polymer 'MHC class II HLA-DQ-alpha chain'
2 polymer 'MHC class II HLA-DQ-beta-1'
3 polymer 'Hybrid insulin peptide (HIP; InsC8-15-IAPP74-80)'
4 branched beta-D-mannopyranose-(3-4)-2-acetamido-2-deoxy-beta-D-glucopyranose-(1-4)-2-acetamido-2-deoxy-beta-D-glucopyranose
5 non-polymer 2-acetamido-2-deoxy-beta-D-glucopyranose
6 non-polymer DI(HYDROXYETHYL)ETHER
7 water water
#
loop_
_entity_poly.entity_id
_entity_poly.type
_entity_poly.pdbx_seq_one_letter_code
_entity_poly.pdbx_strand_id
1 'polypeptide(L)'
;EDIVADHVASYGVNLYQSYGPSGQYSHEFDGDEEFYVDLERKETVWQLPLFRRFRRFDPQFALTNIAVLKHNLNCVIKRS
NSTAATNEVPEVTVFSKSPVTLGQPNTLICLVDNIFPPVVNITWLSNGHSVTEGVSETSFLSKSDHSFFKISYLTFLPSA
DEIYDCKVEHWGLDEPLLKHWEPES
;
A,D,G,J
2 'polypeptide(L)'
;RDSPEDFVYQFKGMCYFTNGTERVRLVTRYIYNREEYARFDSDVGVYRAVTPLGPPAAEYWNSQKEVLERTRAELDTVCR
HNYQLELRTTLQRRVEPTVTISPSRTEALNHHNLLVCSVTDFYPAQIKVRWFRNDQEETTGVVSTPLIRNGDWTFQILVM
LEMTPQRGDVYTCHVEHPSLQNPIIVEWRAQS
;
B,E,H,K
3 'polypeptide(L)' GQVELGGGNAVEVCK C,F,I,L
#
loop_
_chem_comp.id
_chem_comp.type
_chem_comp.name
_chem_comp.formula
BMA D-saccharide, beta linking beta-D-mannopyranose 'C6 H12 O6'
NAG D-saccharide, beta linking 2-acetamido-2-deoxy-beta-D-glucopyranose 'C8 H15 N O6'
PEG non-polymer DI(HYDROXYETHYL)ETHER 'C4 H10 O3'
#
# COMPACT_ATOMS: atom_id res chain seq x y z
N ASP A 2 -2.00 -33.46 6.67
CA ASP A 2 -1.47 -32.60 5.62
C ASP A 2 -0.47 -33.39 4.77
N ILE A 3 0.10 -32.74 3.77
CA ILE A 3 1.00 -33.39 2.82
C ILE A 3 2.43 -33.13 3.26
N VAL A 4 3.06 -34.13 3.86
CA VAL A 4 4.46 -34.03 4.27
C VAL A 4 5.35 -34.22 3.05
N ALA A 5 6.39 -33.39 2.94
CA ALA A 5 7.29 -33.46 1.79
C ALA A 5 8.60 -32.79 2.16
N ASP A 6 9.68 -33.29 1.55
CA ASP A 6 11.00 -32.68 1.78
C ASP A 6 11.08 -31.29 1.18
N HIS A 7 10.51 -31.09 0.00
CA HIS A 7 10.47 -29.80 -0.65
C HIS A 7 9.11 -29.59 -1.28
N VAL A 8 8.58 -28.38 -1.15
CA VAL A 8 7.28 -28.01 -1.72
C VAL A 8 7.51 -26.85 -2.66
N ALA A 9 7.20 -27.05 -3.94
CA ALA A 9 7.37 -26.03 -4.96
C ALA A 9 6.00 -25.65 -5.53
N SER A 10 5.89 -24.40 -5.96
CA SER A 10 4.65 -23.87 -6.54
C SER A 10 4.99 -23.40 -7.95
N TYR A 11 4.93 -24.32 -8.91
CA TYR A 11 5.22 -24.02 -10.31
C TYR A 11 3.93 -23.54 -10.97
N GLY A 12 3.57 -22.30 -10.66
CA GLY A 12 2.36 -21.71 -11.20
C GLY A 12 1.48 -21.09 -10.13
N VAL A 13 1.98 -20.06 -9.46
CA VAL A 13 1.17 -19.25 -8.55
C VAL A 13 0.49 -18.19 -9.41
N ASN A 14 -0.67 -18.54 -9.94
CA ASN A 14 -1.42 -17.63 -10.78
C ASN A 14 -2.44 -16.86 -9.94
N LEU A 15 -2.59 -15.57 -10.24
CA LEU A 15 -3.44 -14.70 -9.46
C LEU A 15 -4.01 -13.62 -10.37
N TYR A 16 -5.32 -13.43 -10.30
CA TYR A 16 -5.97 -12.36 -11.06
C TYR A 16 -7.15 -11.84 -10.24
N GLN A 17 -7.25 -10.52 -10.13
CA GLN A 17 -8.32 -9.89 -9.36
C GLN A 17 -9.03 -8.85 -10.22
N SER A 18 -10.19 -8.43 -9.73
CA SER A 18 -11.05 -7.48 -10.45
C SER A 18 -10.66 -6.03 -10.20
N TYR A 19 -10.14 -5.72 -9.01
CA TYR A 19 -9.90 -4.32 -8.63
C TYR A 19 -8.96 -3.62 -9.60
N GLY A 20 -7.73 -4.10 -9.71
CA GLY A 20 -6.72 -3.48 -10.55
C GLY A 20 -7.20 -2.95 -11.88
N PRO A 21 -7.51 -3.85 -12.83
CA PRO A 21 -7.42 -5.31 -12.73
C PRO A 21 -5.97 -5.78 -12.79
N SER A 22 -5.49 -6.35 -11.70
CA SER A 22 -4.09 -6.68 -11.51
C SER A 22 -3.92 -8.19 -11.40
N GLY A 23 -2.78 -8.67 -11.88
CA GLY A 23 -2.48 -10.09 -11.86
C GLY A 23 -1.01 -10.33 -11.58
N GLN A 24 -0.68 -11.60 -11.37
CA GLN A 24 0.69 -11.97 -11.04
C GLN A 24 0.90 -13.44 -11.35
N TYR A 25 2.04 -13.75 -11.95
CA TYR A 25 2.48 -15.12 -12.18
C TYR A 25 3.87 -15.27 -11.61
N SER A 26 4.03 -16.18 -10.64
CA SER A 26 5.31 -16.37 -9.99
C SER A 26 5.49 -17.85 -9.64
N HIS A 27 6.75 -18.27 -9.55
CA HIS A 27 7.10 -19.59 -9.05
C HIS A 27 7.80 -19.46 -7.71
N GLU A 28 7.60 -20.48 -6.86
CA GLU A 28 8.16 -20.48 -5.52
C GLU A 28 8.71 -21.87 -5.21
N PHE A 29 9.77 -21.90 -4.40
CA PHE A 29 10.39 -23.16 -3.99
C PHE A 29 10.73 -23.04 -2.51
N ASP A 30 10.08 -23.87 -1.70
CA ASP A 30 10.27 -23.87 -0.24
C ASP A 30 9.92 -22.52 0.37
N GLY A 31 8.88 -21.88 -0.17
CA GLY A 31 8.36 -20.65 0.39
C GLY A 31 9.01 -19.38 -0.11
N ASP A 32 10.09 -19.47 -0.88
CA ASP A 32 10.77 -18.30 -1.40
C ASP A 32 10.42 -18.09 -2.87
N GLU A 33 10.38 -16.82 -3.28
CA GLU A 33 9.98 -16.47 -4.64
C GLU A 33 11.17 -16.64 -5.58
N GLU A 34 10.98 -17.47 -6.61
CA GLU A 34 12.03 -17.66 -7.62
C GLU A 34 12.03 -16.52 -8.63
N PHE A 35 10.87 -16.25 -9.24
CA PHE A 35 10.76 -15.16 -10.20
C PHE A 35 9.32 -14.69 -10.24
N TYR A 36 9.10 -13.61 -10.98
CA TYR A 36 7.77 -13.13 -11.29
C TYR A 36 7.79 -12.55 -12.69
N VAL A 37 6.70 -12.74 -13.42
CA VAL A 37 6.61 -12.31 -14.82
C VAL A 37 6.00 -10.92 -14.85
N ASP A 38 6.73 -9.96 -15.40
CA ASP A 38 6.21 -8.62 -15.61
C ASP A 38 5.19 -8.67 -16.74
N LEU A 39 3.90 -8.64 -16.37
CA LEU A 39 2.84 -8.78 -17.34
C LEU A 39 2.72 -7.57 -18.26
N GLU A 40 3.20 -6.40 -17.83
CA GLU A 40 3.11 -5.22 -18.68
C GLU A 40 4.20 -5.17 -19.74
N ARG A 41 5.38 -5.69 -19.42
CA ARG A 41 6.53 -5.63 -20.33
C ARG A 41 6.81 -6.95 -21.03
N LYS A 42 6.08 -8.03 -20.70
CA LYS A 42 6.36 -9.37 -21.23
C LYS A 42 7.80 -9.77 -20.91
N GLU A 43 8.16 -9.65 -19.63
CA GLU A 43 9.52 -9.84 -19.17
C GLU A 43 9.53 -10.69 -17.91
N THR A 44 10.40 -11.70 -17.88
CA THR A 44 10.58 -12.53 -16.70
C THR A 44 11.65 -11.92 -15.81
N VAL A 45 11.27 -11.56 -14.59
CA VAL A 45 12.16 -10.89 -13.64
C VAL A 45 12.50 -11.89 -12.55
N TRP A 46 13.71 -12.46 -12.61
CA TRP A 46 14.15 -13.39 -11.59
C TRP A 46 14.57 -12.65 -10.33
N GLN A 47 14.45 -13.32 -9.19
CA GLN A 47 14.68 -12.71 -7.89
C GLN A 47 16.01 -13.11 -7.28
N LEU A 48 16.97 -13.55 -8.11
CA LEU A 48 18.27 -13.94 -7.61
C LEU A 48 19.29 -13.86 -8.72
N PRO A 49 20.52 -13.41 -8.45
CA PRO A 49 21.54 -13.42 -9.51
C PRO A 49 21.86 -14.81 -10.02
N LEU A 50 21.78 -15.82 -9.15
CA LEU A 50 22.02 -17.19 -9.58
C LEU A 50 20.94 -17.69 -10.54
N PHE A 51 19.71 -17.21 -10.36
CA PHE A 51 18.62 -17.65 -11.24
C PHE A 51 18.75 -17.00 -12.61
N ARG A 52 19.19 -15.74 -12.66
CA ARG A 52 19.30 -15.04 -13.93
C ARG A 52 20.35 -15.65 -14.85
N ARG A 53 21.26 -16.46 -14.31
CA ARG A 53 22.37 -17.01 -15.10
C ARG A 53 22.12 -18.42 -15.60
N PHE A 54 21.32 -19.23 -14.92
CA PHE A 54 21.15 -20.63 -15.26
C PHE A 54 19.72 -21.03 -15.56
N ARG A 55 18.78 -20.09 -15.61
CA ARG A 55 17.38 -20.42 -15.84
C ARG A 55 16.78 -19.54 -16.93
N ARG A 56 15.76 -20.08 -17.59
CA ARG A 56 15.05 -19.41 -18.65
C ARG A 56 13.59 -19.81 -18.56
N PHE A 57 12.69 -18.85 -18.75
CA PHE A 57 11.25 -19.12 -18.69
C PHE A 57 10.55 -18.22 -19.69
N ASP A 58 9.74 -18.82 -20.55
CA ASP A 58 9.03 -18.07 -21.57
C ASP A 58 7.94 -17.22 -20.93
N PRO A 59 8.02 -15.89 -21.00
CA PRO A 59 6.98 -15.06 -20.37
C PRO A 59 5.62 -15.19 -21.04
N GLN A 60 5.57 -15.72 -22.26
CA GLN A 60 4.30 -15.83 -22.97
C GLN A 60 3.36 -16.81 -22.29
N PHE A 61 3.90 -17.85 -21.63
CA PHE A 61 3.06 -18.80 -20.92
C PHE A 61 2.34 -18.16 -19.73
N ALA A 62 2.88 -17.07 -19.18
CA ALA A 62 2.20 -16.36 -18.11
C ALA A 62 0.99 -15.60 -18.64
N LEU A 63 1.19 -14.83 -19.72
CA LEU A 63 0.08 -14.09 -20.30
C LEU A 63 -1.03 -15.01 -20.81
N THR A 64 -0.65 -16.18 -21.31
CA THR A 64 -1.65 -17.17 -21.72
C THR A 64 -2.40 -17.71 -20.51
N ASN A 65 -1.67 -18.02 -19.43
CA ASN A 65 -2.28 -18.61 -18.25
C ASN A 65 -3.11 -17.58 -17.48
N ILE A 66 -2.62 -16.34 -17.39
CA ILE A 66 -3.37 -15.30 -16.70
C ILE A 66 -4.64 -14.95 -17.46
N ALA A 67 -4.60 -14.99 -18.79
CA ALA A 67 -5.79 -14.70 -19.59
C ALA A 67 -6.90 -15.72 -19.33
N VAL A 68 -6.53 -16.95 -18.99
CA VAL A 68 -7.54 -17.95 -18.64
C VAL A 68 -8.14 -17.64 -17.27
N LEU A 69 -7.34 -17.08 -16.36
CA LEU A 69 -7.87 -16.71 -15.05
C LEU A 69 -8.95 -15.64 -15.18
N LYS A 70 -8.70 -14.61 -16.00
CA LYS A 70 -9.72 -13.61 -16.24
C LYS A 70 -11.00 -14.24 -16.78
N HIS A 71 -10.86 -15.29 -17.59
CA HIS A 71 -12.03 -16.03 -18.06
C HIS A 71 -12.69 -16.79 -16.93
N ASN A 72 -11.90 -17.54 -16.16
CA ASN A 72 -12.46 -18.33 -15.06
C ASN A 72 -13.03 -17.47 -13.96
N LEU A 73 -12.57 -16.22 -13.82
CA LEU A 73 -13.08 -15.35 -12.77
C LEU A 73 -14.53 -14.94 -13.03
N ASN A 74 -14.87 -14.62 -14.28
CA ASN A 74 -16.21 -14.15 -14.59
C ASN A 74 -17.30 -15.21 -14.40
N CYS A 75 -16.92 -16.47 -14.22
CA CYS A 75 -17.86 -17.56 -14.03
C CYS A 75 -18.08 -17.90 -12.55
N VAL A 76 -17.01 -17.92 -11.75
CA VAL A 76 -17.22 -18.22 -10.35
C VAL A 76 -17.87 -17.03 -9.65
N ILE A 77 -17.64 -15.81 -10.15
CA ILE A 77 -18.42 -14.68 -9.66
C ILE A 77 -19.88 -14.81 -10.09
N LYS A 78 -20.10 -15.30 -11.32
CA LYS A 78 -21.47 -15.50 -11.79
C LYS A 78 -22.11 -16.70 -11.10
N ARG A 79 -21.32 -17.73 -10.81
CA ARG A 79 -21.87 -18.93 -10.16
C ARG A 79 -22.09 -18.69 -8.67
N SER A 80 -21.21 -17.92 -8.03
CA SER A 80 -21.35 -17.59 -6.62
C SER A 80 -22.22 -16.37 -6.38
N ASN A 81 -22.94 -15.90 -7.40
CA ASN A 81 -23.85 -14.76 -7.24
C ASN A 81 -23.11 -13.49 -6.81
N SER A 82 -21.96 -13.24 -7.43
CA SER A 82 -21.15 -12.05 -7.20
C SER A 82 -20.76 -11.93 -5.72
N THR A 83 -20.02 -12.94 -5.26
CA THR A 83 -19.52 -12.97 -3.90
C THR A 83 -18.16 -12.30 -3.85
N ALA A 84 -18.09 -11.16 -3.16
CA ALA A 84 -16.86 -10.39 -3.09
C ALA A 84 -15.90 -11.01 -2.08
N ALA A 85 -14.68 -10.50 -2.05
CA ALA A 85 -13.67 -10.98 -1.13
C ALA A 85 -13.91 -10.41 0.27
N THR A 86 -13.46 -11.15 1.27
CA THR A 86 -13.58 -10.74 2.67
C THR A 86 -12.26 -10.11 3.08
N ASN A 87 -12.31 -8.84 3.49
CA ASN A 87 -11.11 -8.12 3.88
C ASN A 87 -10.55 -8.68 5.20
N GLU A 88 -9.31 -9.15 5.15
CA GLU A 88 -8.62 -9.63 6.34
C GLU A 88 -7.72 -8.55 6.91
N VAL A 89 -7.48 -8.64 8.21
CA VAL A 89 -6.63 -7.69 8.92
C VAL A 89 -5.18 -8.15 8.77
N PRO A 90 -4.30 -7.36 8.16
CA PRO A 90 -2.91 -7.79 7.99
C PRO A 90 -2.12 -7.66 9.29
N GLU A 91 -1.12 -8.52 9.42
CA GLU A 91 -0.23 -8.54 10.58
C GLU A 91 1.13 -7.99 10.16
N VAL A 92 1.58 -6.94 10.86
CA VAL A 92 2.80 -6.22 10.51
C VAL A 92 3.86 -6.49 11.57
N THR A 93 5.09 -6.73 11.12
CA THR A 93 6.23 -6.95 12.01
C THR A 93 7.46 -6.34 11.35
N VAL A 94 8.25 -5.60 12.13
CA VAL A 94 9.44 -4.93 11.62
C VAL A 94 10.65 -5.44 12.40
N PHE A 95 11.68 -5.82 11.66
CA PHE A 95 12.94 -6.28 12.24
C PHE A 95 14.05 -6.03 11.23
N SER A 96 15.29 -6.12 11.70
CA SER A 96 16.45 -5.86 10.87
C SER A 96 17.01 -7.15 10.27
N LYS A 97 17.73 -6.99 9.16
CA LYS A 97 18.31 -8.13 8.45
C LYS A 97 19.56 -8.66 9.13
N SER A 98 20.36 -7.76 9.71
CA SER A 98 21.63 -8.11 10.34
C SER A 98 21.70 -7.44 11.70
N PRO A 99 22.54 -7.95 12.61
CA PRO A 99 22.70 -7.28 13.90
C PRO A 99 23.11 -5.83 13.72
N VAL A 100 22.52 -4.95 14.54
CA VAL A 100 22.66 -3.51 14.37
C VAL A 100 23.90 -3.02 15.10
N THR A 101 24.78 -2.31 14.37
CA THR A 101 26.02 -1.73 14.91
C THR A 101 26.17 -0.28 14.43
N LEU A 102 25.42 0.64 15.07
CA LEU A 102 25.55 2.10 14.90
C LEU A 102 26.69 2.54 14.01
N GLY A 103 26.43 2.68 12.72
CA GLY A 103 27.41 3.10 11.74
C GLY A 103 27.63 2.09 10.62
N GLN A 104 27.31 0.82 10.88
CA GLN A 104 27.46 -0.22 9.88
C GLN A 104 26.19 -0.33 9.06
N PRO A 105 26.25 -0.22 7.73
CA PRO A 105 25.02 -0.25 6.94
C PRO A 105 24.24 -1.54 7.14
N ASN A 106 22.92 -1.42 7.17
CA ASN A 106 22.03 -2.55 7.42
C ASN A 106 20.82 -2.42 6.52
N THR A 107 19.81 -3.26 6.78
CA THR A 107 18.58 -3.26 5.99
C THR A 107 17.41 -3.61 6.90
N LEU A 108 16.40 -2.75 6.92
CA LEU A 108 15.20 -3.00 7.69
C LEU A 108 14.22 -3.84 6.88
N ILE A 109 13.49 -4.70 7.58
CA ILE A 109 12.55 -5.64 6.96
C ILE A 109 11.18 -5.45 7.60
N CYS A 110 10.17 -5.24 6.77
CA CYS A 110 8.78 -5.11 7.22
C CYS A 110 7.96 -6.23 6.60
N LEU A 111 7.61 -7.23 7.41
CA LEU A 111 6.80 -8.34 6.95
C LEU A 111 5.34 -8.05 7.26
N VAL A 112 4.50 -8.08 6.23
CA VAL A 112 3.06 -7.85 6.37
C VAL A 112 2.38 -9.18 6.06
N ASP A 113 1.95 -9.87 7.11
CA ASP A 113 1.40 -11.22 6.99
C ASP A 113 -0.11 -11.19 6.94
N ASN A 114 -0.68 -12.27 6.41
CA ASN A 114 -2.13 -12.48 6.31
C ASN A 114 -2.81 -11.33 5.56
N ILE A 115 -2.43 -11.18 4.29
CA ILE A 115 -2.98 -10.14 3.41
C ILE A 115 -4.06 -10.77 2.54
N PHE A 116 -5.27 -10.19 2.59
CA PHE A 116 -6.34 -10.54 1.67
C PHE A 116 -7.45 -9.49 1.71
N PRO A 117 -7.87 -8.96 0.56
CA PRO A 117 -7.32 -9.28 -0.77
C PRO A 117 -5.94 -8.65 -1.01
N PRO A 118 -5.20 -9.17 -1.99
CA PRO A 118 -3.84 -8.66 -2.23
C PRO A 118 -3.78 -7.24 -2.79
N VAL A 119 -4.19 -6.26 -1.97
CA VAL A 119 -4.10 -4.84 -2.32
C VAL A 119 -3.61 -4.11 -1.08
N VAL A 120 -2.39 -3.55 -1.14
CA VAL A 120 -1.77 -2.97 0.05
C VAL A 120 -0.73 -1.95 -0.38
N ASN A 121 -0.48 -0.96 0.48
CA ASN A 121 0.63 -0.03 0.35
C ASN A 121 1.58 -0.29 1.52
N ILE A 122 2.84 -0.58 1.22
CA ILE A 122 3.86 -0.73 2.25
C ILE A 122 4.88 0.38 2.00
N THR A 123 4.84 1.42 2.82
CA THR A 123 5.73 2.57 2.68
C THR A 123 6.51 2.77 3.97
N TRP A 124 7.70 3.34 3.84
CA TRP A 124 8.57 3.58 4.98
C TRP A 124 8.56 5.03 5.42
N LEU A 125 8.93 5.25 6.68
CA LEU A 125 9.00 6.57 7.28
C LEU A 125 10.25 6.63 8.15
N SER A 126 11.11 7.61 7.90
CA SER A 126 12.32 7.82 8.67
C SER A 126 12.27 9.19 9.33
N ASN A 127 12.10 9.21 10.65
CA ASN A 127 12.00 10.45 11.42
C ASN A 127 10.86 11.33 10.93
N GLY A 128 9.72 10.72 10.61
CA GLY A 128 8.57 11.48 10.18
C GLY A 128 8.47 11.56 8.67
N HIS A 129 9.59 11.82 8.01
CA HIS A 129 9.61 12.01 6.57
C HIS A 129 9.51 10.68 5.85
N SER A 130 8.84 10.69 4.70
CA SER A 130 8.65 9.48 3.92
C SER A 130 9.91 9.15 3.13
N VAL A 131 10.30 7.88 3.15
CA VAL A 131 11.48 7.42 2.44
C VAL A 131 11.09 7.02 1.04
N THR A 132 11.87 7.45 0.05
CA THR A 132 11.62 7.12 -1.34
C THR A 132 12.78 6.40 -2.01
N GLU A 133 14.00 6.56 -1.52
CA GLU A 133 15.18 5.92 -2.09
C GLU A 133 15.61 4.75 -1.21
N GLY A 134 16.09 3.69 -1.85
CA GLY A 134 16.55 2.52 -1.11
C GLY A 134 15.45 1.59 -0.64
N VAL A 135 14.25 1.69 -1.21
CA VAL A 135 13.12 0.87 -0.82
C VAL A 135 12.83 -0.12 -1.95
N SER A 136 12.75 -1.40 -1.61
CA SER A 136 12.35 -2.44 -2.55
C SER A 136 11.51 -3.46 -1.79
N GLU A 137 10.60 -4.12 -2.51
CA GLU A 137 9.69 -5.07 -1.90
C GLU A 137 9.55 -6.29 -2.80
N THR A 138 9.00 -7.36 -2.21
CA THR A 138 8.72 -8.59 -2.92
C THR A 138 7.31 -8.58 -3.48
N SER A 139 7.01 -9.58 -4.31
CA SER A 139 5.67 -9.74 -4.85
C SER A 139 4.79 -10.40 -3.77
N PHE A 140 3.56 -10.76 -4.15
CA PHE A 140 2.67 -11.45 -3.23
C PHE A 140 3.04 -12.92 -3.16
N LEU A 141 3.67 -13.33 -2.06
CA LEU A 141 3.99 -14.73 -1.84
C LEU A 141 2.78 -15.45 -1.25
N SER A 142 2.50 -16.63 -1.78
CA SER A 142 1.30 -17.36 -1.40
C SER A 142 1.48 -18.01 -0.03
N LYS A 143 0.35 -18.22 0.65
CA LYS A 143 0.31 -18.86 1.95
C LYS A 143 -0.48 -20.15 1.86
N SER A 144 -0.36 -20.99 2.90
CA SER A 144 -1.03 -22.28 2.88
C SER A 144 -2.55 -22.14 2.96
N ASP A 145 -3.05 -21.14 3.68
CA ASP A 145 -4.48 -20.88 3.76
C ASP A 145 -4.98 -19.96 2.64
N HIS A 146 -4.24 -19.89 1.53
CA HIS A 146 -4.62 -19.15 0.33
C HIS A 146 -4.68 -17.65 0.55
N SER A 147 -4.03 -17.15 1.60
CA SER A 147 -3.84 -15.72 1.77
C SER A 147 -2.49 -15.33 1.17
N PHE A 148 -2.02 -14.12 1.44
CA PHE A 148 -0.75 -13.64 0.90
C PHE A 148 0.01 -12.88 1.98
N PHE A 149 1.31 -12.72 1.76
CA PHE A 149 2.13 -11.85 2.57
C PHE A 149 3.18 -11.17 1.70
N LYS A 150 3.49 -9.92 2.04
CA LYS A 150 4.46 -9.13 1.30
C LYS A 150 5.53 -8.62 2.25
N ILE A 151 6.75 -8.48 1.73
CA ILE A 151 7.89 -8.04 2.51
C ILE A 151 8.54 -6.86 1.80
N SER A 152 8.68 -5.74 2.50
CA SER A 152 9.33 -4.55 1.97
C SER A 152 10.64 -4.32 2.73
N TYR A 153 11.66 -3.86 2.01
CA TYR A 153 12.99 -3.67 2.57
C TYR A 153 13.34 -2.19 2.60
N LEU A 154 14.26 -1.85 3.51
CA LEU A 154 14.70 -0.46 3.67
C LEU A 154 16.17 -0.47 4.06
N THR A 155 17.04 -0.11 3.12
CA THR A 155 18.46 0.06 3.44
C THR A 155 18.66 1.36 4.20
N PHE A 156 19.28 1.26 5.38
CA PHE A 156 19.43 2.40 6.26
C PHE A 156 20.79 2.35 6.93
N LEU A 157 21.14 3.45 7.60
CA LEU A 157 22.37 3.56 8.37
C LEU A 157 22.03 3.79 9.83
N PRO A 158 22.29 2.82 10.71
CA PRO A 158 21.91 2.98 12.12
C PRO A 158 22.60 4.19 12.74
N SER A 159 21.80 5.07 13.32
CA SER A 159 22.30 6.28 13.96
C SER A 159 21.68 6.41 15.34
N ALA A 160 22.30 7.25 16.17
CA ALA A 160 21.82 7.45 17.52
C ALA A 160 20.50 8.20 17.56
N ASP A 161 20.17 8.98 16.53
CA ASP A 161 18.95 9.78 16.48
C ASP A 161 18.31 9.62 15.10
N GLU A 162 17.65 8.48 14.88
CA GLU A 162 16.91 8.20 13.66
C GLU A 162 15.99 7.02 13.92
N ILE A 163 14.67 7.25 13.85
CA ILE A 163 13.67 6.25 14.16
C ILE A 163 12.84 5.96 12.90
N TYR A 164 12.74 4.68 12.54
CA TYR A 164 12.08 4.26 11.31
C TYR A 164 10.71 3.68 11.60
N ASP A 165 9.82 3.78 10.62
CA ASP A 165 8.46 3.27 10.73
C ASP A 165 8.06 2.58 9.44
N CYS A 166 7.16 1.60 9.56
CA CYS A 166 6.56 0.92 8.42
C CYS A 166 5.08 1.25 8.37
N LYS A 167 4.64 1.86 7.26
CA LYS A 167 3.27 2.34 7.10
C LYS A 167 2.54 1.39 6.15
N VAL A 168 1.53 0.71 6.67
CA VAL A 168 0.76 -0.29 5.92
C VAL A 168 -0.67 0.19 5.76
N GLU A 169 -1.14 0.24 4.52
CA GLU A 169 -2.51 0.65 4.20
C GLU A 169 -3.24 -0.51 3.54
N HIS A 170 -4.33 -0.96 4.18
CA HIS A 170 -5.11 -2.07 3.67
C HIS A 170 -6.58 -1.80 3.95
N TRP A 171 -7.44 -2.44 3.16
CA TRP A 171 -8.88 -2.25 3.34
C TRP A 171 -9.39 -2.89 4.62
N GLY A 172 -8.78 -3.99 5.04
CA GLY A 172 -9.15 -4.63 6.29
C GLY A 172 -8.84 -3.81 7.52
N LEU A 173 -7.97 -2.80 7.39
CA LEU A 173 -7.65 -1.92 8.50
C LEU A 173 -8.57 -0.71 8.52
N ASP A 174 -8.76 -0.14 9.70
CA ASP A 174 -9.57 1.06 9.84
C ASP A 174 -8.77 2.32 9.58
N GLU A 175 -7.52 2.35 10.01
CA GLU A 175 -6.61 3.46 9.79
C GLU A 175 -5.26 2.89 9.37
N PRO A 176 -4.43 3.70 8.70
CA PRO A 176 -3.08 3.22 8.34
C PRO A 176 -2.31 2.77 9.56
N LEU A 177 -1.83 1.53 9.51
CA LEU A 177 -1.15 0.90 10.64
C LEU A 177 0.34 1.23 10.61
N LEU A 178 0.86 1.68 11.76
CA LEU A 178 2.27 2.05 11.88
C LEU A 178 2.97 1.09 12.84
N LYS A 179 4.10 0.54 12.39
CA LYS A 179 4.97 -0.28 13.22
C LYS A 179 6.30 0.43 13.41
N HIS A 180 6.76 0.51 14.66
CA HIS A 180 7.93 1.29 15.03
C HIS A 180 9.16 0.41 15.18
N TRP A 181 10.33 0.99 14.90
CA TRP A 181 11.60 0.33 15.11
C TRP A 181 12.68 1.38 15.30
N GLU A 182 13.54 1.18 16.31
CA GLU A 182 14.63 2.11 16.55
C GLU A 182 15.75 1.37 17.28
N PRO A 183 17.01 1.76 17.05
CA PRO A 183 18.12 1.13 17.77
C PRO A 183 18.22 1.56 19.23
N GLU A 184 17.68 0.75 20.14
CA GLU A 184 17.79 0.89 21.60
C GLU A 184 18.89 1.86 22.10
N SER B 3 -14.38 0.85 1.18
CA SER B 3 -13.71 -0.39 0.78
C SER B 3 -14.40 -0.99 -0.44
N PRO B 4 -13.78 -0.86 -1.62
CA PRO B 4 -14.40 -1.40 -2.83
C PRO B 4 -14.33 -2.92 -2.85
N GLU B 5 -15.37 -3.54 -3.41
CA GLU B 5 -15.40 -4.98 -3.47
C GLU B 5 -14.38 -5.50 -4.47
N ASP B 6 -13.85 -6.69 -4.19
CA ASP B 6 -12.82 -7.29 -5.01
C ASP B 6 -13.14 -8.76 -5.22
N PHE B 7 -12.89 -9.26 -6.42
CA PHE B 7 -13.12 -10.66 -6.76
C PHE B 7 -11.77 -11.26 -7.13
N VAL B 8 -11.34 -12.25 -6.34
CA VAL B 8 -10.01 -12.83 -6.47
C VAL B 8 -10.16 -14.25 -6.97
N TYR B 9 -9.29 -14.63 -7.92
CA TYR B 9 -9.22 -15.99 -8.42
C TYR B 9 -7.76 -16.41 -8.44
N GLN B 10 -7.48 -17.61 -7.94
CA GLN B 10 -6.11 -18.09 -7.85
C GLN B 10 -6.02 -19.49 -8.45
N PHE B 11 -4.81 -19.82 -8.90
CA PHE B 11 -4.48 -21.17 -9.36
C PHE B 11 -3.05 -21.43 -8.92
N LYS B 12 -2.85 -22.53 -8.19
CA LYS B 12 -1.54 -22.88 -7.63
C LYS B 12 -1.26 -24.34 -7.95
N GLY B 13 -0.40 -24.56 -8.94
CA GLY B 13 0.06 -25.90 -9.24
C GLY B 13 1.25 -26.27 -8.39
N MET B 14 1.00 -26.96 -7.28
CA MET B 14 2.03 -27.24 -6.29
C MET B 14 2.56 -28.66 -6.45
N CYS B 15 3.87 -28.80 -6.38
CA CYS B 15 4.54 -30.09 -6.44
C CYS B 15 5.13 -30.40 -5.07
N TYR B 16 5.01 -31.66 -4.65
CA TYR B 16 5.53 -32.12 -3.37
C TYR B 16 6.57 -33.21 -3.64
N PHE B 17 7.81 -32.95 -3.25
CA PHE B 17 8.91 -33.86 -3.50
C PHE B 17 9.33 -34.55 -2.21
N THR B 18 9.55 -35.85 -2.30
CA THR B 18 10.00 -36.67 -1.18
C THR B 18 10.94 -37.74 -1.71
N ASN B 19 12.07 -37.94 -1.03
CA ASN B 19 13.07 -38.92 -1.44
C ASN B 19 13.66 -38.56 -2.81
N GLY B 20 13.81 -37.27 -3.07
CA GLY B 20 14.34 -36.79 -4.33
C GLY B 20 13.28 -36.60 -5.40
N THR B 21 13.64 -36.86 -6.65
CA THR B 21 12.70 -36.77 -7.76
C THR B 21 11.88 -38.04 -7.92
N GLU B 22 11.95 -38.95 -6.95
CA GLU B 22 11.21 -40.21 -7.03
C GLU B 22 9.74 -40.06 -6.64
N ARG B 23 9.48 -39.87 -5.35
CA ARG B 23 8.12 -39.74 -4.83
C ARG B 23 7.69 -38.30 -5.04
N VAL B 24 6.98 -38.06 -6.12
CA VAL B 24 6.49 -36.73 -6.50
C VAL B 24 4.98 -36.75 -6.51
N ARG B 25 4.38 -35.71 -5.93
CA ARG B 25 2.93 -35.56 -5.86
C ARG B 25 2.55 -34.20 -6.44
N LEU B 26 1.61 -34.20 -7.38
CA LEU B 26 1.13 -32.97 -8.01
C LEU B 26 -0.29 -32.70 -7.53
N VAL B 27 -0.52 -31.48 -7.05
CA VAL B 27 -1.83 -31.04 -6.61
C VAL B 27 -2.05 -29.64 -7.17
N THR B 28 -2.91 -29.52 -8.17
CA THR B 28 -3.30 -28.23 -8.70
C THR B 28 -4.58 -27.78 -8.02
N ARG B 29 -4.60 -26.55 -7.52
CA ARG B 29 -5.72 -26.02 -6.75
C ARG B 29 -6.28 -24.79 -7.44
N TYR B 30 -7.57 -24.81 -7.74
CA TYR B 30 -8.29 -23.67 -8.31
C TYR B 30 -9.04 -22.99 -7.18
N ILE B 31 -8.64 -21.76 -6.86
CA ILE B 31 -9.11 -21.06 -5.68
C ILE B 31 -9.88 -19.81 -6.13
N TYR B 32 -11.09 -19.66 -5.62
CA TYR B 32 -11.89 -18.46 -5.80
C TYR B 32 -11.87 -17.67 -4.50
N ASN B 33 -11.41 -16.42 -4.57
CA ASN B 33 -11.10 -15.65 -3.37
C ASN B 33 -10.16 -16.47 -2.50
N ARG B 34 -10.70 -17.05 -1.43
CA ARG B 34 -9.94 -17.97 -0.59
C ARG B 34 -10.55 -19.36 -0.56
N GLU B 35 -11.65 -19.58 -1.26
CA GLU B 35 -12.34 -20.87 -1.26
C GLU B 35 -11.86 -21.70 -2.43
N GLU B 36 -11.11 -22.76 -2.13
CA GLU B 36 -10.71 -23.73 -3.14
C GLU B 36 -11.90 -24.60 -3.53
N TYR B 37 -12.34 -24.50 -4.79
CA TYR B 37 -13.54 -25.19 -5.23
C TYR B 37 -13.27 -26.42 -6.09
N ALA B 38 -12.11 -26.51 -6.74
CA ALA B 38 -11.79 -27.67 -7.56
C ALA B 38 -10.29 -27.92 -7.51
N ARG B 39 -9.90 -29.19 -7.45
CA ARG B 39 -8.50 -29.56 -7.37
C ARG B 39 -8.25 -30.85 -8.13
N PHE B 40 -7.04 -30.98 -8.66
CA PHE B 40 -6.55 -32.22 -9.25
C PHE B 40 -5.48 -32.81 -8.36
N ASP B 41 -5.56 -34.13 -8.15
CA ASP B 41 -4.63 -34.82 -7.27
C ASP B 41 -4.00 -35.98 -8.02
N SER B 42 -2.66 -36.04 -8.00
CA SER B 42 -1.97 -37.13 -8.68
C SER B 42 -2.25 -38.48 -8.03
N ASP B 43 -2.46 -38.51 -6.71
CA ASP B 43 -2.83 -39.77 -6.07
C ASP B 43 -4.23 -40.21 -6.48
N VAL B 44 -5.14 -39.25 -6.66
CA VAL B 44 -6.49 -39.59 -7.10
C VAL B 44 -6.49 -39.88 -8.60
N GLY B 45 -5.93 -38.97 -9.40
CA GLY B 45 -5.81 -39.14 -10.83
C GLY B 45 -6.78 -38.31 -11.64
N VAL B 46 -7.82 -37.78 -11.00
CA VAL B 46 -8.86 -37.01 -11.69
C VAL B 46 -9.15 -35.76 -10.87
N TYR B 47 -9.96 -34.88 -11.45
CA TYR B 47 -10.37 -33.65 -10.78
C TYR B 47 -11.46 -33.96 -9.75
N ARG B 48 -11.29 -33.41 -8.54
CA ARG B 48 -12.22 -33.63 -7.45
C ARG B 48 -12.83 -32.30 -7.03
N ALA B 49 -14.11 -32.33 -6.68
CA ALA B 49 -14.81 -31.15 -6.18
C ALA B 49 -14.67 -31.05 -4.67
N VAL B 50 -14.37 -29.83 -4.19
CA VAL B 50 -14.17 -29.59 -2.78
C VAL B 50 -15.37 -28.88 -2.13
N THR B 51 -16.06 -28.02 -2.86
CA THR B 51 -17.25 -27.31 -2.42
C THR B 51 -18.31 -27.41 -3.52
N PRO B 52 -19.57 -27.13 -3.21
CA PRO B 52 -20.61 -27.18 -4.27
C PRO B 52 -20.35 -26.24 -5.43
N LEU B 53 -19.38 -25.33 -5.32
CA LEU B 53 -18.98 -24.43 -6.39
C LEU B 53 -18.10 -25.11 -7.43
N GLY B 54 -17.83 -26.41 -7.26
CA GLY B 54 -16.87 -27.12 -8.06
C GLY B 54 -17.36 -28.28 -8.95
N PRO B 55 -18.45 -28.96 -8.58
CA PRO B 55 -18.94 -30.08 -9.42
C PRO B 55 -19.14 -29.70 -10.88
N PRO B 56 -19.74 -28.54 -11.21
CA PRO B 56 -19.92 -28.22 -12.63
C PRO B 56 -18.62 -28.08 -13.41
N ALA B 57 -17.50 -27.79 -12.74
CA ALA B 57 -16.21 -27.67 -13.42
C ALA B 57 -15.38 -28.95 -13.36
N ALA B 58 -15.45 -29.70 -12.26
CA ALA B 58 -14.64 -30.91 -12.15
C ALA B 58 -15.19 -32.02 -13.05
N GLU B 59 -16.51 -32.14 -13.15
CA GLU B 59 -17.10 -33.19 -13.98
C GLU B 59 -16.97 -32.88 -15.46
N TYR B 60 -16.90 -31.59 -15.82
CA TYR B 60 -16.67 -31.24 -17.22
C TYR B 60 -15.23 -31.50 -17.63
N TRP B 61 -14.28 -31.27 -16.71
CA TRP B 61 -12.88 -31.49 -17.01
C TRP B 61 -12.51 -32.97 -17.00
N ASN B 62 -13.34 -33.82 -16.40
CA ASN B 62 -13.09 -35.26 -16.45
C ASN B 62 -13.62 -35.89 -17.73
N SER B 63 -14.57 -35.25 -18.41
CA SER B 63 -15.10 -35.81 -19.65
C SER B 63 -14.11 -35.64 -20.80
N GLN B 64 -13.45 -34.49 -20.87
CA GLN B 64 -12.48 -34.23 -21.93
C GLN B 64 -11.17 -34.94 -21.66
N LYS B 65 -10.69 -35.68 -22.67
CA LYS B 65 -9.44 -36.42 -22.54
C LYS B 65 -8.23 -35.56 -22.85
N GLU B 66 -8.38 -34.47 -23.61
CA GLU B 66 -7.24 -33.60 -23.90
C GLU B 66 -6.87 -32.71 -22.73
N VAL B 67 -7.80 -32.42 -21.82
CA VAL B 67 -7.45 -31.63 -20.64
C VAL B 67 -7.03 -32.52 -19.47
N LEU B 68 -7.62 -33.72 -19.36
CA LEU B 68 -7.24 -34.63 -18.29
C LEU B 68 -5.93 -35.37 -18.58
N GLU B 69 -5.63 -35.63 -19.86
CA GLU B 69 -4.36 -36.28 -20.18
C GLU B 69 -3.20 -35.28 -20.14
N ARG B 70 -3.46 -34.03 -20.56
CA ARG B 70 -2.41 -33.02 -20.48
C ARG B 70 -2.04 -32.69 -19.04
N THR B 71 -3.01 -32.75 -18.13
CA THR B 71 -2.73 -32.43 -16.73
C THR B 71 -2.15 -33.61 -15.97
N ARG B 72 -2.56 -34.84 -16.29
CA ARG B 72 -1.98 -36.00 -15.64
C ARG B 72 -0.50 -36.14 -15.97
N ALA B 73 -0.11 -35.79 -17.20
CA ALA B 73 1.28 -35.83 -17.60
C ALA B 73 2.09 -34.67 -17.04
N GLU B 74 1.43 -33.65 -16.49
CA GLU B 74 2.14 -32.49 -15.96
C GLU B 74 2.96 -32.82 -14.72
N LEU B 75 2.68 -33.95 -14.06
CA LEU B 75 3.53 -34.38 -12.95
C LEU B 75 4.95 -34.65 -13.41
N ASP B 76 5.13 -35.03 -14.67
CA ASP B 76 6.45 -35.31 -15.23
C ASP B 76 7.02 -34.16 -16.04
N THR B 77 6.16 -33.38 -16.71
CA THR B 77 6.62 -32.29 -17.56
C THR B 77 6.78 -30.97 -16.83
N VAL B 78 6.31 -30.87 -15.58
CA VAL B 78 6.40 -29.65 -14.79
C VAL B 78 7.12 -29.89 -13.47
N CYS B 79 6.65 -30.86 -12.68
CA CYS B 79 7.25 -31.10 -11.37
C CYS B 79 8.66 -31.66 -11.50
N ARG B 80 8.80 -32.83 -12.13
CA ARG B 80 10.11 -33.45 -12.24
C ARG B 80 11.02 -32.73 -13.23
N HIS B 81 10.44 -31.99 -14.19
CA HIS B 81 11.27 -31.27 -15.15
C HIS B 81 11.95 -30.07 -14.51
N ASN B 82 11.21 -29.31 -13.70
CA ASN B 82 11.78 -28.14 -13.04
C ASN B 82 12.71 -28.53 -11.90
N TYR B 83 12.47 -29.70 -11.30
CA TYR B 83 13.28 -30.15 -10.18
C TYR B 83 14.73 -30.41 -10.58
N GLN B 84 14.96 -30.81 -11.84
CA GLN B 84 16.33 -31.01 -12.31
C GLN B 84 17.12 -29.71 -12.35
N LEU B 85 16.44 -28.57 -12.51
CA LEU B 85 17.11 -27.28 -12.45
C LEU B 85 17.26 -26.77 -11.02
N GLU B 86 16.37 -27.20 -10.12
CA GLU B 86 16.56 -26.87 -8.70
C GLU B 86 17.78 -27.59 -8.14
N LEU B 87 18.11 -28.76 -8.70
CA LEU B 87 19.25 -29.54 -8.21
C LEU B 87 20.59 -28.91 -8.57
N ARG B 88 20.62 -28.02 -9.57
CA ARG B 88 21.85 -27.37 -9.98
C ARG B 88 21.93 -25.91 -9.58
N THR B 89 20.85 -25.34 -9.03
CA THR B 89 20.86 -23.93 -8.64
C THR B 89 20.42 -23.75 -7.19
N THR B 90 19.15 -24.04 -6.90
CA THR B 90 18.61 -23.74 -5.57
C THR B 90 19.19 -24.65 -4.50
N LEU B 91 19.12 -25.96 -4.71
CA LEU B 91 19.61 -26.91 -3.71
C LEU B 91 21.13 -26.93 -3.60
N GLN B 92 21.83 -26.13 -4.41
CA GLN B 92 23.28 -25.98 -4.30
C GLN B 92 23.67 -24.68 -3.62
N ARG B 93 22.70 -23.82 -3.29
CA ARG B 93 22.99 -22.51 -2.73
C ARG B 93 23.46 -22.65 -1.28
N ARG B 94 24.66 -22.13 -1.00
CA ARG B 94 25.26 -22.14 0.33
C ARG B 94 25.59 -20.71 0.73
N VAL B 95 24.97 -20.25 1.82
CA VAL B 95 25.20 -18.91 2.39
C VAL B 95 25.70 -19.08 3.82
N GLU B 96 26.87 -18.52 4.12
CA GLU B 96 27.43 -18.71 5.46
C GLU B 96 26.72 -17.81 6.47
N PRO B 97 26.40 -18.34 7.65
CA PRO B 97 25.67 -17.55 8.66
C PRO B 97 26.56 -16.57 9.40
N THR B 98 25.97 -15.41 9.71
CA THR B 98 26.64 -14.36 10.50
C THR B 98 26.17 -14.46 11.95
N VAL B 99 27.08 -14.84 12.84
CA VAL B 99 26.76 -15.08 14.25
C VAL B 99 27.14 -13.86 15.08
N THR B 100 26.25 -13.46 15.98
CA THR B 100 26.48 -12.33 16.88
C THR B 100 25.79 -12.61 18.21
N ILE B 101 26.52 -12.44 19.31
CA ILE B 101 25.98 -12.65 20.65
C ILE B 101 25.98 -11.31 21.38
N SER B 102 24.84 -10.96 21.99
CA SER B 102 24.71 -9.72 22.75
C SER B 102 23.49 -9.80 23.65
N PRO B 103 23.56 -9.26 24.87
CA PRO B 103 22.38 -9.28 25.74
C PRO B 103 21.35 -8.25 25.29
N SER B 104 20.10 -8.49 25.70
CA SER B 104 19.00 -7.61 25.33
C SER B 104 19.03 -6.30 26.12
N HIS B 111 21.44 -8.93 37.17
CA HIS B 111 21.70 -10.21 37.82
C HIS B 111 21.00 -11.34 37.08
N HIS B 112 19.97 -10.97 36.31
CA HIS B 112 19.18 -11.93 35.54
C HIS B 112 20.02 -12.64 34.47
N ASN B 113 19.37 -13.36 33.56
CA ASN B 113 20.08 -14.11 32.52
C ASN B 113 19.30 -14.08 31.20
N LEU B 114 19.70 -13.21 30.27
CA LEU B 114 19.12 -13.26 28.92
C LEU B 114 20.21 -12.96 27.90
N LEU B 115 20.72 -13.99 27.24
CA LEU B 115 21.73 -13.85 26.19
C LEU B 115 21.11 -14.18 24.84
N VAL B 116 21.27 -13.28 23.87
CA VAL B 116 20.68 -13.45 22.54
C VAL B 116 21.79 -13.77 21.54
N CYS B 117 21.76 -14.98 20.98
CA CYS B 117 22.68 -15.37 19.91
C CYS B 117 21.98 -15.25 18.56
N SER B 118 22.29 -14.17 17.84
CA SER B 118 21.63 -13.86 16.57
C SER B 118 22.38 -14.52 15.43
N VAL B 119 21.81 -15.59 14.87
CA VAL B 119 22.34 -16.25 13.69
C VAL B 119 21.56 -15.76 12.48
N THR B 120 22.17 -14.91 11.67
CA THR B 120 21.46 -14.20 10.62
C THR B 120 22.07 -14.51 9.25
N ASP B 121 21.27 -14.28 8.21
CA ASP B 121 21.66 -14.48 6.82
C ASP B 121 22.27 -15.85 6.57
N PHE B 122 21.43 -16.88 6.42
CA PHE B 122 21.95 -18.20 6.08
C PHE B 122 20.94 -18.92 5.20
N TYR B 123 21.45 -19.86 4.38
CA TYR B 123 20.65 -20.71 3.52
C TYR B 123 21.47 -21.95 3.23
N PRO B 124 20.88 -23.15 3.26
CA PRO B 124 19.45 -23.41 3.46
C PRO B 124 18.98 -23.33 4.90
N ALA B 125 17.81 -23.93 5.18
CA ALA B 125 17.17 -23.76 6.47
C ALA B 125 17.73 -24.71 7.52
N GLN B 126 18.32 -25.84 7.10
CA GLN B 126 18.87 -26.80 8.05
C GLN B 126 20.04 -26.15 8.79
N ILE B 127 19.91 -26.05 10.12
CA ILE B 127 20.93 -25.41 10.94
C ILE B 127 20.75 -25.90 12.36
N LYS B 128 21.86 -26.01 13.09
CA LYS B 128 21.84 -26.40 14.49
C LYS B 128 22.66 -25.41 15.29
N VAL B 129 22.04 -24.85 16.33
CA VAL B 129 22.70 -23.90 17.22
C VAL B 129 22.68 -24.50 18.62
N ARG B 130 23.82 -24.44 19.30
CA ARG B 130 23.96 -25.00 20.63
C ARG B 130 24.65 -24.00 21.54
N TRP B 131 24.19 -23.93 22.79
CA TRP B 131 24.77 -23.05 23.79
C TRP B 131 25.71 -23.85 24.68
N PHE B 132 26.79 -23.20 25.11
CA PHE B 132 27.83 -23.84 25.91
C PHE B 132 28.34 -22.89 26.97
N ARG B 133 28.16 -23.25 28.23
CA ARG B 133 28.78 -22.56 29.34
C ARG B 133 30.09 -23.31 29.62
N ASN B 134 31.21 -22.62 29.44
CA ASN B 134 32.52 -23.25 29.37
C ASN B 134 32.45 -24.35 28.32
N ASP B 135 32.10 -25.58 28.73
CA ASP B 135 31.91 -26.68 27.79
C ASP B 135 30.70 -27.50 28.18
N GLN B 136 29.75 -26.90 28.90
CA GLN B 136 28.54 -27.57 29.34
C GLN B 136 27.40 -27.15 28.42
N GLU B 137 26.90 -28.09 27.63
CA GLU B 137 25.82 -27.83 26.69
C GLU B 137 24.56 -27.49 27.49
N GLU B 138 23.98 -26.33 27.24
CA GLU B 138 22.81 -25.90 27.98
C GLU B 138 21.57 -26.56 27.40
N THR B 139 21.06 -27.56 28.12
CA THR B 139 19.84 -28.27 27.74
C THR B 139 18.59 -27.68 28.37
N THR B 140 18.73 -26.69 29.25
CA THR B 140 17.61 -26.01 29.88
C THR B 140 17.82 -24.51 29.81
N GLY B 141 16.73 -23.77 29.67
CA GLY B 141 16.80 -22.32 29.58
C GLY B 141 17.02 -21.77 28.19
N VAL B 142 16.90 -22.60 27.16
CA VAL B 142 17.14 -22.19 25.78
C VAL B 142 15.81 -21.75 25.17
N VAL B 143 15.69 -20.45 24.90
CA VAL B 143 14.50 -19.89 24.26
C VAL B 143 14.87 -19.57 22.82
N SER B 144 14.37 -20.37 21.88
CA SER B 144 14.67 -20.22 20.47
C SER B 144 13.44 -19.72 19.72
N THR B 145 13.66 -18.78 18.80
CA THR B 145 12.59 -18.29 17.95
C THR B 145 12.47 -19.17 16.71
N PRO B 146 11.28 -19.25 16.11
CA PRO B 146 11.14 -20.01 14.87
C PRO B 146 11.97 -19.41 13.74
N LEU B 147 12.17 -20.21 12.70
CA LEU B 147 12.97 -19.77 11.56
C LEU B 147 12.31 -18.57 10.89
N ILE B 148 13.03 -17.46 10.84
CA ILE B 148 12.53 -16.23 10.26
C ILE B 148 12.95 -16.17 8.80
N ARG B 149 12.00 -16.02 7.90
CA ARG B 149 12.25 -15.93 6.47
C ARG B 149 12.33 -14.46 6.06
N ASN B 150 13.54 -14.00 5.73
CA ASN B 150 13.73 -12.62 5.32
C ASN B 150 13.11 -12.33 3.96
N GLY B 151 12.91 -13.36 3.13
CA GLY B 151 12.31 -13.20 1.83
C GLY B 151 13.28 -13.09 0.68
N ASP B 152 14.56 -12.89 0.94
CA ASP B 152 15.58 -12.82 -0.09
C ASP B 152 16.43 -14.10 -0.11
N TRP B 153 15.77 -15.25 0.04
CA TRP B 153 16.43 -16.56 0.01
C TRP B 153 17.47 -16.69 1.12
N THR B 154 17.24 -15.99 2.24
CA THR B 154 18.06 -16.11 3.43
C THR B 154 17.13 -16.29 4.63
N PHE B 155 17.70 -16.79 5.72
CA PHE B 155 16.94 -17.04 6.94
C PHE B 155 17.60 -16.32 8.11
N GLN B 156 16.99 -16.49 9.28
CA GLN B 156 17.47 -15.85 10.50
C GLN B 156 16.80 -16.55 11.68
N ILE B 157 17.56 -16.76 12.74
CA ILE B 157 17.04 -17.41 13.94
C ILE B 157 17.76 -16.86 15.15
N LEU B 158 17.02 -16.60 16.22
CA LEU B 158 17.54 -16.01 17.45
C LEU B 158 17.36 -17.02 18.57
N VAL B 159 18.47 -17.52 19.12
CA VAL B 159 18.47 -18.49 20.19
C VAL B 159 18.89 -17.78 21.47
N MET B 160 18.00 -17.77 22.46
CA MET B 160 18.24 -17.11 23.74
C MET B 160 18.52 -18.14 24.82
N LEU B 161 19.28 -17.73 25.83
CA LEU B 161 19.60 -18.59 26.96
C LEU B 161 19.33 -17.83 28.25
N GLU B 162 18.48 -18.38 29.09
CA GLU B 162 18.16 -17.77 30.39
C GLU B 162 18.99 -18.41 31.50
N ARG B 167 30.74 -14.41 38.85
CA ARG B 167 31.23 -15.76 38.61
C ARG B 167 31.72 -15.92 37.18
N GLY B 168 33.04 -15.83 37.01
CA GLY B 168 33.69 -15.95 35.72
C GLY B 168 33.35 -17.22 34.97
N ASP B 169 32.61 -17.08 33.87
CA ASP B 169 32.21 -18.18 33.03
C ASP B 169 32.18 -17.69 31.58
N VAL B 170 32.60 -18.56 30.67
CA VAL B 170 32.68 -18.21 29.25
C VAL B 170 31.56 -18.96 28.54
N TYR B 171 30.54 -18.21 28.14
CA TYR B 171 29.44 -18.78 27.36
C TYR B 171 29.75 -18.63 25.88
N THR B 172 29.51 -19.70 25.13
CA THR B 172 29.79 -19.71 23.70
C THR B 172 28.55 -20.17 22.94
N CYS B 173 28.40 -19.65 21.73
CA CYS B 173 27.29 -20.01 20.85
C CYS B 173 27.87 -20.73 19.65
N HIS B 174 27.53 -22.00 19.51
CA HIS B 174 28.05 -22.85 18.44
C HIS B 174 27.02 -22.94 17.33
N VAL B 175 27.43 -22.60 16.12
CA VAL B 175 26.56 -22.62 14.95
C VAL B 175 27.15 -23.60 13.95
N GLU B 176 26.37 -24.59 13.57
CA GLU B 176 26.74 -25.58 12.56
C GLU B 176 25.80 -25.44 11.39
N HIS B 177 26.35 -25.48 10.17
CA HIS B 177 25.54 -25.23 8.98
C HIS B 177 26.20 -25.92 7.80
N PRO B 178 25.40 -26.39 6.82
CA PRO B 178 26.01 -27.00 5.63
C PRO B 178 26.97 -26.09 4.89
N SER B 179 26.78 -24.77 4.99
CA SER B 179 27.69 -23.82 4.37
C SER B 179 29.00 -23.66 5.14
N LEU B 180 29.23 -24.47 6.18
CA LEU B 180 30.42 -24.36 7.00
C LEU B 180 31.09 -25.71 7.08
N GLN B 181 32.39 -25.76 6.75
CA GLN B 181 33.15 -26.99 6.95
C GLN B 181 33.51 -27.16 8.42
N ASN B 182 33.82 -26.07 9.11
CA ASN B 182 34.09 -26.12 10.54
C ASN B 182 33.07 -25.28 11.29
N PRO B 183 32.67 -25.71 12.49
CA PRO B 183 31.66 -24.96 13.24
C PRO B 183 32.15 -23.58 13.65
N ILE B 184 31.24 -22.61 13.61
CA ILE B 184 31.51 -21.26 14.07
C ILE B 184 31.25 -21.21 15.57
N ILE B 185 32.20 -20.65 16.32
CA ILE B 185 32.08 -20.52 17.77
C ILE B 185 32.36 -19.06 18.12
N VAL B 186 31.39 -18.42 18.77
CA VAL B 186 31.54 -17.05 19.25
C VAL B 186 31.36 -17.05 20.76
N GLU B 187 32.30 -16.43 21.47
CA GLU B 187 32.29 -16.40 22.92
C GLU B 187 31.84 -15.04 23.43
N TRP B 188 31.40 -15.02 24.69
CA TRP B 188 31.05 -13.78 25.36
C TRP B 188 31.13 -14.01 26.86
N ARG B 189 32.04 -13.31 27.52
CA ARG B 189 32.19 -13.37 28.96
C ARG B 189 31.63 -12.08 29.55
N ALA B 190 31.13 -12.18 30.78
CA ALA B 190 30.61 -10.99 31.45
C ALA B 190 31.79 -10.11 31.79
N GLN B 191 31.98 -9.05 31.00
CA GLN B 191 33.17 -8.18 31.00
C GLN B 191 34.45 -8.92 31.36
N GLN C 2 18.02 -26.65 -19.41
CA GLN C 2 16.90 -26.65 -20.33
C GLN C 2 15.94 -25.49 -20.01
N VAL C 3 14.89 -25.37 -20.82
CA VAL C 3 13.89 -24.32 -20.62
C VAL C 3 12.90 -24.76 -19.56
N GLU C 4 12.79 -24.00 -18.48
CA GLU C 4 11.82 -24.27 -17.43
C GLU C 4 10.43 -23.80 -17.86
N LEU C 5 9.40 -24.44 -17.31
CA LEU C 5 8.02 -24.11 -17.64
C LEU C 5 7.15 -24.37 -16.41
N GLY C 6 5.84 -24.08 -16.55
CA GLY C 6 4.92 -24.19 -15.44
C GLY C 6 3.66 -24.97 -15.79
N GLY C 7 2.81 -25.12 -14.77
CA GLY C 7 1.56 -25.84 -14.95
C GLY C 7 0.55 -25.06 -15.78
N GLY C 8 -0.04 -25.75 -16.76
CA GLY C 8 -1.10 -25.17 -17.58
C GLY C 8 -2.45 -25.14 -16.87
N ASN C 9 -3.11 -23.98 -16.92
CA ASN C 9 -4.41 -23.80 -16.31
C ASN C 9 -5.52 -24.32 -17.21
N ALA C 10 -6.59 -24.81 -16.57
CA ALA C 10 -7.73 -25.38 -17.28
C ALA C 10 -8.85 -24.36 -17.40
N VAL C 11 -9.54 -24.39 -18.53
CA VAL C 11 -10.59 -23.43 -18.83
C VAL C 11 -11.90 -23.92 -18.24
N GLU C 12 -12.70 -22.98 -17.75
CA GLU C 12 -13.96 -23.25 -17.10
C GLU C 12 -15.10 -23.15 -18.12
N VAL C 13 -16.26 -23.69 -17.74
CA VAL C 13 -17.36 -23.82 -18.68
C VAL C 13 -17.83 -22.45 -19.15
N CYS C 14 -17.92 -21.47 -18.24
CA CYS C 14 -18.27 -20.10 -18.58
C CYS C 14 -19.25 -19.90 -19.72
N LYS C 15 -18.87 -19.04 -20.66
CA LYS C 15 -19.68 -18.71 -21.83
C LYS C 15 -18.83 -17.98 -22.87
N ASP D 2 24.63 24.98 -14.89
CA ASP D 2 24.09 24.72 -16.22
C ASP D 2 23.23 23.47 -16.18
N ILE D 3 23.79 22.40 -15.63
CA ILE D 3 23.13 21.10 -15.57
C ILE D 3 22.50 20.99 -14.19
N VAL D 4 21.18 21.13 -14.12
CA VAL D 4 20.47 21.00 -12.85
C VAL D 4 20.37 19.53 -12.49
N ALA D 5 20.64 19.23 -11.21
CA ALA D 5 20.63 17.86 -10.74
C ALA D 5 20.49 17.84 -9.23
N ASP D 6 19.86 16.79 -8.71
CA ASP D 6 19.74 16.64 -7.26
C ASP D 6 21.08 16.35 -6.63
N HIS D 7 21.90 15.51 -7.27
CA HIS D 7 23.23 15.19 -6.78
C HIS D 7 24.20 15.15 -7.95
N VAL D 8 25.40 15.69 -7.74
CA VAL D 8 26.45 15.70 -8.74
C VAL D 8 27.66 14.99 -8.15
N ALA D 9 28.09 13.90 -8.79
CA ALA D 9 29.23 13.13 -8.35
C ALA D 9 30.34 13.22 -9.40
N SER D 10 31.58 13.16 -8.93
CA SER D 10 32.75 13.22 -9.79
C SER D 10 33.57 11.96 -9.54
N TYR D 11 33.24 10.89 -10.27
CA TYR D 11 33.94 9.61 -10.12
C TYR D 11 35.16 9.60 -11.03
N GLY D 12 36.20 10.29 -10.58
CA GLY D 12 37.44 10.37 -11.32
C GLY D 12 37.95 11.78 -11.51
N VAL D 13 38.26 12.47 -10.41
CA VAL D 13 38.97 13.75 -10.49
C VAL D 13 40.45 13.41 -10.50
N ASN D 14 40.95 13.08 -11.68
CA ASN D 14 42.37 12.79 -11.87
C ASN D 14 43.06 14.05 -12.36
N LEU D 15 44.30 14.24 -11.91
CA LEU D 15 45.03 15.47 -12.16
C LEU D 15 46.50 15.12 -12.33
N TYR D 16 47.11 15.70 -13.36
CA TYR D 16 48.54 15.52 -13.61
C TYR D 16 49.10 16.87 -14.04
N GLN D 17 50.24 17.21 -13.46
CA GLN D 17 50.87 18.51 -13.65
C GLN D 17 52.31 18.30 -14.10
N SER D 18 52.92 19.37 -14.61
CA SER D 18 54.30 19.24 -15.06
C SER D 18 55.26 19.44 -13.90
N TYR D 19 55.01 20.46 -13.08
CA TYR D 19 55.82 20.76 -11.90
C TYR D 19 55.38 19.83 -10.77
N GLY D 20 56.24 18.90 -10.37
CA GLY D 20 57.53 18.72 -10.98
C GLY D 20 58.16 17.33 -10.93
N PRO D 21 57.45 16.29 -11.41
CA PRO D 21 56.01 16.11 -11.69
C PRO D 21 55.22 15.77 -10.42
N SER D 22 53.89 15.66 -10.55
CA SER D 22 53.00 15.42 -9.42
C SER D 22 51.60 15.20 -9.94
N GLY D 23 50.86 14.30 -9.27
CA GLY D 23 49.50 13.99 -9.67
C GLY D 23 48.63 13.66 -8.47
N GLN D 24 47.33 13.52 -8.75
CA GLN D 24 46.36 13.19 -7.70
C GLN D 24 45.11 12.61 -8.37
N TYR D 25 44.55 11.57 -7.75
CA TYR D 25 43.31 10.95 -8.18
C TYR D 25 42.34 10.92 -7.01
N SER D 26 41.17 11.52 -7.16
CA SER D 26 40.19 11.60 -6.09
C SER D 26 38.78 11.50 -6.65
N HIS D 27 37.86 11.02 -5.82
CA HIS D 27 36.43 11.01 -6.13
C HIS D 27 35.72 12.03 -5.24
N GLU D 28 34.65 12.61 -5.76
CA GLU D 28 33.92 13.64 -5.05
C GLU D 28 32.42 13.43 -5.23
N PHE D 29 31.66 13.78 -4.19
CA PHE D 29 30.21 13.68 -4.21
C PHE D 29 29.63 14.92 -3.56
N ASP D 30 28.92 15.73 -4.36
CA ASP D 30 28.30 16.97 -3.87
C ASP D 30 29.34 17.93 -3.30
N GLY D 31 30.52 17.96 -3.92
CA GLY D 31 31.56 18.90 -3.56
C GLY D 31 32.51 18.45 -2.46
N ASP D 32 32.23 17.33 -1.81
CA ASP D 32 33.08 16.82 -0.75
C ASP D 32 33.93 15.66 -1.25
N GLU D 33 35.14 15.54 -0.70
CA GLU D 33 36.09 14.53 -1.13
C GLU D 33 35.76 13.19 -0.47
N GLU D 34 35.54 12.17 -1.30
CA GLU D 34 35.30 10.82 -0.78
C GLU D 34 36.61 10.15 -0.39
N PHE D 35 37.55 10.09 -1.34
CA PHE D 35 38.86 9.50 -1.07
C PHE D 35 39.86 10.10 -2.04
N TYR D 36 41.14 9.77 -1.81
CA TYR D 36 42.20 10.12 -2.74
C TYR D 36 43.22 9.00 -2.73
N VAL D 37 43.78 8.70 -3.90
CA VAL D 37 44.75 7.61 -4.03
C VAL D 37 46.14 8.20 -3.93
N ASP D 38 46.90 7.76 -2.92
CA ASP D 38 48.30 8.13 -2.79
C ASP D 38 49.07 7.41 -3.89
N LEU D 39 49.46 8.14 -4.93
CA LEU D 39 50.09 7.51 -6.09
C LEU D 39 51.47 6.94 -5.76
N GLU D 40 52.14 7.46 -4.74
CA GLU D 40 53.44 6.95 -4.36
C GLU D 40 53.35 5.71 -3.49
N ARG D 41 52.29 5.60 -2.68
CA ARG D 41 52.12 4.47 -1.77
C ARG D 41 51.19 3.40 -2.31
N LYS D 42 50.52 3.66 -3.44
CA LYS D 42 49.56 2.73 -4.02
C LYS D 42 48.49 2.33 -3.00
N GLU D 43 47.91 3.35 -2.35
CA GLU D 43 46.98 3.17 -1.26
C GLU D 43 45.82 4.13 -1.42
N THR D 44 44.60 3.62 -1.25
CA THR D 44 43.40 4.46 -1.29
C THR D 44 43.09 4.97 0.11
N VAL D 45 43.10 6.30 0.26
CA VAL D 45 42.91 6.94 1.55
C VAL D 45 41.53 7.61 1.53
N TRP D 46 40.56 6.98 2.19
CA TRP D 46 39.22 7.53 2.30
C TRP D 46 39.16 8.64 3.34
N GLN D 47 38.23 9.57 3.13
CA GLN D 47 38.13 10.79 3.94
C GLN D 47 36.97 10.75 4.94
N LEU D 48 36.52 9.56 5.34
CA LEU D 48 35.45 9.47 6.31
C LEU D 48 35.56 8.13 7.02
N PRO D 49 35.32 8.06 8.32
CA PRO D 49 35.40 6.77 9.01
C PRO D 49 34.41 5.74 8.51
N LEU D 50 33.21 6.16 8.13
CA LEU D 50 32.24 5.23 7.58
C LEU D 50 32.67 4.72 6.21
N PHE D 51 33.40 5.54 5.45
CA PHE D 51 33.85 5.10 4.12
C PHE D 51 34.99 4.11 4.23
N ARG D 52 35.90 4.32 5.20
CA ARG D 52 37.07 3.46 5.33
C ARG D 52 36.73 2.02 5.74
N ARG D 53 35.54 1.80 6.29
CA ARG D 53 35.20 0.48 6.82
C ARG D 53 34.36 -0.37 5.86
N PHE D 54 33.54 0.25 5.02
CA PHE D 54 32.55 -0.50 4.26
C PHE D 54 32.61 -0.28 2.74
N ARG D 55 33.64 0.40 2.25
CA ARG D 55 33.77 0.70 0.83
C ARG D 55 35.14 0.26 0.36
N ARG D 56 35.24 -0.04 -0.93
CA ARG D 56 36.49 -0.56 -1.49
C ARG D 56 36.70 -0.01 -2.89
N PHE D 57 37.95 0.35 -3.18
CA PHE D 57 38.34 0.85 -4.50
C PHE D 57 39.76 0.40 -4.76
N ASP D 58 39.98 -0.27 -5.89
CA ASP D 58 41.31 -0.75 -6.25
C ASP D 58 42.19 0.43 -6.64
N PRO D 59 43.27 0.72 -5.91
CA PRO D 59 44.10 1.89 -6.27
C PRO D 59 44.80 1.74 -7.60
N GLN D 60 44.92 0.52 -8.14
CA GLN D 60 45.66 0.35 -9.39
C GLN D 60 44.97 1.03 -10.57
N PHE D 61 43.63 1.10 -10.54
CA PHE D 61 42.93 1.81 -11.61
C PHE D 61 43.25 3.30 -11.62
N ALA D 62 43.66 3.86 -10.48
CA ALA D 62 44.08 5.26 -10.45
C ALA D 62 45.43 5.44 -11.12
N LEU D 63 46.42 4.63 -10.74
CA LEU D 63 47.73 4.73 -11.37
C LEU D 63 47.67 4.39 -12.85
N THR D 64 46.74 3.51 -13.24
CA THR D 64 46.54 3.23 -14.66
C THR D 64 46.01 4.45 -15.39
N ASN D 65 45.02 5.13 -14.81
CA ASN D 65 44.43 6.28 -15.47
C ASN D 65 45.35 7.49 -15.46
N ILE D 66 46.09 7.69 -14.37
CA ILE D 66 46.99 8.85 -14.25
C ILE D 66 48.06 8.80 -15.33
N ALA D 67 48.51 7.59 -15.71
CA ALA D 67 49.49 7.47 -16.78
C ALA D 67 48.93 7.98 -18.11
N VAL D 68 47.60 7.92 -18.29
CA VAL D 68 47.01 8.43 -19.52
C VAL D 68 47.04 9.95 -19.55
N LEU D 69 46.90 10.62 -18.39
CA LEU D 69 47.00 12.07 -18.38
C LEU D 69 48.40 12.53 -18.78
N LYS D 70 49.44 11.91 -18.19
CA LYS D 70 50.80 12.23 -18.60
C LYS D 70 51.02 11.99 -20.08
N HIS D 71 50.39 10.94 -20.61
CA HIS D 71 50.47 10.68 -22.05
C HIS D 71 49.74 11.77 -22.83
N ASN D 72 48.51 12.08 -22.44
CA ASN D 72 47.74 13.12 -23.12
C ASN D 72 48.32 14.50 -22.92
N LEU D 73 49.07 14.72 -21.83
CA LEU D 73 49.65 16.04 -21.61
C LEU D 73 50.72 16.37 -22.64
N ASN D 74 51.56 15.38 -22.99
CA ASN D 74 52.57 15.58 -24.02
C ASN D 74 51.95 15.78 -25.39
N CYS D 75 50.66 15.56 -25.54
CA CYS D 75 49.95 15.77 -26.79
C CYS D 75 49.42 17.20 -26.90
N VAL D 76 48.79 17.69 -25.83
CA VAL D 76 48.25 19.03 -25.86
C VAL D 76 49.35 20.07 -25.67
N ILE D 77 50.46 19.69 -25.02
CA ILE D 77 51.61 20.59 -24.96
C ILE D 77 52.20 20.79 -26.35
N LYS D 78 52.27 19.70 -27.13
CA LYS D 78 52.78 19.82 -28.49
C LYS D 78 51.77 20.50 -29.41
N ARG D 79 50.48 20.21 -29.23
CA ARG D 79 49.48 20.77 -30.13
C ARG D 79 49.16 22.23 -29.81
N SER D 80 49.19 22.62 -28.53
CA SER D 80 48.93 24.01 -28.15
C SER D 80 50.18 24.87 -28.21
N ASN D 81 51.27 24.35 -28.78
CA ASN D 81 52.52 25.10 -28.97
C ASN D 81 53.09 25.58 -27.64
N SER D 82 53.06 24.71 -26.62
CA SER D 82 53.63 24.98 -25.31
C SER D 82 53.01 26.21 -24.66
N THR D 83 51.71 26.12 -24.40
CA THR D 83 50.98 27.18 -23.69
C THR D 83 51.01 26.88 -22.20
N ALA D 84 51.69 27.74 -21.44
CA ALA D 84 51.86 27.51 -20.01
C ALA D 84 50.61 27.93 -19.24
N ALA D 85 50.60 27.60 -17.95
CA ALA D 85 49.49 27.94 -17.08
C ALA D 85 49.58 29.39 -16.62
N THR D 86 48.41 29.97 -16.34
CA THR D 86 48.30 31.32 -15.81
C THR D 86 48.07 31.24 -14.30
N ASN D 87 48.97 31.84 -13.54
CA ASN D 87 48.87 31.82 -12.08
C ASN D 87 47.68 32.67 -11.64
N GLU D 88 46.77 32.06 -10.88
CA GLU D 88 45.61 32.78 -10.34
C GLU D 88 45.90 33.25 -8.92
N VAL D 89 45.23 34.34 -8.53
CA VAL D 89 45.38 34.92 -7.20
C VAL D 89 44.42 34.19 -6.27
N PRO D 90 44.91 33.51 -5.24
CA PRO D 90 44.01 32.78 -4.34
C PRO D 90 43.30 33.69 -3.36
N GLU D 91 42.13 33.24 -2.93
CA GLU D 91 41.31 33.93 -1.94
C GLU D 91 41.37 33.13 -0.65
N VAL D 92 41.83 33.77 0.43
CA VAL D 92 42.07 33.10 1.70
C VAL D 92 41.07 33.57 2.73
N THR D 93 40.53 32.62 3.50
CA THR D 93 39.58 32.90 4.57
C THR D 93 39.83 31.91 5.70
N VAL D 94 39.84 32.40 6.94
CA VAL D 94 40.08 31.58 8.11
C VAL D 94 38.87 31.66 9.03
N PHE D 95 38.40 30.50 9.49
CA PHE D 95 37.28 30.43 10.41
C PHE D 95 37.39 29.14 11.22
N SER D 96 36.63 29.09 12.31
CA SER D 96 36.63 27.94 13.21
C SER D 96 35.47 26.99 12.87
N LYS D 97 35.65 25.73 13.26
CA LYS D 97 34.64 24.73 12.98
C LYS D 97 33.46 24.83 13.95
N SER D 98 33.74 25.19 15.20
CA SER D 98 32.74 25.30 16.24
C SER D 98 32.94 26.62 16.97
N PRO D 99 31.91 27.12 17.65
CA PRO D 99 32.08 28.35 18.44
C PRO D 99 33.19 28.20 19.46
N VAL D 100 34.00 29.25 19.59
CA VAL D 100 35.21 29.24 20.40
C VAL D 100 34.88 29.65 21.83
N THR D 101 35.26 28.81 22.80
CA THR D 101 35.06 29.08 24.24
C THR D 101 36.36 28.76 25.00
N LEU D 102 37.35 29.66 24.90
CA LEU D 102 38.63 29.61 25.61
C LEU D 102 38.83 28.44 26.57
N GLY D 103 39.43 27.36 26.07
CA GLY D 103 39.69 26.17 26.85
C GLY D 103 39.09 24.90 26.28
N GLN D 104 38.05 25.03 25.47
CA GLN D 104 37.40 23.88 24.85
C GLN D 104 38.08 23.58 23.52
N PRO D 105 38.53 22.35 23.29
CA PRO D 105 39.26 22.05 22.05
C PRO D 105 38.42 22.37 20.82
N ASN D 106 39.08 22.93 19.81
CA ASN D 106 38.40 23.35 18.60
C ASN D 106 39.31 23.04 17.41
N THR D 107 38.94 23.55 16.23
CA THR D 107 39.72 23.30 15.01
C THR D 107 39.63 24.53 14.12
N LEU D 108 40.78 25.07 13.74
CA LEU D 108 40.82 26.19 12.81
C LEU D 108 40.76 25.66 11.38
N ILE D 109 40.09 26.41 10.51
CA ILE D 109 39.91 26.04 9.11
C ILE D 109 40.39 27.18 8.24
N CYS D 110 41.28 26.87 7.30
CA CYS D 110 41.79 27.86 6.36
C CYS D 110 41.40 27.43 4.95
N LEU D 111 40.42 28.13 4.38
CA LEU D 111 39.93 27.86 3.04
C LEU D 111 40.69 28.73 2.04
N VAL D 112 41.31 28.10 1.05
CA VAL D 112 42.07 28.79 0.01
C VAL D 112 41.33 28.56 -1.30
N ASP D 113 40.60 29.57 -1.76
CA ASP D 113 39.77 29.46 -2.95
C ASP D 113 40.51 29.97 -4.17
N ASN D 114 40.06 29.51 -5.34
CA ASN D 114 40.61 29.92 -6.64
C ASN D 114 42.11 29.65 -6.70
N ILE D 115 42.47 28.37 -6.57
CA ILE D 115 43.86 27.92 -6.62
C ILE D 115 44.13 27.43 -8.03
N PHE D 116 45.12 28.03 -8.68
CA PHE D 116 45.62 27.52 -9.95
C PHE D 116 46.95 28.19 -10.29
N PRO D 117 47.99 27.42 -10.64
CA PRO D 117 48.01 25.96 -10.75
C PRO D 117 48.04 25.28 -9.37
N PRO D 118 47.72 23.97 -9.32
CA PRO D 118 47.68 23.29 -8.03
C PRO D 118 49.05 23.14 -7.39
N VAL D 119 49.68 24.26 -7.03
CA VAL D 119 50.96 24.26 -6.34
C VAL D 119 50.88 25.36 -5.28
N VAL D 120 50.90 24.97 -4.00
CA VAL D 120 50.73 25.92 -2.91
C VAL D 120 51.33 25.32 -1.65
N ASN D 121 51.81 26.19 -0.77
CA ASN D 121 52.26 25.81 0.56
C ASN D 121 51.34 26.49 1.57
N ILE D 122 50.68 25.70 2.41
CA ILE D 122 49.78 26.21 3.43
C ILE D 122 50.35 25.83 4.80
N THR D 123 50.91 26.82 5.50
CA THR D 123 51.51 26.62 6.81
C THR D 123 50.82 27.52 7.83
N TRP D 124 50.79 27.07 9.07
CA TRP D 124 50.17 27.78 10.17
C TRP D 124 51.23 28.49 11.00
N LEU D 125 50.79 29.52 11.73
CA LEU D 125 51.69 30.29 12.58
C LEU D 125 50.99 30.58 13.90
N SER D 126 51.62 30.22 15.01
CA SER D 126 51.11 30.48 16.35
C SER D 126 52.11 31.37 17.07
N ASN D 127 51.74 32.64 17.27
CA ASN D 127 52.64 33.63 17.87
C ASN D 127 53.95 33.76 17.10
N GLY D 128 53.84 33.73 15.78
CA GLY D 128 55.03 33.91 14.96
C GLY D 128 55.63 32.58 14.54
N HIS D 129 55.69 31.65 15.48
CA HIS D 129 56.35 30.37 15.26
C HIS D 129 55.48 29.45 14.42
N SER D 130 56.14 28.61 13.63
CA SER D 130 55.45 27.67 12.75
C SER D 130 54.90 26.50 13.56
N VAL D 131 53.67 26.12 13.28
CA VAL D 131 53.01 25.02 13.99
C VAL D 131 53.31 23.73 13.26
N THR D 132 53.64 22.69 14.02
CA THR D 132 53.97 21.39 13.46
C THR D 132 53.07 20.25 13.89
N GLU D 133 52.41 20.36 15.03
CA GLU D 133 51.53 19.30 15.53
C GLU D 133 50.07 19.66 15.33
N GLY D 134 49.26 18.66 15.01
CA GLY D 134 47.84 18.89 14.84
C GLY D 134 47.42 19.47 13.51
N VAL D 135 48.26 19.39 12.48
CA VAL D 135 47.97 19.99 11.18
C VAL D 135 47.60 18.89 10.19
N SER D 136 46.44 19.03 9.55
CA SER D 136 46.01 18.17 8.48
C SER D 136 45.25 18.99 7.45
N GLU D 137 45.27 18.55 6.19
CA GLU D 137 44.63 19.27 5.11
C GLU D 137 43.95 18.29 4.16
N THR D 138 43.07 18.83 3.32
CA THR D 138 42.42 18.07 2.27
C THR D 138 43.24 18.16 0.99
N SER D 139 42.85 17.36 0.00
CA SER D 139 43.48 17.40 -1.31
C SER D 139 42.95 18.59 -2.10
N PHE D 140 43.32 18.68 -3.37
CA PHE D 140 42.82 19.74 -4.24
C PHE D 140 41.39 19.41 -4.66
N LEU D 141 40.42 20.11 -4.10
CA LEU D 141 39.03 19.91 -4.47
C LEU D 141 38.72 20.72 -5.71
N SER D 142 38.04 20.09 -6.67
CA SER D 142 37.79 20.70 -7.97
C SER D 142 36.65 21.72 -7.90
N LYS D 143 36.71 22.68 -8.82
CA LYS D 143 35.67 23.69 -8.97
C LYS D 143 35.04 23.56 -10.35
N SER D 144 33.88 24.20 -10.51
CA SER D 144 33.17 24.13 -11.78
C SER D 144 33.91 24.87 -12.88
N ASP D 145 34.63 25.93 -12.54
CA ASP D 145 35.44 26.69 -13.48
C ASP D 145 36.84 26.10 -13.66
N HIS D 146 37.02 24.82 -13.33
CA HIS D 146 38.25 24.07 -13.57
C HIS D 146 39.43 24.60 -12.77
N SER D 147 39.16 25.36 -11.72
CA SER D 147 40.19 25.70 -10.74
C SER D 147 40.11 24.70 -9.59
N PHE D 148 40.81 24.99 -8.49
CA PHE D 148 40.81 24.11 -7.33
C PHE D 148 40.75 24.93 -6.07
N PHE D 149 40.39 24.27 -4.97
CA PHE D 149 40.48 24.88 -3.65
C PHE D 149 40.91 23.82 -2.64
N LYS D 150 41.70 24.26 -1.67
CA LYS D 150 42.23 23.38 -0.63
C LYS D 150 41.86 23.94 0.74
N ILE D 151 41.67 23.03 1.69
CA ILE D 151 41.28 23.39 3.05
C ILE D 151 42.28 22.75 4.01
N SER D 152 42.89 23.57 4.85
CA SER D 152 43.83 23.09 5.86
C SER D 152 43.21 23.26 7.24
N TYR D 153 43.44 22.28 8.10
CA TYR D 153 42.87 22.25 9.43
C TYR D 153 43.97 22.36 10.48
N LEU D 154 43.60 22.87 11.65
CA LEU D 154 44.54 23.00 12.77
C LEU D 154 43.74 22.82 14.06
N THR D 155 43.90 21.66 14.69
CA THR D 155 43.32 21.43 16.00
C THR D 155 44.17 22.15 17.04
N PHE D 156 43.52 23.02 17.83
CA PHE D 156 44.23 23.88 18.76
C PHE D 156 43.43 23.99 20.05
N LEU D 157 44.04 24.62 21.03
CA LEU D 157 43.37 24.86 22.32
C LEU D 157 43.20 26.36 22.48
N PRO D 158 41.99 26.88 22.39
CA PRO D 158 41.78 28.34 22.44
C PRO D 158 42.27 28.93 23.75
N SER D 159 43.17 29.91 23.63
CA SER D 159 43.71 30.62 24.78
C SER D 159 43.69 32.12 24.47
N ALA D 160 43.78 32.92 25.53
CA ALA D 160 43.81 34.37 25.32
C ALA D 160 45.13 34.79 24.68
N ASP D 161 46.21 34.11 25.03
CA ASP D 161 47.44 34.22 24.27
C ASP D 161 47.25 33.55 22.92
N GLU D 162 48.34 33.48 22.17
CA GLU D 162 48.40 32.85 20.86
C GLU D 162 47.49 33.51 19.84
N ILE D 163 48.12 34.11 18.83
CA ILE D 163 47.43 34.72 17.70
C ILE D 163 47.83 33.89 16.49
N TYR D 164 46.86 33.26 15.86
CA TYR D 164 47.16 32.28 14.82
C TYR D 164 47.02 32.91 13.45
N ASP D 165 47.80 32.39 12.51
CA ASP D 165 47.83 32.90 11.16
C ASP D 165 47.85 31.74 10.18
N CYS D 166 47.31 31.99 8.99
CA CYS D 166 47.37 31.03 7.89
C CYS D 166 48.26 31.64 6.82
N LYS D 167 49.34 30.94 6.49
CA LYS D 167 50.35 31.42 5.55
C LYS D 167 50.22 30.65 4.25
N VAL D 168 49.89 31.36 3.17
CA VAL D 168 49.68 30.78 1.85
C VAL D 168 50.79 31.28 0.95
N GLU D 169 51.50 30.34 0.30
CA GLU D 169 52.58 30.67 -0.62
C GLU D 169 52.17 30.19 -2.01
N HIS D 170 52.04 31.11 -2.94
CA HIS D 170 51.63 30.80 -4.30
C HIS D 170 52.37 31.68 -5.29
N TRP D 171 52.44 31.20 -6.54
CA TRP D 171 53.11 31.96 -7.58
C TRP D 171 52.31 33.18 -7.99
N GLY D 172 50.97 33.09 -7.93
CA GLY D 172 50.13 34.24 -8.26
C GLY D 172 50.24 35.37 -7.27
N LEU D 173 50.75 35.10 -6.08
CA LEU D 173 50.97 36.14 -5.07
C LEU D 173 52.38 36.69 -5.18
N ASP D 174 52.55 37.93 -4.74
CA ASP D 174 53.89 38.54 -4.77
C ASP D 174 54.67 38.17 -3.51
N GLU D 175 53.99 38.10 -2.38
CA GLU D 175 54.57 37.73 -1.10
C GLU D 175 53.60 36.76 -0.42
N PRO D 176 54.09 35.95 0.52
CA PRO D 176 53.18 35.04 1.23
C PRO D 176 52.02 35.80 1.87
N LEU D 177 50.80 35.36 1.56
CA LEU D 177 49.60 36.02 2.04
C LEU D 177 49.24 35.48 3.42
N LEU D 178 49.00 36.39 4.36
CA LEU D 178 48.69 36.04 5.74
C LEU D 178 47.26 36.43 6.05
N LYS D 179 46.50 35.46 6.57
CA LYS D 179 45.15 35.73 7.07
C LYS D 179 45.18 35.51 8.58
N HIS D 180 44.65 36.48 9.32
CA HIS D 180 44.81 36.53 10.76
C HIS D 180 43.58 35.97 11.46
N TRP D 181 43.80 35.38 12.63
CA TRP D 181 42.70 34.89 13.44
C TRP D 181 43.13 34.86 14.90
N GLU D 182 42.24 35.31 15.77
CA GLU D 182 42.47 35.36 17.21
C GLU D 182 41.12 35.25 17.89
N PRO D 183 41.07 34.74 19.13
CA PRO D 183 39.76 34.63 19.80
C PRO D 183 39.18 35.98 20.14
N GLU D 184 38.56 36.63 19.15
CA GLU D 184 37.88 37.91 19.29
C GLU D 184 38.62 38.93 20.15
N SER E 3 59.31 32.32 -10.98
CA SER E 3 58.09 31.53 -11.16
C SER E 3 58.22 30.59 -12.34
N PRO E 4 58.40 29.29 -12.06
CA PRO E 4 58.57 28.32 -13.13
C PRO E 4 57.26 28.05 -13.85
N GLU E 5 57.38 27.79 -15.16
CA GLU E 5 56.20 27.50 -15.97
C GLU E 5 55.62 26.15 -15.60
N ASP E 6 54.30 26.02 -15.76
CA ASP E 6 53.59 24.81 -15.37
C ASP E 6 52.57 24.44 -16.45
N PHE E 7 52.46 23.14 -16.70
CA PHE E 7 51.50 22.59 -17.67
C PHE E 7 50.56 21.64 -16.94
N VAL E 8 49.27 21.97 -16.95
CA VAL E 8 48.25 21.23 -16.20
C VAL E 8 47.33 20.52 -17.17
N TYR E 9 46.98 19.28 -16.84
CA TYR E 9 46.02 18.49 -17.60
C TYR E 9 45.04 17.85 -16.63
N GLN E 10 43.75 17.93 -16.93
CA GLN E 10 42.70 17.42 -16.06
C GLN E 10 41.72 16.56 -16.85
N PHE E 11 41.06 15.65 -16.12
CA PHE E 11 39.98 14.84 -16.64
C PHE E 11 38.97 14.66 -15.53
N LYS E 12 37.69 14.93 -15.82
CA LYS E 12 36.63 14.89 -14.81
C LYS E 12 35.48 14.03 -15.33
N GLY E 13 35.38 12.80 -14.82
CA GLY E 13 34.24 11.96 -15.12
C GLY E 13 33.09 12.22 -14.16
N MET E 14 32.18 13.11 -14.52
CA MET E 14 31.12 13.57 -13.63
C MET E 14 29.80 12.91 -13.99
N CYS E 15 29.07 12.46 -12.97
CA CYS E 15 27.74 11.90 -13.12
C CYS E 15 26.72 12.86 -12.52
N TYR E 16 25.60 13.03 -13.21
CA TYR E 16 24.54 13.93 -12.76
C TYR E 16 23.27 13.12 -12.53
N PHE E 17 22.81 13.08 -11.28
CA PHE E 17 21.63 12.32 -10.89
C PHE E 17 20.48 13.27 -10.57
N THR E 18 19.29 12.91 -11.02
CA THR E 18 18.07 13.67 -10.75
C THR E 18 16.93 12.69 -10.56
N ASN E 19 16.16 12.88 -9.47
CA ASN E 19 15.04 12.00 -9.13
C ASN E 19 15.51 10.56 -8.93
N GLY E 20 16.72 10.41 -8.38
CA GLY E 20 17.29 9.09 -8.18
C GLY E 20 18.07 8.61 -9.39
N THR E 21 18.04 7.30 -9.65
CA THR E 21 18.70 6.72 -10.81
C THR E 21 17.83 6.74 -12.06
N GLU E 22 16.73 7.49 -12.03
CA GLU E 22 15.86 7.56 -13.20
C GLU E 22 16.45 8.46 -14.27
N ARG E 23 16.75 9.71 -13.93
CA ARG E 23 17.39 10.67 -14.83
C ARG E 23 18.88 10.77 -14.47
N VAL E 24 19.71 10.01 -15.18
CA VAL E 24 21.15 10.00 -14.96
C VAL E 24 21.85 10.47 -16.24
N ARG E 25 22.81 11.38 -16.09
CA ARG E 25 23.57 11.92 -17.21
C ARG E 25 25.06 11.88 -16.89
N LEU E 26 25.86 11.34 -17.81
CA LEU E 26 27.30 11.23 -17.65
C LEU E 26 28.01 12.21 -18.56
N VAL E 27 28.95 12.97 -18.00
CA VAL E 27 29.76 13.94 -18.76
C VAL E 27 31.21 13.79 -18.33
N THR E 28 32.05 13.25 -19.21
CA THR E 28 33.48 13.22 -18.99
C THR E 28 34.12 14.43 -19.67
N ARG E 29 34.99 15.13 -18.94
CA ARG E 29 35.56 16.39 -19.39
C ARG E 29 37.07 16.25 -19.48
N TYR E 30 37.63 16.51 -20.67
CA TYR E 30 39.07 16.51 -20.88
C TYR E 30 39.54 17.96 -20.87
N ILE E 31 40.31 18.33 -19.85
CA ILE E 31 40.65 19.72 -19.59
C ILE E 31 42.16 19.90 -19.70
N TYR E 32 42.57 20.90 -20.48
CA TYR E 32 43.96 21.31 -20.58
C TYR E 32 44.11 22.65 -19.86
N ASN E 33 44.99 22.68 -18.87
CA ASN E 33 45.10 23.83 -17.96
C ASN E 33 43.75 24.17 -17.36
N ARG E 34 43.13 25.24 -17.86
CA ARG E 34 41.79 25.63 -17.44
C ARG E 34 40.80 25.58 -18.58
N GLU E 35 41.25 25.28 -19.80
CA GLU E 35 40.40 25.25 -20.98
C GLU E 35 39.97 23.81 -21.26
N GLU E 36 38.67 23.54 -21.09
CA GLU E 36 38.12 22.24 -21.46
C GLU E 36 38.03 22.14 -22.97
N TYR E 37 38.78 21.21 -23.57
CA TYR E 37 38.89 21.15 -25.02
C TYR E 37 38.09 20.02 -25.65
N ALA E 38 37.76 18.97 -24.90
CA ALA E 38 36.96 17.87 -25.43
C ALA E 38 36.13 17.29 -24.31
N ARG E 39 34.89 16.93 -24.63
CA ARG E 39 34.00 16.37 -23.62
C ARG E 39 33.06 15.35 -24.28
N PHE E 40 32.65 14.37 -23.49
CA PHE E 40 31.65 13.40 -23.87
C PHE E 40 30.37 13.63 -23.08
N ASP E 41 29.23 13.56 -23.77
CA ASP E 41 27.93 13.77 -23.16
C ASP E 41 27.04 12.58 -23.48
N SER E 42 26.44 12.00 -22.44
CA SER E 42 25.53 10.87 -22.67
C SER E 42 24.29 11.30 -23.44
N ASP E 43 23.85 12.54 -23.26
CA ASP E 43 22.72 13.06 -24.03
C ASP E 43 23.10 13.22 -25.50
N VAL E 44 24.34 13.63 -25.77
CA VAL E 44 24.80 13.77 -27.15
C VAL E 44 25.09 12.39 -27.75
N GLY E 45 25.87 11.57 -27.06
CA GLY E 45 26.14 10.21 -27.47
C GLY E 45 27.54 9.98 -28.00
N VAL E 46 28.27 11.03 -28.36
CA VAL E 46 29.60 10.92 -28.93
C VAL E 46 30.50 11.97 -28.28
N TYR E 47 31.79 11.86 -28.59
CA TYR E 47 32.75 12.86 -28.11
C TYR E 47 32.62 14.13 -28.93
N ARG E 48 32.55 15.27 -28.26
CA ARG E 48 32.39 16.56 -28.90
C ARG E 48 33.57 17.46 -28.54
N ALA E 49 34.02 18.25 -29.52
CA ALA E 49 35.07 19.24 -29.32
C ALA E 49 34.45 20.56 -28.88
N VAL E 50 35.02 21.18 -27.86
CA VAL E 50 34.47 22.40 -27.29
C VAL E 50 35.31 23.61 -27.71
N THR E 51 36.60 23.39 -27.90
CA THR E 51 37.51 24.44 -28.34
C THR E 51 38.33 23.93 -29.51
N PRO E 52 38.96 24.82 -30.28
CA PRO E 52 39.78 24.38 -31.42
C PRO E 52 40.89 23.41 -31.05
N LEU E 53 41.18 23.24 -29.76
CA LEU E 53 42.17 22.29 -29.29
C LEU E 53 41.64 20.86 -29.23
N GLY E 54 40.39 20.64 -29.66
CA GLY E 54 39.71 19.37 -29.46
C GLY E 54 39.35 18.55 -30.69
N PRO E 55 39.14 19.16 -31.86
CA PRO E 55 38.81 18.37 -33.06
C PRO E 55 39.79 17.24 -33.33
N PRO E 56 41.11 17.45 -33.22
CA PRO E 56 42.03 16.33 -33.50
C PRO E 56 41.86 15.16 -32.55
N ALA E 57 41.32 15.36 -31.35
CA ALA E 57 41.09 14.29 -30.39
C ALA E 57 39.67 13.77 -30.40
N ALA E 58 38.67 14.64 -30.61
CA ALA E 58 37.28 14.20 -30.59
C ALA E 58 36.94 13.35 -31.81
N GLU E 59 37.48 13.71 -32.98
CA GLU E 59 37.18 12.96 -34.18
C GLU E 59 37.90 11.62 -34.21
N TYR E 60 39.05 11.53 -33.54
CA TYR E 60 39.77 10.26 -33.46
C TYR E 60 39.09 9.29 -32.51
N TRP E 61 38.53 9.80 -31.41
CA TRP E 61 37.86 8.93 -30.44
C TRP E 61 36.50 8.46 -30.92
N ASN E 62 35.90 9.16 -31.89
CA ASN E 62 34.65 8.70 -32.48
C ASN E 62 34.87 7.71 -33.62
N SER E 63 36.07 7.69 -34.20
CA SER E 63 36.34 6.74 -35.29
C SER E 63 36.45 5.32 -34.76
N GLN E 64 37.08 5.14 -33.60
CA GLN E 64 37.16 3.83 -32.97
C GLN E 64 35.83 3.52 -32.30
N LYS E 65 35.26 2.37 -32.62
CA LYS E 65 33.96 2.00 -32.09
C LYS E 65 34.04 1.33 -30.72
N GLU E 66 35.19 0.75 -30.38
CA GLU E 66 35.37 0.14 -29.07
C GLU E 66 35.64 1.18 -27.99
N VAL E 67 36.10 2.38 -28.35
CA VAL E 67 36.40 3.39 -27.35
C VAL E 67 35.16 4.21 -27.01
N LEU E 68 34.28 4.47 -27.98
CA LEU E 68 33.03 5.15 -27.66
C LEU E 68 31.99 4.20 -27.10
N GLU E 69 32.07 2.91 -27.43
CA GLU E 69 31.13 1.95 -26.86
C GLU E 69 31.49 1.63 -25.42
N ARG E 70 32.79 1.58 -25.11
CA ARG E 70 33.21 1.42 -23.72
C ARG E 70 32.87 2.67 -22.91
N THR E 71 32.87 3.83 -23.56
CA THR E 71 32.59 5.09 -22.87
C THR E 71 31.08 5.30 -22.71
N ARG E 72 30.30 4.92 -23.73
CA ARG E 72 28.85 5.01 -23.59
C ARG E 72 28.33 4.05 -22.52
N ALA E 73 28.98 2.90 -22.37
CA ALA E 73 28.56 1.92 -21.37
C ALA E 73 28.89 2.36 -19.95
N GLU E 74 29.78 3.35 -19.77
CA GLU E 74 30.15 3.79 -18.43
C GLU E 74 29.00 4.44 -17.67
N LEU E 75 27.92 4.81 -18.36
CA LEU E 75 26.74 5.31 -17.65
C LEU E 75 26.16 4.27 -16.70
N ASP E 76 26.36 2.99 -17.00
CA ASP E 76 25.85 1.91 -16.16
C ASP E 76 26.90 1.30 -15.24
N THR E 77 28.16 1.21 -15.67
CA THR E 77 29.19 0.58 -14.85
C THR E 77 29.91 1.55 -13.92
N VAL E 78 29.69 2.86 -14.05
CA VAL E 78 30.37 3.82 -13.21
C VAL E 78 29.36 4.68 -12.45
N CYS E 79 28.47 5.34 -13.20
CA CYS E 79 27.49 6.24 -12.57
C CYS E 79 26.47 5.43 -11.77
N ARG E 80 25.72 4.57 -12.46
CA ARG E 80 24.66 3.82 -11.81
C ARG E 80 25.20 2.72 -10.89
N HIS E 81 26.42 2.25 -11.13
CA HIS E 81 27.01 1.22 -10.28
C HIS E 81 27.44 1.80 -8.94
N ASN E 82 28.11 2.95 -8.94
CA ASN E 82 28.57 3.53 -7.69
C ASN E 82 27.43 4.12 -6.87
N TYR E 83 26.36 4.55 -7.55
CA TYR E 83 25.24 5.15 -6.83
C TYR E 83 24.55 4.14 -5.92
N GLN E 84 24.57 2.85 -6.29
CA GLN E 84 24.03 1.83 -5.42
C GLN E 84 24.84 1.68 -4.14
N LEU E 85 26.13 2.00 -4.19
CA LEU E 85 26.94 1.99 -2.98
C LEU E 85 26.87 3.32 -2.23
N GLU E 86 26.64 4.42 -2.94
CA GLU E 86 26.37 5.69 -2.26
C GLU E 86 25.02 5.67 -1.55
N LEU E 87 24.08 4.86 -2.04
CA LEU E 87 22.73 4.85 -1.48
C LEU E 87 22.68 4.25 -0.09
N ARG E 88 23.67 3.44 0.29
CA ARG E 88 23.72 2.82 1.62
C ARG E 88 24.78 3.43 2.51
N THR E 89 25.58 4.38 2.01
CA THR E 89 26.63 4.99 2.81
C THR E 89 26.51 6.51 2.83
N THR E 90 26.70 7.18 1.70
CA THR E 90 26.72 8.64 1.69
C THR E 90 25.31 9.21 1.89
N LEU E 91 24.36 8.77 1.05
CA LEU E 91 23.00 9.31 1.08
C LEU E 91 22.23 8.92 2.33
N GLN E 92 22.80 8.11 3.21
CA GLN E 92 22.18 7.82 4.50
C GLN E 92 22.83 8.59 5.65
N ARG E 93 23.89 9.33 5.38
CA ARG E 93 24.60 10.06 6.42
C ARG E 93 23.77 11.24 6.88
N ARG E 94 23.38 11.23 8.16
CA ARG E 94 22.59 12.31 8.74
C ARG E 94 23.29 12.74 10.03
N VAL E 95 23.73 14.01 10.08
CA VAL E 95 24.36 14.57 11.26
C VAL E 95 23.51 15.76 11.70
N GLU E 96 22.97 15.70 12.92
CA GLU E 96 22.11 16.78 13.37
C GLU E 96 22.95 17.95 13.90
N PRO E 97 22.54 19.19 13.61
CA PRO E 97 23.34 20.35 13.99
C PRO E 97 23.25 20.70 15.46
N THR E 98 24.38 21.17 16.00
CA THR E 98 24.47 21.66 17.37
C THR E 98 24.33 23.18 17.35
N VAL E 99 23.27 23.69 17.95
CA VAL E 99 22.91 25.10 17.90
C VAL E 99 23.44 25.82 19.13
N THR E 100 23.96 27.03 18.92
CA THR E 100 24.55 27.84 19.99
C THR E 100 24.20 29.30 19.76
N ILE E 101 23.72 29.98 20.81
CA ILE E 101 23.33 31.38 20.72
C ILE E 101 24.28 32.17 21.61
N SER E 102 24.83 33.27 21.07
CA SER E 102 25.73 34.13 21.83
C SER E 102 25.82 35.48 21.14
N PRO E 103 25.86 36.59 21.89
CA PRO E 103 25.97 37.90 21.25
C PRO E 103 27.37 38.15 20.72
N SER E 104 27.45 39.04 19.74
CA SER E 104 28.73 39.38 19.11
C SER E 104 29.54 40.34 19.98
N THR E 106 30.19 41.87 24.98
CA THR E 106 29.42 43.07 24.71
C THR E 106 27.94 42.87 25.03
N GLU E 107 27.64 42.67 26.31
CA GLU E 107 26.28 42.45 26.77
C GLU E 107 25.81 43.68 27.55
N ALA E 108 24.80 44.35 27.04
CA ALA E 108 24.27 45.55 27.68
C ALA E 108 22.79 45.70 27.35
N LEU E 109 22.04 46.29 28.27
CA LEU E 109 20.61 46.52 28.08
C LEU E 109 20.38 47.87 27.41
N ASN E 110 19.30 47.96 26.64
CA ASN E 110 18.95 49.13 25.84
C ASN E 110 20.09 49.60 24.94
N HIS E 111 21.00 48.68 24.60
CA HIS E 111 22.12 48.96 23.70
C HIS E 111 22.06 47.95 22.58
N HIS E 112 21.95 48.44 21.33
CA HIS E 112 21.79 47.55 20.19
C HIS E 112 22.95 46.55 20.11
N ASN E 113 22.61 45.30 19.82
CA ASN E 113 23.57 44.21 19.74
C ASN E 113 23.19 43.31 18.57
N LEU E 114 23.93 42.21 18.42
CA LEU E 114 23.69 41.22 17.37
C LEU E 114 23.80 39.84 17.99
N LEU E 115 22.72 39.06 17.90
CA LEU E 115 22.70 37.71 18.47
C LEU E 115 23.04 36.70 17.38
N VAL E 116 24.01 35.85 17.65
CA VAL E 116 24.53 34.89 16.69
C VAL E 116 24.03 33.50 17.05
N CYS E 117 23.23 32.91 16.16
CA CYS E 117 22.73 31.54 16.32
C CYS E 117 23.68 30.64 15.52
N SER E 118 24.58 29.97 16.23
CA SER E 118 25.65 29.19 15.61
C SER E 118 25.19 27.77 15.32
N VAL E 119 24.94 27.49 14.04
CA VAL E 119 24.66 26.15 13.52
C VAL E 119 25.95 25.67 12.88
N THR E 120 26.64 24.70 13.50
CA THR E 120 28.03 24.44 13.15
C THR E 120 28.36 23.06 12.59
N ASP E 121 27.66 21.99 12.98
CA ASP E 121 27.97 20.63 12.52
C ASP E 121 26.72 19.89 12.03
N PHE E 122 26.39 20.05 10.75
CA PHE E 122 25.26 19.36 10.17
C PHE E 122 25.55 18.91 8.75
N TYR E 123 24.87 17.84 8.32
CA TYR E 123 24.94 17.27 6.99
C TYR E 123 23.66 16.47 6.75
N PRO E 124 23.02 16.61 5.57
CA PRO E 124 23.41 17.36 4.38
C PRO E 124 23.13 18.88 4.46
N ALA E 125 23.04 19.52 3.29
CA ALA E 125 23.02 20.96 3.19
C ALA E 125 21.65 21.60 3.45
N GLN E 126 20.56 20.83 3.30
CA GLN E 126 19.23 21.40 3.51
C GLN E 126 19.06 21.83 4.95
N ILE E 127 18.76 23.12 5.17
CA ILE E 127 18.60 23.63 6.52
C ILE E 127 17.78 24.92 6.47
N LYS E 128 16.99 25.15 7.52
CA LYS E 128 16.19 26.36 7.68
C LYS E 128 16.40 26.91 9.07
N VAL E 129 16.76 28.19 9.17
CA VAL E 129 16.94 28.87 10.45
C VAL E 129 15.97 30.05 10.51
N ARG E 130 15.27 30.18 11.63
CA ARG E 130 14.32 31.26 11.84
C ARG E 130 14.50 31.84 13.24
N TRP E 131 14.40 33.16 13.33
CA TRP E 131 14.49 33.86 14.61
C TRP E 131 13.11 34.20 15.13
N PHE E 132 12.97 34.17 16.47
CA PHE E 132 11.68 34.40 17.12
C PHE E 132 11.89 35.23 18.36
N ARG E 133 11.35 36.45 18.38
CA ARG E 133 11.31 37.29 19.58
C ARG E 133 9.93 37.19 20.23
N ASN E 134 9.88 36.63 21.44
CA ASN E 134 8.63 36.37 22.15
C ASN E 134 7.63 35.62 21.27
N ASP E 135 8.11 34.55 20.64
CA ASP E 135 7.31 33.68 19.77
C ASP E 135 6.72 34.43 18.58
N GLN E 136 7.28 35.60 18.28
CA GLN E 136 6.93 36.38 17.10
C GLN E 136 8.13 36.32 16.15
N GLU E 137 7.94 35.72 14.97
CA GLU E 137 9.04 35.55 14.05
C GLU E 137 9.56 36.90 13.55
N GLU E 138 10.86 37.12 13.76
CA GLU E 138 11.56 38.32 13.30
C GLU E 138 11.86 38.14 11.81
N THR E 139 11.08 38.80 10.96
CA THR E 139 11.30 38.75 9.52
C THR E 139 12.20 39.88 9.03
N THR E 140 12.61 40.78 9.92
CA THR E 140 13.51 41.87 9.58
C THR E 140 14.62 41.93 10.62
N GLY E 141 15.81 42.32 10.16
CA GLY E 141 16.97 42.38 11.01
C GLY E 141 17.76 41.09 11.13
N VAL E 142 17.44 40.10 10.30
CA VAL E 142 18.12 38.81 10.33
C VAL E 142 19.24 38.83 9.28
N VAL E 143 20.48 38.80 9.74
CA VAL E 143 21.65 38.76 8.86
C VAL E 143 22.21 37.35 8.90
N SER E 144 22.01 36.61 7.82
CA SER E 144 22.45 35.23 7.71
C SER E 144 23.62 35.13 6.75
N THR E 145 24.63 34.35 7.13
CA THR E 145 25.76 34.12 6.25
C THR E 145 25.46 32.95 5.31
N PRO E 146 26.09 32.92 4.14
CA PRO E 146 25.91 31.78 3.24
C PRO E 146 26.43 30.49 3.86
N LEU E 147 25.99 29.37 3.28
CA LEU E 147 26.38 28.06 3.80
C LEU E 147 27.88 27.87 3.71
N ILE E 148 28.51 27.63 4.85
CA ILE E 148 29.96 27.46 4.93
C ILE E 148 30.29 25.97 4.83
N ARG E 149 31.15 25.61 3.88
CA ARG E 149 31.55 24.23 3.67
C ARG E 149 32.85 23.98 4.43
N ASN E 150 32.77 23.20 5.51
CA ASN E 150 33.95 22.93 6.32
C ASN E 150 34.95 22.06 5.57
N GLY E 151 34.49 21.24 4.63
CA GLY E 151 35.35 20.40 3.83
C GLY E 151 35.50 18.98 4.34
N ASP E 152 35.08 18.70 5.57
CA ASP E 152 35.14 17.36 6.15
C ASP E 152 33.76 16.71 6.21
N TRP E 153 32.98 16.86 5.13
CA TRP E 153 31.64 16.29 5.03
C TRP E 153 30.71 16.85 6.10
N THR E 154 30.97 18.09 6.52
CA THR E 154 30.09 18.81 7.43
C THR E 154 29.87 20.21 6.87
N PHE E 155 28.80 20.85 7.33
CA PHE E 155 28.47 22.21 6.93
C PHE E 155 28.34 23.08 8.17
N GLN E 156 28.09 24.36 7.95
CA GLN E 156 27.99 25.32 9.04
C GLN E 156 27.36 26.60 8.51
N ILE E 157 26.51 27.22 9.32
CA ILE E 157 25.84 28.45 8.93
C ILE E 157 25.65 29.31 10.18
N LEU E 158 25.88 30.62 10.03
CA LEU E 158 25.80 31.56 11.15
C LEU E 158 24.70 32.56 10.84
N VAL E 159 23.62 32.51 11.62
CA VAL E 159 22.47 33.39 11.44
C VAL E 159 22.46 34.40 12.58
N MET E 160 22.56 35.68 12.23
CA MET E 160 22.61 36.76 13.20
C MET E 160 21.29 37.51 13.23
N LEU E 161 21.00 38.13 14.37
CA LEU E 161 19.77 38.89 14.58
C LEU E 161 20.11 40.25 15.17
N GLU E 162 19.59 41.30 14.53
CA GLU E 162 19.81 42.67 15.02
C GLU E 162 18.68 43.04 15.96
N MET E 163 19.03 43.25 17.23
CA MET E 163 18.05 43.51 18.27
C MET E 163 18.64 44.45 19.31
N THR E 164 17.80 44.86 20.24
CA THR E 164 18.20 45.69 21.37
C THR E 164 17.72 45.00 22.65
N PRO E 165 18.64 44.47 23.46
CA PRO E 165 18.22 43.72 24.65
C PRO E 165 17.34 44.54 25.58
N GLN E 166 16.31 43.88 26.12
CA GLN E 166 15.34 44.53 26.99
C GLN E 166 15.27 43.82 28.32
N ARG E 167 14.10 43.85 28.95
CA ARG E 167 13.93 43.25 30.28
C ARG E 167 13.60 41.77 30.18
N GLY E 168 12.36 41.47 29.75
CA GLY E 168 11.97 40.08 29.65
C GLY E 168 11.77 39.57 28.24
N ASP E 169 12.58 40.07 27.30
CA ASP E 169 12.47 39.60 25.94
C ASP E 169 13.18 38.25 25.85
N VAL E 170 12.50 37.26 25.27
CA VAL E 170 13.04 35.91 25.14
C VAL E 170 13.19 35.60 23.66
N TYR E 171 14.42 35.57 23.17
CA TYR E 171 14.69 35.23 21.78
C TYR E 171 14.96 33.74 21.63
N THR E 172 14.38 33.14 20.60
CA THR E 172 14.57 31.72 20.32
C THR E 172 14.98 31.55 18.87
N CYS E 173 15.81 30.53 18.62
CA CYS E 173 16.32 30.21 17.29
C CYS E 173 15.81 28.84 16.88
N HIS E 174 15.01 28.80 15.82
CA HIS E 174 14.39 27.56 15.34
C HIS E 174 15.19 27.02 14.16
N VAL E 175 15.63 25.77 14.27
CA VAL E 175 16.45 25.12 13.25
C VAL E 175 15.72 23.87 12.74
N GLU E 176 15.55 23.79 11.43
CA GLU E 176 14.97 22.62 10.77
C GLU E 176 16.00 21.98 9.87
N HIS E 177 16.05 20.65 9.89
CA HIS E 177 17.05 19.90 9.14
C HIS E 177 16.50 18.51 8.86
N PRO E 178 16.86 17.90 7.72
CA PRO E 178 16.36 16.55 7.41
C PRO E 178 16.72 15.52 8.47
N SER E 179 17.81 15.71 9.20
CA SER E 179 18.20 14.80 10.27
C SER E 179 17.38 15.01 11.54
N LEU E 180 16.33 15.82 11.48
CA LEU E 180 15.51 16.17 12.63
C LEU E 180 14.05 15.87 12.33
N GLN E 181 13.41 15.10 13.21
CA GLN E 181 11.97 14.90 13.09
C GLN E 181 11.20 16.11 13.57
N ASN E 182 11.67 16.76 14.64
CA ASN E 182 11.12 17.99 15.16
C ASN E 182 12.18 19.09 15.14
N PRO E 183 11.77 20.33 14.92
CA PRO E 183 12.75 21.43 14.86
C PRO E 183 13.45 21.65 16.19
N ILE E 184 14.74 21.99 16.12
CA ILE E 184 15.52 22.32 17.30
C ILE E 184 15.29 23.78 17.65
N ILE E 185 15.01 24.06 18.93
CA ILE E 185 14.74 25.40 19.40
C ILE E 185 15.66 25.70 20.58
N VAL E 186 16.43 26.78 20.47
CA VAL E 186 17.31 27.24 21.53
C VAL E 186 16.89 28.65 21.93
N GLU E 187 16.76 28.88 23.23
CA GLU E 187 16.28 30.15 23.75
C GLU E 187 17.44 30.96 24.35
N TRP E 188 17.18 32.25 24.57
CA TRP E 188 18.17 33.15 25.14
C TRP E 188 17.42 34.27 25.85
N ARG E 189 17.62 34.39 27.16
CA ARG E 189 16.98 35.40 27.97
C ARG E 189 17.97 36.51 28.31
N ALA E 190 17.45 37.72 28.47
CA ALA E 190 18.28 38.86 28.83
C ALA E 190 18.74 38.78 30.28
N GLN F 2 30.79 -3.46 -2.52
CA GLN F 2 31.34 -3.93 -3.78
C GLN F 2 32.51 -3.02 -4.21
N VAL F 3 33.15 -3.37 -5.32
CA VAL F 3 34.26 -2.57 -5.84
C VAL F 3 33.73 -1.41 -6.66
N GLU F 4 34.09 -0.19 -6.28
CA GLU F 4 33.74 0.99 -7.03
C GLU F 4 34.65 1.12 -8.26
N LEU F 5 34.17 1.90 -9.23
CA LEU F 5 34.84 2.09 -10.50
C LEU F 5 34.80 3.57 -10.83
N GLY F 6 35.38 3.95 -11.96
CA GLY F 6 35.42 5.38 -12.25
C GLY F 6 35.82 5.66 -13.68
N GLY F 7 35.82 6.96 -14.00
CA GLY F 7 36.16 7.49 -15.30
C GLY F 7 37.43 6.97 -15.93
N GLY F 8 37.29 6.08 -16.90
CA GLY F 8 38.43 5.65 -17.69
C GLY F 8 38.80 6.72 -18.69
N ASN F 9 40.06 7.13 -18.69
CA ASN F 9 40.52 8.19 -19.56
C ASN F 9 40.85 7.62 -20.94
N ALA F 10 40.66 8.44 -21.97
CA ALA F 10 40.91 8.04 -23.35
C ALA F 10 42.28 8.55 -23.78
N VAL F 11 43.00 7.71 -24.51
CA VAL F 11 44.36 8.02 -24.91
C VAL F 11 44.34 8.76 -26.24
N GLU F 12 45.21 9.76 -26.37
CA GLU F 12 45.33 10.55 -27.58
C GLU F 12 46.53 10.07 -28.39
N VAL F 13 46.45 10.28 -29.71
CA VAL F 13 47.53 9.91 -30.60
C VAL F 13 48.62 10.96 -30.43
N CYS F 14 49.81 10.54 -30.01
CA CYS F 14 50.87 11.46 -29.69
C CYS F 14 52.18 11.05 -30.35
N LYS F 15 53.02 12.04 -30.63
CA LYS F 15 54.32 11.83 -31.27
C LYS F 15 54.17 11.07 -32.58
N ASP G 2 -17.31 -12.84 6.47
CA ASP G 2 -18.10 -12.80 5.25
C ASP G 2 -19.45 -12.16 5.51
N ILE G 3 -19.99 -12.46 6.69
CA ILE G 3 -21.32 -12.01 7.10
C ILE G 3 -21.14 -10.76 7.94
N VAL G 4 -21.43 -9.59 7.37
CA VAL G 4 -21.31 -8.34 8.10
C VAL G 4 -22.49 -8.19 9.06
N ALA G 5 -22.19 -7.77 10.29
CA ALA G 5 -23.20 -7.62 11.32
C ALA G 5 -22.66 -6.71 12.41
N ASP G 6 -23.57 -6.00 13.07
CA ASP G 6 -23.18 -5.13 14.17
C ASP G 6 -22.68 -5.95 15.36
N HIS G 7 -23.33 -7.08 15.64
CA HIS G 7 -22.92 -7.98 16.71
C HIS G 7 -23.02 -9.41 16.22
N VAL G 8 -22.01 -10.20 16.58
CA VAL G 8 -21.95 -11.63 16.22
C VAL G 8 -21.88 -12.43 17.51
N ALA G 9 -22.87 -13.29 17.72
CA ALA G 9 -22.94 -14.14 18.90
C ALA G 9 -22.83 -15.60 18.49
N SER G 10 -22.27 -16.41 19.39
CA SER G 10 -22.11 -17.84 19.17
C SER G 10 -22.86 -18.57 20.28
N TYR G 11 -24.16 -18.78 20.07
CA TYR G 11 -25.00 -19.46 21.05
C TYR G 11 -24.95 -20.96 20.77
N GLY G 12 -23.84 -21.56 21.17
CA GLY G 12 -23.64 -22.98 20.96
C GLY G 12 -22.30 -23.30 20.33
N VAL G 13 -21.22 -22.99 21.04
CA VAL G 13 -19.88 -23.42 20.63
C VAL G 13 -19.69 -24.81 21.21
N ASN G 14 -20.09 -25.81 20.43
CA ASN G 14 -20.00 -27.21 20.85
C ASN G 14 -18.68 -27.81 20.36
N LEU G 15 -18.08 -28.64 21.21
CA LEU G 15 -16.78 -29.22 20.92
C LEU G 15 -16.70 -30.61 21.55
N TYR G 16 -16.32 -31.61 20.77
CA TYR G 16 -16.09 -32.95 21.29
C TYR G 16 -14.98 -33.62 20.48
N GLN G 17 -14.01 -34.21 21.17
CA GLN G 17 -12.90 -34.88 20.53
C GLN G 17 -12.72 -36.27 21.13
N SER G 18 -11.93 -37.10 20.43
CA SER G 18 -11.75 -38.48 20.84
C SER G 18 -10.65 -38.63 21.89
N TYR G 19 -9.58 -37.83 21.77
CA TYR G 19 -8.44 -37.96 22.68
C TYR G 19 -8.88 -37.68 24.10
N GLY G 20 -9.36 -38.71 24.79
CA GLY G 20 -9.97 -38.55 26.09
C GLY G 20 -11.42 -38.12 25.95
N PRO G 21 -12.17 -38.16 27.04
CA PRO G 21 -13.56 -37.71 27.00
C PRO G 21 -13.68 -36.20 27.01
N SER G 22 -12.87 -35.50 26.20
CA SER G 22 -12.85 -34.04 26.28
C SER G 22 -14.03 -33.44 25.52
N GLY G 23 -14.65 -32.44 26.13
CA GLY G 23 -15.76 -31.72 25.52
C GLY G 23 -15.77 -30.29 26.02
N GLN G 24 -16.62 -29.49 25.38
CA GLN G 24 -16.77 -28.10 25.80
C GLN G 24 -18.06 -27.54 25.23
N TYR G 25 -18.81 -26.83 26.06
CA TYR G 25 -19.98 -26.07 25.63
C TYR G 25 -19.84 -24.66 26.17
N SER G 26 -19.80 -23.69 25.27
CA SER G 26 -19.62 -22.30 25.69
C SER G 26 -20.42 -21.40 24.77
N HIS G 27 -20.80 -20.24 25.30
CA HIS G 27 -21.42 -19.19 24.51
C HIS G 27 -20.46 -18.00 24.41
N GLU G 28 -20.54 -17.30 23.29
CA GLU G 28 -19.64 -16.19 23.02
C GLU G 28 -20.44 -15.05 22.41
N PHE G 29 -20.06 -13.82 22.76
CA PHE G 29 -20.73 -12.63 22.26
C PHE G 29 -19.68 -11.57 21.92
N ASP G 30 -19.60 -11.21 20.65
CA ASP G 30 -18.63 -10.21 20.16
C ASP G 30 -17.20 -10.63 20.47
N GLY G 31 -16.95 -11.94 20.37
CA GLY G 31 -15.61 -12.48 20.52
C GLY G 31 -15.22 -12.82 21.95
N ASP G 32 -16.02 -12.42 22.93
CA ASP G 32 -15.74 -12.70 24.33
C ASP G 32 -16.61 -13.83 24.84
N GLU G 33 -16.05 -14.62 25.76
CA GLU G 33 -16.73 -15.80 26.30
C GLU G 33 -17.71 -15.40 27.40
N GLU G 34 -18.97 -15.77 27.22
CA GLU G 34 -19.97 -15.51 28.25
C GLU G 34 -19.89 -16.52 29.38
N PHE G 35 -19.95 -17.81 29.04
CA PHE G 35 -19.87 -18.87 30.04
C PHE G 35 -19.35 -20.13 29.38
N TYR G 36 -19.10 -21.14 30.22
CA TYR G 36 -18.77 -22.48 29.76
C TYR G 36 -19.38 -23.47 30.74
N VAL G 37 -19.87 -24.58 30.22
CA VAL G 37 -20.54 -25.59 31.03
C VAL G 37 -19.53 -26.67 31.42
N ASP G 38 -19.34 -26.84 32.73
CA ASP G 38 -18.52 -27.93 33.24
C ASP G 38 -19.30 -29.23 33.03
N LEU G 39 -18.90 -30.01 32.01
CA LEU G 39 -19.65 -31.20 31.66
C LEU G 39 -19.55 -32.29 32.72
N GLU G 40 -18.48 -32.28 33.52
CA GLU G 40 -18.34 -33.28 34.58
C GLU G 40 -19.13 -32.91 35.82
N ARG G 41 -19.28 -31.61 36.09
CA ARG G 41 -19.97 -31.14 37.28
C ARG G 41 -21.41 -30.71 37.03
N LYS G 42 -21.86 -30.71 35.77
CA LYS G 42 -23.20 -30.25 35.41
C LYS G 42 -23.44 -28.83 35.93
N GLU G 43 -22.51 -27.94 35.58
CA GLU G 43 -22.46 -26.61 36.16
C GLU G 43 -22.21 -25.55 35.09
N THR G 44 -23.03 -24.50 35.09
CA THR G 44 -22.83 -23.35 34.21
C THR G 44 -21.97 -22.32 34.92
N VAL G 45 -20.80 -22.04 34.36
CA VAL G 45 -19.82 -21.14 34.98
C VAL G 45 -19.77 -19.88 34.14
N TRP G 46 -20.39 -18.80 34.61
CA TRP G 46 -20.33 -17.52 33.92
C TRP G 46 -18.99 -16.85 34.19
N GLN G 47 -18.56 -16.03 33.22
CA GLN G 47 -17.23 -15.44 33.24
C GLN G 47 -17.24 -13.97 33.64
N LEU G 48 -18.27 -13.52 34.37
CA LEU G 48 -18.34 -12.13 34.80
C LEU G 48 -19.22 -12.06 36.03
N PRO G 49 -18.91 -11.21 37.01
CA PRO G 49 -19.80 -11.07 38.17
C PRO G 49 -21.18 -10.56 37.78
N LEU G 50 -21.26 -9.72 36.75
CA LEU G 50 -22.56 -9.24 36.28
C LEU G 50 -23.37 -10.35 35.65
N PHE G 51 -22.72 -11.33 35.01
CA PHE G 51 -23.44 -12.42 34.37
C PHE G 51 -23.98 -13.42 35.38
N ARG G 52 -23.24 -13.69 36.46
CA ARG G 52 -23.67 -14.70 37.42
C ARG G 52 -24.93 -14.28 38.17
N ARG G 53 -25.26 -12.99 38.20
CA ARG G 53 -26.39 -12.52 38.99
C ARG G 53 -27.65 -12.26 38.17
N PHE G 54 -27.54 -11.96 36.88
CA PHE G 54 -28.71 -11.54 36.11
C PHE G 54 -29.00 -12.45 34.91
N ARG G 55 -28.28 -13.55 34.76
CA ARG G 55 -28.47 -14.45 33.63
C ARG G 55 -28.56 -15.88 34.14
N ARG G 56 -29.25 -16.72 33.38
CA ARG G 56 -29.46 -18.11 33.75
C ARG G 56 -29.45 -18.99 32.50
N PHE G 57 -28.82 -20.15 32.61
CA PHE G 57 -28.75 -21.11 31.51
C PHE G 57 -28.78 -22.51 32.08
N ASP G 58 -29.69 -23.34 31.57
CA ASP G 58 -29.83 -24.71 32.04
C ASP G 58 -28.63 -25.53 31.61
N PRO G 59 -27.80 -26.02 32.54
CA PRO G 59 -26.60 -26.78 32.13
C PRO G 59 -26.91 -28.11 31.48
N GLN G 60 -28.11 -28.66 31.68
CA GLN G 60 -28.43 -29.97 31.13
C GLN G 60 -28.49 -29.95 29.60
N PHE G 61 -28.90 -28.82 29.02
CA PHE G 61 -28.94 -28.71 27.57
C PHE G 61 -27.56 -28.82 26.94
N ALA G 62 -26.51 -28.50 27.69
CA ALA G 62 -25.15 -28.67 27.18
C ALA G 62 -24.80 -30.15 27.07
N LEU G 63 -25.09 -30.92 28.12
CA LEU G 63 -24.83 -32.35 28.09
C LEU G 63 -25.64 -33.06 27.01
N THR G 64 -26.84 -32.55 26.71
CA THR G 64 -27.64 -33.11 25.62
C THR G 64 -26.95 -32.90 24.29
N ASN G 65 -26.43 -31.70 24.08
CA ASN G 65 -25.84 -31.35 22.80
C ASN G 65 -24.48 -32.03 22.61
N ILE G 66 -23.69 -32.12 23.68
CA ILE G 66 -22.40 -32.79 23.63
C ILE G 66 -22.58 -34.29 23.42
N ALA G 67 -23.64 -34.87 23.98
CA ALA G 67 -23.92 -36.29 23.76
C ALA G 67 -24.24 -36.57 22.31
N VAL G 68 -24.85 -35.61 21.61
CA VAL G 68 -25.10 -35.78 20.18
C VAL G 68 -23.80 -35.65 19.40
N LEU G 69 -22.87 -34.83 19.88
CA LEU G 69 -21.57 -34.71 19.23
C LEU G 69 -20.83 -36.03 19.26
N LYS G 70 -20.84 -36.71 20.42
CA LYS G 70 -20.22 -38.03 20.52
C LYS G 70 -20.83 -39.00 19.52
N HIS G 71 -22.14 -38.90 19.29
CA HIS G 71 -22.77 -39.72 18.25
C HIS G 71 -22.36 -39.26 16.86
N ASN G 72 -22.45 -37.95 16.59
CA ASN G 72 -22.11 -37.46 15.26
C ASN G 72 -20.63 -37.63 14.95
N LEU G 73 -19.78 -37.65 15.98
CA LEU G 73 -18.36 -37.88 15.74
C LEU G 73 -18.12 -39.30 15.25
N ASN G 74 -18.82 -40.27 15.85
CA ASN G 74 -18.72 -41.66 15.44
C ASN G 74 -19.30 -41.90 14.06
N CYS G 75 -20.00 -40.91 13.49
CA CYS G 75 -20.58 -41.02 12.16
C CYS G 75 -19.63 -40.51 11.07
N VAL G 76 -18.99 -39.37 11.30
CA VAL G 76 -18.08 -38.81 10.30
C VAL G 76 -16.76 -39.56 10.24
N ILE G 77 -16.37 -40.24 11.33
CA ILE G 77 -15.19 -41.10 11.26
C ILE G 77 -15.42 -42.27 10.31
N LYS G 78 -16.65 -42.80 10.30
CA LYS G 78 -16.96 -43.90 9.39
C LYS G 78 -16.99 -43.41 7.95
N ARG G 79 -17.46 -42.19 7.72
CA ARG G 79 -17.56 -41.67 6.35
C ARG G 79 -16.20 -41.20 5.83
N SER G 80 -15.36 -40.62 6.69
CA SER G 80 -14.07 -40.11 6.26
C SER G 80 -12.96 -41.16 6.31
N ASN G 81 -13.30 -42.42 6.54
CA ASN G 81 -12.32 -43.52 6.55
C ASN G 81 -11.22 -43.27 7.57
N SER G 82 -11.61 -42.78 8.75
CA SER G 82 -10.71 -42.53 9.87
C SER G 82 -9.61 -41.53 9.49
N THR G 83 -10.04 -40.33 9.14
CA THR G 83 -9.14 -39.22 8.84
C THR G 83 -8.89 -38.43 10.11
N ALA G 84 -7.65 -38.45 10.60
CA ALA G 84 -7.31 -37.79 11.84
C ALA G 84 -7.14 -36.29 11.63
N ALA G 85 -6.97 -35.57 12.73
CA ALA G 85 -6.79 -34.14 12.69
C ALA G 85 -5.37 -33.78 12.26
N THR G 86 -5.24 -32.61 11.64
CA THR G 86 -3.94 -32.10 11.19
C THR G 86 -3.41 -31.13 12.23
N ASN G 87 -2.24 -31.43 12.77
CA ASN G 87 -1.64 -30.61 13.82
C ASN G 87 -1.20 -29.26 13.24
N GLU G 88 -1.72 -28.18 13.82
CA GLU G 88 -1.36 -26.82 13.42
C GLU G 88 -0.28 -26.27 14.35
N VAL G 89 0.52 -25.34 13.82
CA VAL G 89 1.59 -24.71 14.59
C VAL G 89 1.00 -23.51 15.33
N PRO G 90 1.03 -23.50 16.66
CA PRO G 90 0.46 -22.37 17.41
C PRO G 90 1.38 -21.16 17.45
N GLU G 91 0.76 -19.99 17.55
CA GLU G 91 1.47 -18.72 17.69
C GLU G 91 1.23 -18.19 19.10
N VAL G 92 2.32 -17.91 19.82
CA VAL G 92 2.28 -17.51 21.22
C VAL G 92 2.64 -16.05 21.33
N THR G 93 1.92 -15.32 22.17
CA THR G 93 2.18 -13.90 22.41
C THR G 93 1.93 -13.59 23.88
N VAL G 94 2.85 -12.86 24.49
CA VAL G 94 2.78 -12.52 25.90
C VAL G 94 2.78 -11.00 26.03
N PHE G 95 1.85 -10.48 26.83
CA PHE G 95 1.77 -9.05 27.09
C PHE G 95 1.12 -8.86 28.45
N SER G 96 1.25 -7.64 28.98
CA SER G 96 0.72 -7.31 30.29
C SER G 96 -0.65 -6.66 30.16
N LYS G 97 -1.45 -6.78 31.22
CA LYS G 97 -2.79 -6.22 31.21
C LYS G 97 -2.77 -4.72 31.46
N SER G 98 -1.84 -4.25 32.29
CA SER G 98 -1.72 -2.85 32.65
C SER G 98 -0.26 -2.43 32.53
N PRO G 99 0.00 -1.13 32.40
CA PRO G 99 1.40 -0.66 32.37
C PRO G 99 2.19 -1.09 33.59
N VAL G 100 3.47 -1.41 33.35
CA VAL G 100 4.34 -1.97 34.38
C VAL G 100 4.96 -0.83 35.17
N THR G 101 4.91 -0.94 36.51
CA THR G 101 5.46 0.09 37.38
C THR G 101 6.45 -0.46 38.40
N LEU G 102 6.93 -1.70 38.23
CA LEU G 102 7.97 -2.28 39.07
C LEU G 102 7.56 -2.28 40.55
N GLY G 103 6.33 -2.70 40.81
CA GLY G 103 5.85 -2.74 42.18
C GLY G 103 4.34 -2.78 42.30
N GLN G 104 3.66 -2.29 41.28
CA GLN G 104 2.20 -2.27 41.27
C GLN G 104 1.67 -3.58 40.73
N PRO G 105 0.76 -4.26 41.44
CA PRO G 105 0.29 -5.57 40.98
C PRO G 105 -0.29 -5.50 39.58
N ASN G 106 -0.01 -6.54 38.79
CA ASN G 106 -0.40 -6.58 37.39
C ASN G 106 -0.87 -7.98 37.06
N THR G 107 -1.08 -8.23 35.76
CA THR G 107 -1.51 -9.53 35.29
C THR G 107 -0.88 -9.78 33.94
N LEU G 108 -0.15 -10.88 33.81
CA LEU G 108 0.44 -11.27 32.54
C LEU G 108 -0.58 -12.04 31.72
N ILE G 109 -0.55 -11.84 30.41
CA ILE G 109 -1.48 -12.48 29.49
C ILE G 109 -0.67 -13.22 28.44
N CYS G 110 -0.94 -14.51 28.28
CA CYS G 110 -0.29 -15.34 27.27
C CYS G 110 -1.37 -15.83 26.33
N LEU G 111 -1.42 -15.24 25.13
CA LEU G 111 -2.39 -15.63 24.11
C LEU G 111 -1.72 -16.65 23.21
N VAL G 112 -2.34 -17.82 23.07
CA VAL G 112 -1.83 -18.90 22.24
C VAL G 112 -2.81 -19.06 21.09
N ASP G 113 -2.43 -18.56 19.92
CA ASP G 113 -3.29 -18.54 18.75
C ASP G 113 -2.98 -19.74 17.85
N ASN G 114 -3.95 -20.06 16.98
CA ASN G 114 -3.84 -21.17 16.04
C ASN G 114 -3.57 -22.50 16.76
N ILE G 115 -4.50 -22.86 17.63
CA ILE G 115 -4.45 -24.12 18.37
C ILE G 115 -5.35 -25.12 17.67
N PHE G 116 -4.76 -26.26 17.27
CA PHE G 116 -5.55 -27.38 16.77
C PHE G 116 -4.68 -28.62 16.71
N PRO G 117 -5.14 -29.76 17.26
CA PRO G 117 -6.42 -29.93 17.94
C PRO G 117 -6.46 -29.28 19.33
N PRO G 118 -7.65 -29.07 19.90
CA PRO G 118 -7.74 -28.39 21.20
C PRO G 118 -7.18 -29.22 22.34
N VAL G 119 -5.87 -29.47 22.32
CA VAL G 119 -5.15 -30.16 23.38
C VAL G 119 -3.83 -29.42 23.56
N VAL G 120 -3.66 -28.76 24.71
CA VAL G 120 -2.49 -27.92 24.93
C VAL G 120 -2.29 -27.76 26.43
N ASN G 121 -1.03 -27.60 26.83
CA ASN G 121 -0.66 -27.23 28.19
C ASN G 121 0.03 -25.87 28.17
N ILE G 122 -0.52 -24.92 28.91
CA ILE G 122 0.04 -23.57 29.01
C ILE G 122 0.45 -23.35 30.46
N THR G 123 1.75 -23.38 30.73
CA THR G 123 2.29 -23.21 32.06
C THR G 123 3.25 -22.03 32.09
N TRP G 124 3.38 -21.41 33.25
CA TRP G 124 4.23 -20.24 33.43
C TRP G 124 5.56 -20.61 34.06
N LEU G 125 6.55 -19.74 33.85
CA LEU G 125 7.90 -19.92 34.37
C LEU G 125 8.42 -18.58 34.87
N SER G 126 8.86 -18.54 36.13
CA SER G 126 9.45 -17.35 36.72
C SER G 126 10.89 -17.67 37.09
N ASN G 127 11.84 -17.11 36.33
CA ASN G 127 13.27 -17.36 36.53
C ASN G 127 13.58 -18.85 36.47
N GLY G 128 12.95 -19.54 35.53
CA GLY G 128 13.22 -20.96 35.36
C GLY G 128 12.21 -21.86 36.05
N HIS G 129 11.87 -21.53 37.29
CA HIS G 129 10.99 -22.37 38.08
C HIS G 129 9.54 -22.23 37.64
N SER G 130 8.79 -23.32 37.74
CA SER G 130 7.40 -23.35 37.29
C SER G 130 6.48 -22.69 38.31
N VAL G 131 5.59 -21.82 37.82
CA VAL G 131 4.61 -21.12 38.65
C VAL G 131 3.32 -21.92 38.64
N THR G 132 2.70 -22.07 39.81
CA THR G 132 1.45 -22.79 39.94
C THR G 132 0.31 -21.98 40.55
N GLU G 133 0.61 -20.95 41.32
CA GLU G 133 -0.41 -20.14 41.98
C GLU G 133 -0.59 -18.81 41.26
N GLY G 134 -1.84 -18.33 41.23
CA GLY G 134 -2.15 -17.10 40.54
C GLY G 134 -2.27 -17.25 39.05
N VAL G 135 -2.41 -18.49 38.57
CA VAL G 135 -2.52 -18.80 37.15
C VAL G 135 -3.95 -19.23 36.87
N SER G 136 -4.58 -18.58 35.90
CA SER G 136 -5.89 -18.99 35.41
C SER G 136 -5.94 -18.78 33.91
N GLU G 137 -6.77 -19.57 33.24
CA GLU G 137 -6.85 -19.53 31.79
C GLU G 137 -8.31 -19.61 31.37
N THR G 138 -8.55 -19.23 30.12
CA THR G 138 -9.88 -19.29 29.52
C THR G 138 -10.09 -20.62 28.82
N SER G 139 -11.32 -20.86 28.38
CA SER G 139 -11.62 -22.07 27.62
C SER G 139 -11.13 -21.88 26.20
N PHE G 140 -11.44 -22.83 25.33
CA PHE G 140 -11.05 -22.74 23.92
C PHE G 140 -12.01 -21.80 23.19
N LEU G 141 -11.54 -20.60 22.86
CA LEU G 141 -12.35 -19.65 22.11
C LEU G 141 -12.26 -19.94 20.63
N SER G 142 -13.40 -19.94 19.96
CA SER G 142 -13.46 -20.32 18.56
C SER G 142 -12.96 -19.20 17.64
N LYS G 143 -12.46 -19.59 16.48
CA LYS G 143 -11.99 -18.68 15.46
C LYS G 143 -12.79 -18.88 14.17
N SER G 144 -12.64 -17.93 13.24
CA SER G 144 -13.39 -17.98 12.00
C SER G 144 -12.96 -19.16 11.14
N ASP G 145 -11.70 -19.57 11.20
CA ASP G 145 -11.22 -20.73 10.46
C ASP G 145 -11.42 -22.03 11.21
N HIS G 146 -12.32 -22.04 12.19
CA HIS G 146 -12.73 -23.24 12.93
C HIS G 146 -11.58 -23.86 13.72
N SER G 147 -10.52 -23.08 13.97
CA SER G 147 -9.49 -23.46 14.92
C SER G 147 -9.82 -22.84 16.27
N PHE G 148 -8.87 -22.85 17.20
CA PHE G 148 -9.11 -22.33 18.53
C PHE G 148 -7.91 -21.51 18.98
N PHE G 149 -8.14 -20.68 20.01
CA PHE G 149 -7.07 -19.99 20.70
C PHE G 149 -7.40 -19.95 22.18
N LYS G 150 -6.36 -20.04 23.00
CA LYS G 150 -6.51 -20.07 24.45
C LYS G 150 -5.66 -18.96 25.05
N ILE G 151 -6.13 -18.41 26.17
CA ILE G 151 -5.47 -17.30 26.85
C ILE G 151 -5.25 -17.68 28.31
N SER G 152 -4.01 -17.59 28.77
CA SER G 152 -3.66 -17.86 30.16
C SER G 152 -3.24 -16.58 30.85
N TYR G 153 -3.65 -16.43 32.10
CA TYR G 153 -3.42 -15.24 32.91
C TYR G 153 -2.47 -15.56 34.06
N LEU G 154 -1.76 -14.54 34.53
CA LEU G 154 -0.82 -14.69 35.64
C LEU G 154 -0.76 -13.38 36.41
N THR G 155 -1.39 -13.34 37.59
CA THR G 155 -1.25 -12.20 38.48
C THR G 155 0.12 -12.29 39.14
N PHE G 156 0.92 -11.24 38.99
CA PHE G 156 2.31 -11.26 39.43
C PHE G 156 2.70 -9.91 39.99
N LEU G 157 3.91 -9.86 40.55
CA LEU G 157 4.48 -8.63 41.08
C LEU G 157 5.71 -8.26 40.27
N PRO G 158 5.65 -7.22 39.42
CA PRO G 158 6.80 -6.87 38.59
C PRO G 158 7.99 -6.42 39.43
N SER G 159 9.12 -7.10 39.25
CA SER G 159 10.36 -6.75 39.95
C SER G 159 11.51 -6.77 38.97
N ALA G 160 12.60 -6.12 39.37
CA ALA G 160 13.81 -6.07 38.55
C ALA G 160 14.49 -7.43 38.50
N GLU G 162 13.50 -10.43 37.90
CA GLU G 162 12.50 -11.46 37.65
C GLU G 162 12.05 -11.45 36.19
N ILE G 163 12.35 -12.54 35.47
CA ILE G 163 12.02 -12.68 34.06
C ILE G 163 11.06 -13.85 33.90
N TYR G 164 9.92 -13.59 33.27
CA TYR G 164 8.85 -14.56 33.14
C TYR G 164 8.82 -15.17 31.74
N ASP G 165 8.33 -16.41 31.66
CA ASP G 165 8.22 -17.14 30.40
C ASP G 165 6.86 -17.82 30.34
N CYS G 166 6.36 -18.01 29.13
CA CYS G 166 5.14 -18.78 28.87
C CYS G 166 5.52 -20.03 28.09
N LYS G 167 5.22 -21.20 28.66
CA LYS G 167 5.60 -22.48 28.09
C LYS G 167 4.37 -23.17 27.51
N VAL G 168 4.38 -23.39 26.20
CA VAL G 168 3.26 -23.99 25.49
C VAL G 168 3.68 -25.35 24.95
N GLU G 169 2.88 -26.38 25.25
CA GLU G 169 3.13 -27.74 24.80
C GLU G 169 2.01 -28.17 23.87
N HIS G 170 2.36 -28.48 22.62
CA HIS G 170 1.38 -28.87 21.62
C HIS G 170 2.00 -29.94 20.71
N TRP G 171 1.12 -30.73 20.09
CA TRP G 171 1.58 -31.80 19.21
C TRP G 171 2.17 -31.26 17.91
N GLY G 172 1.64 -30.14 17.42
CA GLY G 172 2.18 -29.54 16.20
C GLY G 172 3.59 -29.03 16.33
N LEU G 173 4.06 -28.79 17.56
CA LEU G 173 5.42 -28.35 17.80
C LEU G 173 6.32 -29.55 18.08
N ASP G 174 7.60 -29.39 17.77
CA ASP G 174 8.60 -30.41 18.07
C ASP G 174 9.15 -30.29 19.48
N GLU G 175 9.26 -29.08 20.01
CA GLU G 175 9.75 -28.81 21.34
C GLU G 175 8.84 -27.82 22.05
N PRO G 176 8.81 -27.83 23.37
CA PRO G 176 8.01 -26.83 24.11
C PRO G 176 8.44 -25.42 23.76
N LEU G 177 7.47 -24.61 23.33
CA LEU G 177 7.75 -23.24 22.91
C LEU G 177 7.67 -22.29 24.09
N LEU G 178 8.71 -21.47 24.26
CA LEU G 178 8.80 -20.48 25.33
C LEU G 178 8.84 -19.08 24.71
N LYS G 179 7.97 -18.20 25.20
CA LYS G 179 7.95 -16.81 24.81
C LYS G 179 8.34 -15.92 25.99
N HIS G 180 9.20 -14.94 25.74
CA HIS G 180 9.82 -14.14 26.78
C HIS G 180 9.07 -12.83 27.01
N TRP G 181 9.13 -12.37 28.26
CA TRP G 181 8.58 -11.08 28.67
C TRP G 181 9.36 -10.60 29.90
N GLU G 182 9.70 -9.31 29.90
CA GLU G 182 10.47 -8.74 31.01
C GLU G 182 10.15 -7.25 31.13
N PRO G 183 10.26 -6.69 32.35
CA PRO G 183 10.02 -5.26 32.55
C PRO G 183 11.09 -4.39 31.91
N GLU G 184 10.68 -3.63 30.89
CA GLU G 184 11.51 -2.65 30.15
C GLU G 184 12.88 -2.32 30.78
N SER H 3 3.26 -38.79 18.18
CA SER H 3 2.10 -37.95 17.89
C SER H 3 0.82 -38.78 17.89
N PRO H 4 0.03 -38.67 18.95
CA PRO H 4 -1.23 -39.43 19.02
C PRO H 4 -2.29 -38.86 18.11
N GLU H 5 -3.07 -39.75 17.50
CA GLU H 5 -4.16 -39.32 16.62
C GLU H 5 -5.32 -38.75 17.42
N ASP H 6 -5.99 -37.77 16.83
CA ASP H 6 -7.13 -37.12 17.46
C ASP H 6 -8.21 -36.87 16.42
N PHE H 7 -9.46 -37.08 16.82
CA PHE H 7 -10.63 -36.83 15.97
C PHE H 7 -11.51 -35.80 16.66
N VAL H 8 -11.68 -34.64 16.03
CA VAL H 8 -12.39 -33.51 16.62
C VAL H 8 -13.68 -33.26 15.84
N TYR H 9 -14.76 -33.00 16.57
CA TYR H 9 -16.04 -32.63 15.99
C TYR H 9 -16.58 -31.42 16.74
N GLN H 10 -17.00 -30.38 16.00
CA GLN H 10 -17.51 -29.16 16.59
C GLN H 10 -18.80 -28.75 15.89
N PHE H 11 -19.61 -27.97 16.60
CA PHE H 11 -20.86 -27.42 16.08
C PHE H 11 -21.02 -26.00 16.62
N LYS H 12 -21.32 -25.06 15.74
CA LYS H 12 -21.39 -23.64 16.08
C LYS H 12 -22.72 -23.06 15.61
N GLY H 13 -23.64 -22.85 16.55
CA GLY H 13 -24.88 -22.14 16.26
C GLY H 13 -24.72 -20.64 16.43
N MET H 14 -24.43 -19.95 15.32
CA MET H 14 -24.07 -18.54 15.36
C MET H 14 -25.23 -17.65 14.94
N CYS H 15 -25.43 -16.56 15.67
CA CYS H 15 -26.41 -15.54 15.33
C CYS H 15 -25.70 -14.26 14.92
N TYR H 16 -26.21 -13.61 13.88
CA TYR H 16 -25.66 -12.36 13.36
C TYR H 16 -26.72 -11.27 13.50
N PHE H 17 -26.41 -10.24 14.28
CA PHE H 17 -27.34 -9.16 14.55
C PHE H 17 -26.91 -7.87 13.84
N THR H 18 -27.88 -7.16 13.27
CA THR H 18 -27.65 -5.89 12.62
C THR H 18 -28.84 -4.99 12.91
N ASN H 19 -28.57 -3.77 13.36
CA ASN H 19 -29.63 -2.80 13.71
C ASN H 19 -30.53 -3.37 14.79
N GLY H 20 -29.98 -4.16 15.69
CA GLY H 20 -30.79 -4.79 16.71
C GLY H 20 -31.36 -6.11 16.21
N THR H 21 -32.58 -6.42 16.62
CA THR H 21 -33.27 -7.63 16.19
C THR H 21 -34.00 -7.46 14.86
N GLU H 22 -33.73 -6.38 14.12
CA GLU H 22 -34.42 -6.19 12.85
C GLU H 22 -33.87 -7.13 11.79
N ARG H 23 -32.57 -7.02 11.49
CA ARG H 23 -31.88 -7.90 10.57
C ARG H 23 -31.06 -8.90 11.38
N VAL H 24 -31.62 -10.07 11.64
CA VAL H 24 -30.93 -11.13 12.37
C VAL H 24 -30.83 -12.35 11.45
N ARG H 25 -29.64 -12.96 11.41
CA ARG H 25 -29.36 -14.09 10.55
C ARG H 25 -28.75 -15.23 11.35
N LEU H 26 -29.29 -16.43 11.18
CA LEU H 26 -28.82 -17.63 11.89
C LEU H 26 -28.09 -18.54 10.92
N VAL H 27 -26.88 -18.96 11.30
CA VAL H 27 -26.07 -19.89 10.52
C VAL H 27 -25.49 -20.93 11.48
N THR H 28 -26.00 -22.17 11.42
CA THR H 28 -25.47 -23.27 12.18
C THR H 28 -24.44 -24.03 11.35
N ARG H 29 -23.28 -24.31 11.95
CA ARG H 29 -22.16 -24.90 11.23
C ARG H 29 -21.81 -26.25 11.86
N TYR H 30 -21.84 -27.31 11.05
CA TYR H 30 -21.43 -28.64 11.46
C TYR H 30 -20.02 -28.89 10.92
N ILE H 31 -19.05 -28.99 11.82
CA ILE H 31 -17.64 -28.99 11.45
C ILE H 31 -17.01 -30.32 11.85
N TYR H 32 -16.32 -30.96 10.91
CA TYR H 32 -15.51 -32.14 11.17
C TYR H 32 -14.05 -31.76 11.10
N ASN H 33 -13.31 -32.05 12.18
CA ASN H 33 -11.94 -31.56 12.35
C ASN H 33 -11.90 -30.05 12.16
N ARG H 34 -11.40 -29.59 11.00
CA ARG H 34 -11.37 -28.17 10.71
C ARG H 34 -12.18 -27.78 9.49
N GLU H 35 -12.73 -28.73 8.74
CA GLU H 35 -13.52 -28.43 7.55
C GLU H 35 -15.01 -28.53 7.88
N GLU H 36 -15.71 -27.41 7.77
CA GLU H 36 -17.16 -27.38 7.94
C GLU H 36 -17.82 -28.09 6.77
N TYR H 37 -18.55 -29.18 7.06
CA TYR H 37 -19.09 -30.04 6.01
C TYR H 37 -20.58 -29.85 5.76
N ALA H 38 -21.33 -29.34 6.73
CA ALA H 38 -22.75 -29.11 6.54
C ALA H 38 -23.18 -27.90 7.34
N ARG H 39 -24.06 -27.09 6.77
CA ARG H 39 -24.53 -25.88 7.45
C ARG H 39 -25.98 -25.61 7.08
N PHE H 40 -26.68 -24.96 8.02
CA PHE H 40 -28.01 -24.43 7.79
C PHE H 40 -27.94 -22.92 7.78
N ASP H 41 -28.66 -22.30 6.84
CA ASP H 41 -28.67 -20.85 6.71
C ASP H 41 -30.11 -20.38 6.75
N SER H 42 -30.40 -19.41 7.64
CA SER H 42 -31.75 -18.88 7.74
C SER H 42 -32.17 -18.15 6.48
N ASP H 43 -31.22 -17.51 5.79
CA ASP H 43 -31.53 -16.86 4.52
C ASP H 43 -31.87 -17.89 3.45
N VAL H 44 -31.19 -19.04 3.46
CA VAL H 44 -31.48 -20.09 2.49
C VAL H 44 -32.75 -20.83 2.88
N GLY H 45 -32.84 -21.27 4.14
CA GLY H 45 -34.03 -21.92 4.64
C GLY H 45 -33.90 -23.42 4.85
N VAL H 46 -32.87 -24.06 4.29
CA VAL H 46 -32.70 -25.50 4.38
C VAL H 46 -31.24 -25.80 4.72
N TYR H 47 -30.99 -27.09 5.01
CA TYR H 47 -29.64 -27.55 5.28
C TYR H 47 -28.87 -27.69 3.98
N ARG H 48 -27.64 -27.18 3.97
CA ARG H 48 -26.79 -27.22 2.79
C ARG H 48 -25.54 -28.04 3.07
N ALA H 49 -25.10 -28.79 2.06
CA ALA H 49 -23.85 -29.52 2.14
C ALA H 49 -22.72 -28.60 1.65
N VAL H 50 -21.62 -28.56 2.40
CA VAL H 50 -20.51 -27.68 2.07
C VAL H 50 -19.33 -28.44 1.46
N THR H 51 -19.12 -29.69 1.83
CA THR H 51 -18.08 -30.56 1.30
C THR H 51 -18.70 -31.90 0.96
N PRO H 52 -18.02 -32.74 0.16
CA PRO H 52 -18.59 -34.06 -0.15
C PRO H 52 -18.89 -34.92 1.09
N LEU H 53 -18.46 -34.49 2.27
CA LEU H 53 -18.74 -35.14 3.54
C LEU H 53 -20.13 -34.81 4.05
N GLY H 54 -20.93 -34.05 3.32
CA GLY H 54 -22.18 -33.51 3.79
C GLY H 54 -23.48 -33.96 3.12
N PRO H 55 -23.45 -34.33 1.84
CA PRO H 55 -24.71 -34.76 1.18
C PRO H 55 -25.44 -35.85 1.95
N PRO H 56 -24.77 -36.89 2.47
CA PRO H 56 -25.50 -37.89 3.24
C PRO H 56 -26.13 -37.33 4.51
N ALA H 57 -25.63 -36.20 5.02
CA ALA H 57 -26.19 -35.56 6.20
C ALA H 57 -27.16 -34.44 5.86
N ALA H 58 -26.91 -33.70 4.77
CA ALA H 58 -27.81 -32.62 4.39
C ALA H 58 -29.13 -33.16 3.85
N GLU H 59 -29.07 -34.25 3.08
CA GLU H 59 -30.31 -34.80 2.52
C GLU H 59 -31.15 -35.50 3.57
N TYR H 60 -30.51 -36.04 4.62
CA TYR H 60 -31.26 -36.68 5.69
C TYR H 60 -31.93 -35.66 6.61
N TRP H 61 -31.27 -34.54 6.87
CA TRP H 61 -31.83 -33.52 7.74
C TRP H 61 -32.92 -32.69 7.06
N ASN H 62 -32.94 -32.65 5.73
CA ASN H 62 -34.02 -31.97 5.03
C ASN H 62 -35.25 -32.86 4.84
N SER H 63 -35.08 -34.18 4.92
CA SER H 63 -36.22 -35.08 4.77
C SER H 63 -37.14 -35.03 5.98
N GLN H 64 -36.56 -34.90 7.17
CA GLN H 64 -37.35 -34.80 8.39
C GLN H 64 -37.93 -33.40 8.51
N LYS H 65 -39.26 -33.33 8.69
CA LYS H 65 -39.94 -32.04 8.75
C LYS H 65 -39.93 -31.44 10.16
N GLU H 66 -39.75 -32.26 11.18
CA GLU H 66 -39.63 -31.75 12.55
C GLU H 66 -38.28 -31.10 12.79
N VAL H 67 -37.27 -31.44 11.98
CA VAL H 67 -35.94 -30.86 12.12
C VAL H 67 -35.81 -29.54 11.37
N LEU H 68 -36.48 -29.38 10.23
CA LEU H 68 -36.42 -28.13 9.50
C LEU H 68 -37.28 -27.04 10.15
N GLU H 69 -38.36 -27.43 10.83
CA GLU H 69 -39.16 -26.44 11.53
C GLU H 69 -38.51 -26.03 12.85
N ARG H 70 -37.84 -26.98 13.52
CA ARG H 70 -37.13 -26.66 14.75
C ARG H 70 -35.93 -25.75 14.49
N THR H 71 -35.30 -25.88 13.33
CA THR H 71 -34.11 -25.08 13.05
C THR H 71 -34.48 -23.67 12.58
N ARG H 72 -35.53 -23.55 11.77
CA ARG H 72 -35.98 -22.23 11.35
C ARG H 72 -36.49 -21.42 12.54
N ALA H 73 -37.12 -22.08 13.51
CA ALA H 73 -37.62 -21.37 14.68
C ALA H 73 -36.50 -20.96 15.62
N GLU H 74 -35.29 -21.53 15.47
CA GLU H 74 -34.19 -21.16 16.34
C GLU H 74 -33.73 -19.73 16.09
N LEU H 75 -34.08 -19.15 14.93
CA LEU H 75 -33.82 -17.73 14.70
C LEU H 75 -34.59 -16.87 15.69
N ASP H 76 -35.75 -17.34 16.15
CA ASP H 76 -36.58 -16.60 17.10
C ASP H 76 -36.43 -17.08 18.53
N THR H 77 -36.21 -18.37 18.75
CA THR H 77 -36.14 -18.93 20.10
C THR H 77 -34.73 -18.91 20.67
N VAL H 78 -33.71 -18.62 19.86
CA VAL H 78 -32.33 -18.57 20.30
C VAL H 78 -31.70 -17.22 20.02
N CYS H 79 -31.74 -16.77 18.76
CA CYS H 79 -31.11 -15.50 18.40
C CYS H 79 -31.85 -14.32 19.01
N ARG H 80 -33.12 -14.13 18.64
CA ARG H 80 -33.88 -13.00 19.16
C ARG H 80 -34.24 -13.17 20.64
N HIS H 81 -34.30 -14.40 21.15
CA HIS H 81 -34.62 -14.58 22.55
C HIS H 81 -33.45 -14.17 23.44
N ASN H 82 -32.23 -14.57 23.07
CA ASN H 82 -31.07 -14.21 23.88
C ASN H 82 -30.68 -12.75 23.71
N TYR H 83 -30.95 -12.15 22.55
CA TYR H 83 -30.57 -10.77 22.33
C TYR H 83 -31.35 -9.83 23.25
N GLN H 84 -32.58 -10.19 23.60
CA GLN H 84 -33.34 -9.41 24.57
C GLN H 84 -32.69 -9.49 25.95
N LEU H 85 -31.95 -10.56 26.21
CA LEU H 85 -31.21 -10.70 27.47
C LEU H 85 -29.83 -10.06 27.39
N GLU H 86 -29.23 -9.99 26.20
CA GLU H 86 -27.99 -9.23 26.02
C GLU H 86 -28.24 -7.73 26.13
N LEU H 87 -29.46 -7.29 25.82
CA LEU H 87 -29.76 -5.86 25.80
C LEU H 87 -29.78 -5.25 27.19
N ARG H 88 -29.93 -6.06 28.24
CA ARG H 88 -29.95 -5.56 29.61
C ARG H 88 -28.69 -5.87 30.41
N THR H 89 -27.75 -6.64 29.85
CA THR H 89 -26.54 -6.98 30.59
C THR H 89 -25.28 -6.64 29.79
N THR H 90 -25.06 -7.34 28.68
CA THR H 90 -23.81 -7.18 27.93
C THR H 90 -23.77 -5.84 27.21
N LEU H 91 -24.81 -5.52 26.45
CA LEU H 91 -24.82 -4.29 25.65
C LEU H 91 -24.93 -3.04 26.51
N GLN H 92 -25.10 -3.17 27.83
CA GLN H 92 -25.09 -2.05 28.75
C GLN H 92 -23.78 -1.96 29.54
N ARG H 93 -22.88 -2.91 29.35
CA ARG H 93 -21.62 -2.94 30.10
C ARG H 93 -20.71 -1.80 29.64
N ARG H 94 -20.36 -0.92 30.57
CA ARG H 94 -19.47 0.20 30.30
C ARG H 94 -18.34 0.19 31.32
N VAL H 95 -17.11 0.10 30.84
CA VAL H 95 -15.92 0.09 31.68
C VAL H 95 -15.08 1.31 31.31
N GLU H 96 -14.77 2.15 32.31
CA GLU H 96 -14.04 3.38 32.02
C GLU H 96 -12.55 3.08 31.82
N PRO H 97 -11.93 3.68 30.80
CA PRO H 97 -10.54 3.39 30.50
C PRO H 97 -9.57 4.12 31.43
N THR H 98 -8.48 3.43 31.79
CA THR H 98 -7.41 4.00 32.60
C THR H 98 -6.27 4.45 31.67
N VAL H 99 -6.06 5.77 31.61
CA VAL H 99 -5.07 6.36 30.70
C VAL H 99 -3.79 6.66 31.47
N THR H 100 -2.65 6.35 30.85
CA THR H 100 -1.35 6.57 31.49
C THR H 100 -0.31 6.97 30.43
N ILE H 101 0.45 8.02 30.73
CA ILE H 101 1.51 8.51 29.85
C ILE H 101 2.84 8.28 30.55
N SER H 102 3.81 7.72 29.81
CA SER H 102 5.15 7.51 30.34
C SER H 102 6.10 7.29 29.18
N PRO H 103 7.30 7.88 29.21
CA PRO H 103 8.25 7.67 28.11
C PRO H 103 8.91 6.31 28.17
N SER H 104 9.33 5.85 26.99
CA SER H 104 10.03 4.56 26.90
C SER H 104 11.48 4.72 27.33
N ARG H 105 12.25 5.51 26.59
CA ARG H 105 13.61 5.83 27.00
C ARG H 105 13.57 6.82 28.16
N THR H 106 14.61 6.77 29.00
CA THR H 106 14.68 7.64 30.15
C THR H 106 14.69 9.11 29.71
N GLU H 107 14.20 9.97 30.60
CA GLU H 107 14.03 11.40 30.30
C GLU H 107 15.32 12.02 29.78
N ALA H 108 15.33 12.40 28.50
CA ALA H 108 16.48 13.01 27.87
C ALA H 108 16.30 14.53 27.82
N LEU H 109 17.42 15.24 27.87
CA LEU H 109 17.38 16.71 27.79
C LEU H 109 16.81 17.17 26.47
N ASN H 110 17.32 16.65 25.36
CA ASN H 110 16.74 16.93 24.05
C ASN H 110 16.79 15.74 23.11
N HIS H 111 17.44 14.64 23.49
CA HIS H 111 17.45 13.45 22.66
C HIS H 111 16.03 12.95 22.46
N HIS H 112 15.75 12.46 21.25
CA HIS H 112 14.41 12.02 20.90
C HIS H 112 13.92 10.90 21.81
N ASN H 113 12.63 10.97 22.15
CA ASN H 113 11.97 10.00 23.01
C ASN H 113 10.59 9.74 22.43
N LEU H 114 9.93 8.69 22.91
CA LEU H 114 8.60 8.32 22.43
C LEU H 114 7.72 8.04 23.64
N LEU H 115 6.60 8.76 23.72
CA LEU H 115 5.68 8.66 24.83
C LEU H 115 4.57 7.66 24.51
N VAL H 116 4.34 6.73 25.43
CA VAL H 116 3.37 5.65 25.23
C VAL H 116 2.15 5.98 26.08
N CYS H 117 1.02 6.24 25.41
CA CYS H 117 -0.25 6.48 26.08
C CYS H 117 -1.03 5.17 26.10
N SER H 118 -0.98 4.47 27.22
CA SER H 118 -1.61 3.16 27.38
C SER H 118 -3.03 3.35 27.86
N VAL H 119 -4.01 3.12 26.99
CA VAL H 119 -5.41 3.13 27.35
C VAL H 119 -5.81 1.68 27.57
N THR H 120 -5.96 1.29 28.84
CA THR H 120 -6.09 -0.10 29.22
C THR H 120 -7.40 -0.35 29.96
N ASP H 121 -7.89 -1.58 29.84
CA ASP H 121 -9.11 -2.04 30.49
C ASP H 121 -10.30 -1.14 30.21
N PHE H 122 -10.94 -1.31 29.05
CA PHE H 122 -12.14 -0.57 28.72
C PHE H 122 -13.07 -1.48 27.92
N TYR H 123 -14.36 -1.17 27.99
CA TYR H 123 -15.38 -1.93 27.27
C TYR H 123 -16.59 -1.03 27.05
N PRO H 124 -17.18 -1.01 25.85
CA PRO H 124 -16.85 -1.85 24.70
C PRO H 124 -15.61 -1.41 23.92
N ALA H 125 -15.51 -1.87 22.67
CA ALA H 125 -14.29 -1.73 21.89
C ALA H 125 -14.15 -0.36 21.22
N GLN H 126 -15.26 0.35 20.99
CA GLN H 126 -15.20 1.64 20.32
C GLN H 126 -14.44 2.65 21.17
N ILE H 127 -13.36 3.20 20.62
CA ILE H 127 -12.53 4.16 21.33
C ILE H 127 -11.74 4.97 20.31
N LYS H 128 -11.50 6.24 20.63
CA LYS H 128 -10.70 7.13 19.79
C LYS H 128 -9.70 7.87 20.66
N VAL H 129 -8.42 7.79 20.30
CA VAL H 129 -7.33 8.43 21.04
C VAL H 129 -6.62 9.42 20.13
N ARG H 130 -6.33 10.61 20.65
CA ARG H 130 -5.65 11.66 19.92
C ARG H 130 -4.55 12.28 20.79
N TRP H 131 -3.43 12.59 20.15
CA TRP H 131 -2.29 13.23 20.81
C TRP H 131 -2.29 14.73 20.53
N PHE H 132 -1.83 15.51 21.51
CA PHE H 132 -1.83 16.96 21.41
C PHE H 132 -0.56 17.52 22.01
N ARG H 133 0.27 18.16 21.19
CA ARG H 133 1.43 18.92 21.66
C ARG H 133 1.06 20.40 21.76
N ASN H 134 1.03 20.92 22.98
CA ASN H 134 0.59 22.29 23.25
C ASN H 134 -0.74 22.58 22.55
N ASP H 135 -1.68 21.67 22.71
CA ASP H 135 -3.04 21.76 22.16
C ASP H 135 -3.06 21.79 20.63
N GLN H 136 -2.01 21.29 19.99
CA GLN H 136 -1.96 21.14 18.55
C GLN H 136 -2.08 19.66 18.24
N GLU H 137 -3.17 19.27 17.57
CA GLU H 137 -3.40 17.85 17.30
C GLU H 137 -2.31 17.30 16.39
N GLU H 138 -1.62 16.27 16.85
CA GLU H 138 -0.55 15.66 16.09
C GLU H 138 -1.16 14.67 15.11
N THR H 139 -1.22 15.06 13.83
CA THR H 139 -1.74 14.19 12.78
C THR H 139 -0.65 13.37 12.11
N THR H 140 0.61 13.61 12.45
CA THR H 140 1.73 12.84 11.91
C THR H 140 2.67 12.45 13.05
N GLY H 141 3.27 11.27 12.92
CA GLY H 141 4.18 10.76 13.92
C GLY H 141 3.52 9.99 15.05
N VAL H 142 2.23 9.68 14.94
CA VAL H 142 1.49 8.95 15.96
C VAL H 142 1.47 7.48 15.55
N VAL H 143 2.11 6.63 16.34
CA VAL H 143 2.16 5.20 16.08
C VAL H 143 1.19 4.51 17.03
N SER H 144 0.09 4.00 16.48
CA SER H 144 -0.95 3.33 17.25
C SER H 144 -0.93 1.84 16.96
N THR H 145 -1.09 1.02 18.04
CA THR H 145 -1.17 -0.43 17.99
C THR H 145 -2.60 -0.89 17.73
N PRO H 146 -2.80 -2.07 17.15
CA PRO H 146 -4.15 -2.59 16.96
C PRO H 146 -4.84 -2.85 18.29
N LEU H 147 -6.17 -2.94 18.24
CA LEU H 147 -6.97 -3.17 19.43
C LEU H 147 -6.65 -4.54 20.02
N ILE H 148 -6.21 -4.55 21.27
CA ILE H 148 -5.83 -5.79 21.95
C ILE H 148 -7.02 -6.32 22.74
N ARG H 149 -7.39 -7.57 22.48
CA ARG H 149 -8.48 -8.23 23.18
C ARG H 149 -7.90 -9.04 24.33
N ASN H 150 -8.11 -8.56 25.56
CA ASN H 150 -7.56 -9.24 26.73
C ASN H 150 -8.24 -10.58 26.99
N GLY H 151 -9.49 -10.73 26.59
CA GLY H 151 -10.21 -11.97 26.78
C GLY H 151 -11.10 -12.02 28.01
N ASP H 152 -10.92 -11.08 28.94
CA ASP H 152 -11.75 -10.99 30.14
C ASP H 152 -12.73 -9.83 30.04
N TRP H 153 -13.32 -9.67 28.85
CA TRP H 153 -14.31 -8.62 28.57
C TRP H 153 -13.72 -7.23 28.74
N THR H 154 -12.42 -7.08 28.52
CA THR H 154 -11.75 -5.79 28.50
C THR H 154 -10.87 -5.69 27.28
N PHE H 155 -10.55 -4.46 26.89
CA PHE H 155 -9.68 -4.18 25.76
C PHE H 155 -8.56 -3.25 26.23
N GLN H 156 -7.64 -2.96 25.32
CA GLN H 156 -6.53 -2.06 25.60
C GLN H 156 -5.86 -1.68 24.30
N ILE H 157 -5.40 -0.44 24.22
CA ILE H 157 -4.71 0.07 23.03
C ILE H 157 -3.64 1.04 23.50
N LEU H 158 -2.49 0.97 22.85
CA LEU H 158 -1.32 1.77 23.23
C LEU H 158 -1.01 2.70 22.06
N VAL H 159 -1.19 4.00 22.28
CA VAL H 159 -0.95 5.02 21.27
C VAL H 159 0.35 5.72 21.63
N MET H 160 1.33 5.63 20.76
CA MET H 160 2.65 6.21 20.98
C MET H 160 2.84 7.45 20.11
N LEU H 161 3.70 8.34 20.59
CA LEU H 161 4.01 9.59 19.91
C LEU H 161 5.51 9.75 19.83
N GLU H 162 6.01 10.02 18.62
CA GLU H 162 7.45 10.21 18.39
C GLU H 162 7.74 11.70 18.56
N MET H 163 8.19 12.07 19.76
CA MET H 163 8.36 13.46 20.12
C MET H 163 9.84 13.78 20.34
N THR H 164 10.11 15.07 20.52
CA THR H 164 11.44 15.55 20.86
C THR H 164 11.33 16.48 22.06
N PRO H 165 11.90 16.11 23.22
CA PRO H 165 11.65 16.91 24.43
C PRO H 165 12.37 18.24 24.46
N GLN H 166 11.62 19.33 24.25
CA GLN H 166 12.17 20.67 24.34
C GLN H 166 11.92 21.25 25.73
N ARG H 167 11.66 22.56 25.79
CA ARG H 167 11.32 23.23 27.04
C ARG H 167 9.87 23.68 26.99
N GLY H 168 9.23 23.68 28.16
CA GLY H 168 7.82 24.05 28.24
C GLY H 168 6.91 22.91 27.85
N ASP H 169 7.16 22.29 26.69
CA ASP H 169 6.46 21.17 26.09
C ASP H 169 5.45 20.46 26.99
N VAL H 170 4.17 20.72 26.79
CA VAL H 170 3.10 20.06 27.53
C VAL H 170 2.34 19.19 26.53
N TYR H 171 2.58 17.88 26.58
CA TYR H 171 1.89 16.93 25.73
C TYR H 171 0.70 16.32 26.48
N THR H 172 -0.41 16.17 25.78
CA THR H 172 -1.62 15.61 26.37
C THR H 172 -2.14 14.49 25.47
N CYS H 173 -2.76 13.49 26.11
CA CYS H 173 -3.36 12.35 25.42
C CYS H 173 -4.86 12.42 25.66
N HIS H 174 -5.62 12.60 24.57
CA HIS H 174 -7.07 12.77 24.66
C HIS H 174 -7.74 11.45 24.30
N VAL H 175 -8.57 10.93 25.21
CA VAL H 175 -9.25 9.66 25.04
C VAL H 175 -10.76 9.89 25.12
N GLU H 176 -11.48 9.45 24.10
CA GLU H 176 -12.93 9.49 24.06
C GLU H 176 -13.47 8.07 24.02
N HIS H 177 -14.54 7.82 24.78
CA HIS H 177 -15.09 6.49 24.93
C HIS H 177 -16.57 6.61 25.29
N PRO H 178 -17.41 5.67 24.83
CA PRO H 178 -18.84 5.74 25.18
C PRO H 178 -19.11 5.71 26.67
N SER H 179 -18.23 5.10 27.46
CA SER H 179 -18.37 5.08 28.92
C SER H 179 -17.96 6.39 29.56
N LEU H 180 -17.67 7.41 28.76
CA LEU H 180 -17.20 8.69 29.25
C LEU H 180 -18.10 9.79 28.70
N GLN H 181 -18.63 10.63 29.59
CA GLN H 181 -19.41 11.77 29.17
C GLN H 181 -18.52 12.89 28.64
N ASN H 182 -17.36 13.11 29.27
CA ASN H 182 -16.35 14.04 28.81
C ASN H 182 -15.04 13.29 28.54
N PRO H 183 -14.26 13.73 27.55
CA PRO H 183 -13.02 13.02 27.24
C PRO H 183 -12.02 13.08 28.38
N ILE H 184 -11.31 11.96 28.59
CA ILE H 184 -10.25 11.87 29.59
C ILE H 184 -8.95 12.38 28.97
N ILE H 185 -8.26 13.26 29.69
CA ILE H 185 -7.02 13.86 29.22
C ILE H 185 -5.95 13.73 30.30
N VAL H 186 -4.80 13.18 29.92
CA VAL H 186 -3.64 13.08 30.79
C VAL H 186 -2.51 13.88 30.16
N GLU H 187 -1.86 14.72 30.96
CA GLU H 187 -0.82 15.60 30.46
C GLU H 187 0.57 15.09 30.87
N TRP H 188 1.59 15.64 30.21
CA TRP H 188 2.97 15.28 30.49
C TRP H 188 3.86 16.44 30.10
N ARG H 189 4.58 17.01 31.06
CA ARG H 189 5.48 18.12 30.83
C ARG H 189 6.92 17.67 30.81
N ALA H 190 7.73 18.38 30.03
CA ALA H 190 9.17 18.11 29.94
C ALA H 190 9.86 18.54 31.23
N GLY I 1 -34.30 -11.68 33.41
CA GLY I 1 -33.51 -12.90 33.37
C GLY I 1 -34.35 -14.15 33.18
N GLN I 2 -34.62 -14.48 31.92
CA GLN I 2 -35.35 -15.69 31.56
C GLN I 2 -34.36 -16.83 31.35
N VAL I 3 -34.87 -18.00 30.98
CA VAL I 3 -34.01 -19.16 30.74
C VAL I 3 -33.40 -19.00 29.36
N GLU I 4 -32.08 -18.93 29.29
CA GLU I 4 -31.34 -18.82 28.05
C GLU I 4 -31.28 -20.15 27.33
N LEU I 5 -31.06 -20.10 26.02
CA LEU I 5 -31.05 -21.28 25.18
C LEU I 5 -29.95 -21.11 24.12
N GLY I 6 -29.78 -22.13 23.30
CA GLY I 6 -28.76 -22.04 22.27
C GLY I 6 -28.85 -23.21 21.31
N GLY I 7 -28.01 -23.12 20.27
CA GLY I 7 -27.82 -24.13 19.25
C GLY I 7 -28.40 -25.52 19.46
N GLY I 8 -29.53 -25.81 18.83
CA GLY I 8 -30.03 -27.18 18.87
C GLY I 8 -29.23 -28.01 17.88
N ASN I 9 -28.61 -29.08 18.37
CA ASN I 9 -27.77 -29.90 17.51
C ASN I 9 -28.59 -30.97 16.79
N ALA I 10 -28.17 -31.30 15.58
CA ALA I 10 -28.84 -32.31 14.77
C ALA I 10 -28.06 -33.62 14.82
N VAL I 11 -28.79 -34.72 14.92
CA VAL I 11 -28.21 -36.05 15.03
C VAL I 11 -28.04 -36.63 13.64
N GLU I 12 -26.94 -37.34 13.42
CA GLU I 12 -26.68 -37.95 12.12
C GLU I 12 -27.05 -39.42 12.16
N VAL I 13 -27.44 -39.95 10.99
CA VAL I 13 -27.89 -41.33 10.87
C VAL I 13 -26.69 -42.27 10.83
N CYS I 14 -26.39 -42.93 11.94
CA CYS I 14 -25.32 -43.91 11.97
C CYS I 14 -25.76 -45.14 12.75
N LYS I 15 -25.16 -46.28 12.43
CA LYS I 15 -25.44 -47.54 13.14
C LYS I 15 -24.77 -47.54 14.51
N ASP J 2 -27.83 24.13 -10.01
CA ASP J 2 -28.32 24.29 -8.64
C ASP J 2 -27.75 23.22 -7.71
N ILE J 3 -28.35 22.03 -7.73
CA ILE J 3 -28.00 20.98 -6.78
C ILE J 3 -26.91 20.12 -7.41
N VAL J 4 -25.67 20.35 -6.97
CA VAL J 4 -24.52 19.57 -7.41
C VAL J 4 -24.48 18.26 -6.63
N ALA J 5 -24.14 17.17 -7.31
CA ALA J 5 -24.10 15.85 -6.68
C ALA J 5 -23.21 14.93 -7.49
N ASP J 6 -22.59 13.97 -6.79
CA ASP J 6 -21.75 12.99 -7.47
C ASP J 6 -22.56 12.08 -8.37
N HIS J 7 -23.76 11.69 -7.94
CA HIS J 7 -24.66 10.89 -8.74
C HIS J 7 -26.07 11.44 -8.59
N VAL J 8 -26.77 11.55 -9.72
CA VAL J 8 -28.15 12.01 -9.75
C VAL J 8 -28.99 10.94 -10.42
N ALA J 9 -29.97 10.43 -9.68
CA ALA J 9 -30.86 9.39 -10.17
C ALA J 9 -32.29 9.93 -10.24
N SER J 10 -33.06 9.38 -11.18
CA SER J 10 -34.46 9.77 -11.37
C SER J 10 -35.30 8.51 -11.17
N TYR J 11 -35.64 8.24 -9.92
CA TYR J 11 -36.44 7.07 -9.55
C TYR J 11 -37.91 7.47 -9.63
N GLY J 12 -38.41 7.54 -10.86
CA GLY J 12 -39.79 7.92 -11.07
C GLY J 12 -39.95 9.01 -12.10
N VAL J 13 -39.56 8.75 -13.35
CA VAL J 13 -39.84 9.65 -14.47
C VAL J 13 -41.23 9.30 -14.96
N ASN J 14 -42.24 9.94 -14.36
CA ASN J 14 -43.63 9.71 -14.73
C ASN J 14 -44.06 10.70 -15.79
N LEU J 15 -44.85 10.23 -16.75
CA LEU J 15 -45.24 11.03 -17.89
C LEU J 15 -46.62 10.60 -18.36
N TYR J 16 -47.53 11.57 -18.53
CA TYR J 16 -48.85 11.28 -19.07
C TYR J 16 -49.33 12.48 -19.88
N GLN J 17 -49.84 12.22 -21.09
CA GLN J 17 -50.33 13.27 -21.97
C GLN J 17 -51.72 12.91 -22.48
N SER J 18 -52.39 13.91 -23.04
CA SER J 18 -53.75 13.77 -23.52
C SER J 18 -53.85 13.18 -24.92
N TYR J 19 -52.87 13.46 -25.78
CA TYR J 19 -52.94 13.09 -27.20
C TYR J 19 -53.16 11.60 -27.43
N GLY J 20 -52.20 10.78 -27.05
CA GLY J 20 -52.29 9.34 -27.21
C GLY J 20 -53.66 8.74 -26.93
N PRO J 21 -54.07 8.70 -25.65
CA PRO J 21 -53.38 9.21 -24.46
C PRO J 21 -52.19 8.32 -24.11
N SER J 22 -51.00 8.89 -24.16
CA SER J 22 -49.76 8.15 -24.06
C SER J 22 -49.06 8.49 -22.75
N GLY J 23 -48.40 7.48 -22.19
CA GLY J 23 -47.69 7.64 -20.95
C GLY J 23 -46.40 6.83 -20.96
N GLN J 24 -45.59 7.07 -19.92
CA GLN J 24 -44.31 6.40 -19.82
C GLN J 24 -43.83 6.45 -18.37
N TYR J 25 -43.30 5.32 -17.90
CA TYR J 25 -42.66 5.24 -16.60
C TYR J 25 -41.28 4.65 -16.80
N SER J 26 -40.24 5.40 -16.40
CA SER J 26 -38.87 4.96 -16.57
C SER J 26 -38.03 5.43 -15.40
N HIS J 27 -36.97 4.70 -15.12
CA HIS J 27 -35.97 5.09 -14.15
C HIS J 27 -34.66 5.43 -14.85
N GLU J 28 -33.93 6.38 -14.28
CA GLU J 28 -32.69 6.85 -14.88
C GLU J 28 -31.62 7.06 -13.82
N PHE J 29 -30.37 6.82 -14.20
CA PHE J 29 -29.24 7.01 -13.31
C PHE J 29 -28.10 7.66 -14.09
N ASP J 30 -27.73 8.88 -13.70
CA ASP J 30 -26.66 9.63 -14.35
C ASP J 30 -26.92 9.85 -15.83
N GLY J 31 -28.19 10.09 -16.17
CA GLY J 31 -28.57 10.42 -17.52
C GLY J 31 -28.89 9.25 -18.43
N ASP J 32 -28.62 8.03 -17.99
CA ASP J 32 -28.91 6.84 -18.79
C ASP J 32 -30.17 6.15 -18.27
N GLU J 33 -30.91 5.55 -19.19
CA GLU J 33 -32.17 4.90 -18.86
C GLU J 33 -31.90 3.51 -18.30
N GLU J 34 -32.39 3.24 -17.09
CA GLU J 34 -32.26 1.92 -16.50
C GLU J 34 -33.28 0.95 -17.09
N PHE J 35 -34.56 1.32 -17.02
CA PHE J 35 -35.62 0.48 -17.58
C PHE J 35 -36.82 1.37 -17.91
N TYR J 36 -37.82 0.76 -18.54
CA TYR J 36 -39.09 1.41 -18.76
C TYR J 36 -40.19 0.36 -18.67
N VAL J 37 -41.33 0.74 -18.10
CA VAL J 37 -42.44 -0.17 -17.88
C VAL J 37 -43.41 -0.04 -19.04
N ASP J 38 -43.61 -1.13 -19.77
CA ASP J 38 -44.64 -1.17 -20.81
C ASP J 38 -46.00 -1.23 -20.13
N LEU J 39 -46.73 -0.13 -20.15
CA LEU J 39 -47.97 -0.01 -19.38
C LEU J 39 -49.06 -0.94 -19.89
N GLU J 40 -49.01 -1.33 -21.17
CA GLU J 40 -50.05 -2.20 -21.72
C GLU J 40 -49.77 -3.68 -21.43
N ARG J 41 -48.49 -4.08 -21.34
CA ARG J 41 -48.14 -5.47 -21.16
C ARG J 41 -47.78 -5.81 -19.71
N LYS J 42 -47.72 -4.82 -18.82
CA LYS J 42 -47.32 -5.03 -17.43
C LYS J 42 -45.95 -5.70 -17.33
N GLU J 43 -44.97 -5.12 -18.01
CA GLU J 43 -43.65 -5.72 -18.12
C GLU J 43 -42.59 -4.65 -17.88
N THR J 44 -41.62 -4.96 -17.03
CA THR J 44 -40.47 -4.09 -16.81
C THR J 44 -39.39 -4.48 -17.81
N VAL J 45 -39.01 -3.55 -18.67
CA VAL J 45 -38.06 -3.81 -19.75
C VAL J 45 -36.76 -3.13 -19.38
N TRP J 46 -35.79 -3.92 -18.92
CA TRP J 46 -34.49 -3.38 -18.55
C TRP J 46 -33.65 -3.17 -19.81
N GLN J 47 -32.75 -2.19 -19.76
CA GLN J 47 -31.98 -1.76 -20.91
C GLN J 47 -30.53 -2.24 -20.87
N LEU J 48 -30.23 -3.28 -20.10
CA LEU J 48 -28.86 -3.79 -20.01
C LEU J 48 -28.88 -5.24 -19.56
N PRO J 49 -27.98 -6.08 -20.09
CA PRO J 49 -27.90 -7.46 -19.59
C PRO J 49 -27.54 -7.54 -18.12
N LEU J 50 -26.73 -6.59 -17.62
CA LEU J 50 -26.38 -6.58 -16.22
C LEU J 50 -27.59 -6.28 -15.33
N PHE J 51 -28.54 -5.49 -15.83
CA PHE J 51 -29.72 -5.16 -15.04
C PHE J 51 -30.69 -6.33 -14.95
N ARG J 52 -30.84 -7.10 -16.03
CA ARG J 52 -31.81 -8.20 -16.05
C ARG J 52 -31.44 -9.33 -15.10
N ARG J 53 -30.18 -9.42 -14.67
CA ARG J 53 -29.75 -10.54 -13.85
C ARG J 53 -29.75 -10.23 -12.35
N PHE J 54 -29.62 -8.95 -11.97
CA PHE J 54 -29.48 -8.59 -10.56
C PHE J 54 -30.54 -7.61 -10.07
N ARG J 55 -31.53 -7.25 -10.89
CA ARG J 55 -32.51 -6.25 -10.50
C ARG J 55 -33.93 -6.71 -10.84
N ARG J 56 -34.88 -6.21 -10.05
CA ARG J 56 -36.29 -6.55 -10.21
C ARG J 56 -37.14 -5.34 -9.86
N PHE J 57 -38.22 -5.12 -10.62
CA PHE J 57 -39.11 -3.99 -10.35
C PHE J 57 -40.56 -4.37 -10.65
N ASP J 58 -41.43 -4.16 -9.68
CA ASP J 58 -42.86 -4.45 -9.83
C ASP J 58 -43.51 -3.47 -10.78
N PRO J 59 -44.03 -3.92 -11.93
CA PRO J 59 -44.65 -2.97 -12.88
C PRO J 59 -45.93 -2.34 -12.36
N GLN J 60 -46.55 -2.90 -11.31
CA GLN J 60 -47.82 -2.35 -10.83
C GLN J 60 -47.63 -0.97 -10.22
N PHE J 61 -46.48 -0.70 -9.61
CA PHE J 61 -46.22 0.63 -9.07
C PHE J 61 -46.15 1.69 -10.15
N ALA J 62 -45.81 1.31 -11.38
CA ALA J 62 -45.83 2.25 -12.50
C ALA J 62 -47.26 2.58 -12.91
N LEU J 63 -48.08 1.55 -13.10
CA LEU J 63 -49.47 1.77 -13.51
C LEU J 63 -50.27 2.52 -12.45
N THR J 64 -49.95 2.32 -11.17
CA THR J 64 -50.62 3.06 -10.12
C THR J 64 -50.28 4.54 -10.19
N ASN J 65 -49.01 4.84 -10.41
CA ASN J 65 -48.54 6.21 -10.41
C ASN J 65 -48.98 6.96 -11.67
N ILE J 66 -48.97 6.27 -12.81
CA ILE J 66 -49.42 6.87 -14.06
C ILE J 66 -50.92 7.14 -14.01
N ALA J 67 -51.68 6.26 -13.33
CA ALA J 67 -53.11 6.49 -13.19
C ALA J 67 -53.40 7.73 -12.35
N VAL J 68 -52.51 8.07 -11.42
CA VAL J 68 -52.67 9.30 -10.64
C VAL J 68 -52.35 10.51 -11.51
N LEU J 69 -51.45 10.36 -12.48
CA LEU J 69 -51.14 11.45 -13.39
C LEU J 69 -52.37 11.85 -14.19
N LYS J 70 -53.09 10.87 -14.71
CA LYS J 70 -54.34 11.15 -15.42
C LYS J 70 -55.32 11.90 -14.53
N HIS J 71 -55.36 11.56 -13.24
CA HIS J 71 -56.19 12.29 -12.30
C HIS J 71 -55.68 13.69 -12.06
N ASN J 72 -54.37 13.82 -11.77
CA ASN J 72 -53.80 15.13 -11.50
C ASN J 72 -53.79 16.03 -12.73
N LEU J 73 -53.79 15.43 -13.92
CA LEU J 73 -53.78 16.24 -15.15
C LEU J 73 -55.09 16.99 -15.34
N ASN J 74 -56.22 16.35 -15.07
CA ASN J 74 -57.52 16.98 -15.28
C ASN J 74 -57.77 18.18 -14.38
N CYS J 75 -56.94 18.39 -13.36
CA CYS J 75 -57.08 19.55 -12.48
C CYS J 75 -56.26 20.74 -12.95
N VAL J 76 -55.01 20.50 -13.37
CA VAL J 76 -54.15 21.61 -13.77
C VAL J 76 -54.58 22.19 -15.11
N ILE J 77 -55.25 21.41 -15.96
CA ILE J 77 -55.88 21.99 -17.15
C ILE J 77 -57.00 22.93 -16.73
N LYS J 78 -57.77 22.56 -15.70
CA LYS J 78 -58.83 23.43 -15.22
C LYS J 78 -58.26 24.63 -14.45
N ARG J 79 -57.16 24.43 -13.72
CA ARG J 79 -56.61 25.51 -12.90
C ARG J 79 -55.87 26.54 -13.75
N SER J 80 -55.19 26.10 -14.81
CA SER J 80 -54.46 27.00 -15.69
C SER J 80 -55.34 27.54 -16.81
N ASN J 81 -56.66 27.33 -16.73
CA ASN J 81 -57.61 27.81 -17.73
C ASN J 81 -57.28 27.22 -19.10
N SER J 82 -56.95 25.93 -19.10
CA SER J 82 -56.66 25.16 -20.32
C SER J 82 -55.51 25.79 -21.11
N THR J 83 -54.35 25.82 -20.48
CA THR J 83 -53.12 26.30 -21.13
C THR J 83 -52.45 25.09 -21.77
N ALA J 84 -52.42 25.07 -23.11
CA ALA J 84 -51.90 23.92 -23.83
C ALA J 84 -50.38 23.94 -23.84
N ALA J 85 -49.80 22.86 -24.35
CA ALA J 85 -48.35 22.74 -24.44
C ALA J 85 -47.83 23.55 -25.62
N THR J 86 -46.60 24.02 -25.47
CA THR J 86 -45.91 24.78 -26.50
C THR J 86 -44.97 23.86 -27.28
N ASN J 87 -45.18 23.76 -28.59
CA ASN J 87 -44.34 22.92 -29.43
C ASN J 87 -42.95 23.54 -29.52
N GLU J 88 -41.93 22.78 -29.11
CA GLU J 88 -40.55 23.23 -29.18
C GLU J 88 -39.89 22.70 -30.45
N VAL J 89 -38.88 23.42 -30.91
CA VAL J 89 -38.17 23.02 -32.12
C VAL J 89 -37.07 22.02 -31.76
N PRO J 90 -37.14 20.80 -32.26
CA PRO J 90 -36.10 19.81 -31.92
C PRO J 90 -34.83 20.00 -32.73
N GLU J 91 -33.72 19.64 -32.12
CA GLU J 91 -32.40 19.67 -32.75
C GLU J 91 -31.93 18.24 -32.96
N VAL J 92 -31.60 17.91 -34.21
CA VAL J 92 -31.25 16.55 -34.61
C VAL J 92 -29.76 16.49 -34.90
N THR J 93 -29.12 15.41 -34.44
CA THR J 93 -27.70 15.18 -34.67
C THR J 93 -27.46 13.69 -34.87
N VAL J 94 -26.68 13.34 -35.90
CA VAL J 94 -26.41 11.96 -36.26
C VAL J 94 -24.92 11.71 -36.16
N PHE J 95 -24.54 10.61 -35.51
CA PHE J 95 -23.14 10.22 -35.40
C PHE J 95 -23.07 8.71 -35.21
N SER J 96 -21.88 8.17 -35.41
CA SER J 96 -21.63 6.74 -35.31
C SER J 96 -21.11 6.38 -33.93
N LYS J 97 -21.32 5.13 -33.54
CA LYS J 97 -20.89 4.68 -32.22
C LYS J 97 -19.40 4.40 -32.18
N SER J 98 -18.82 3.93 -33.26
CA SER J 98 -17.41 3.56 -33.38
C SER J 98 -16.83 4.19 -34.63
N PRO J 99 -15.50 4.33 -34.69
CA PRO J 99 -14.87 4.83 -35.92
C PRO J 99 -15.27 3.99 -37.12
N VAL J 100 -15.46 4.66 -38.26
CA VAL J 100 -16.03 4.03 -39.43
C VAL J 100 -14.93 3.33 -40.24
N THR J 101 -15.11 2.04 -40.47
CA THR J 101 -14.22 1.23 -41.30
C THR J 101 -15.11 0.42 -42.24
N LEU J 102 -14.84 0.52 -43.54
CA LEU J 102 -15.59 -0.24 -44.54
C LEU J 102 -15.52 -1.74 -44.25
N GLY J 103 -16.68 -2.39 -44.32
CA GLY J 103 -16.80 -3.81 -44.09
C GLY J 103 -16.94 -4.23 -42.64
N GLN J 104 -16.47 -3.41 -41.70
CA GLN J 104 -16.57 -3.76 -40.29
C GLN J 104 -17.88 -3.20 -39.72
N PRO J 105 -18.70 -4.03 -39.09
CA PRO J 105 -20.02 -3.57 -38.62
C PRO J 105 -19.92 -2.41 -37.65
N ASN J 106 -20.88 -1.49 -37.75
CA ASN J 106 -20.94 -0.29 -36.92
C ASN J 106 -22.39 -0.04 -36.53
N THR J 107 -22.66 1.10 -35.89
CA THR J 107 -24.01 1.44 -35.47
C THR J 107 -24.20 2.96 -35.52
N LEU J 108 -25.22 3.40 -36.24
CA LEU J 108 -25.55 4.83 -36.31
C LEU J 108 -26.45 5.25 -35.15
N ILE J 109 -26.24 6.48 -34.68
CA ILE J 109 -26.97 7.05 -33.56
C ILE J 109 -27.58 8.38 -34.01
N CYS J 110 -28.88 8.54 -33.80
CA CYS J 110 -29.60 9.77 -34.14
C CYS J 110 -30.16 10.39 -32.87
N LEU J 111 -29.56 11.51 -32.44
CA LEU J 111 -29.99 12.23 -31.26
C LEU J 111 -30.99 13.33 -31.63
N VAL J 112 -32.17 13.29 -31.01
CA VAL J 112 -33.20 14.30 -31.21
C VAL J 112 -33.40 15.01 -29.87
N ASP J 113 -32.83 16.21 -29.75
CA ASP J 113 -32.85 16.97 -28.51
C ASP J 113 -33.95 18.03 -28.54
N ASN J 114 -34.32 18.50 -27.35
CA ASN J 114 -35.35 19.55 -27.17
C ASN J 114 -36.69 19.11 -27.78
N ILE J 115 -37.21 18.01 -27.23
CA ILE J 115 -38.48 17.46 -27.67
C ILE J 115 -39.57 17.90 -26.69
N PHE J 116 -40.61 18.55 -27.21
CA PHE J 116 -41.80 18.84 -26.42
C PHE J 116 -42.94 19.27 -27.35
N PRO J 117 -44.13 18.67 -27.24
CA PRO J 117 -44.47 17.57 -26.31
C PRO J 117 -43.87 16.23 -26.75
N PRO J 118 -43.82 15.25 -25.84
CA PRO J 118 -43.20 13.96 -26.19
C PRO J 118 -44.00 13.16 -27.21
N VAL J 119 -44.09 13.67 -28.44
CA VAL J 119 -44.73 12.97 -29.56
C VAL J 119 -43.85 13.22 -30.78
N VAL J 120 -43.23 12.15 -31.29
CA VAL J 120 -42.27 12.28 -32.38
C VAL J 120 -42.18 10.95 -33.10
N ASN J 121 -41.87 11.01 -34.40
CA ASN J 121 -41.58 9.83 -35.21
C ASN J 121 -40.13 9.93 -35.68
N ILE J 122 -39.33 8.93 -35.32
CA ILE J 122 -37.93 8.86 -35.74
C ILE J 122 -37.75 7.61 -36.59
N THR J 123 -37.60 7.79 -37.90
CA THR J 123 -37.42 6.70 -38.84
C THR J 123 -36.12 6.89 -39.59
N TRP J 124 -35.53 5.78 -40.04
CA TRP J 124 -34.28 5.80 -40.77
C TRP J 124 -34.52 5.66 -42.26
N LEU J 125 -33.55 6.12 -43.04
CA LEU J 125 -33.62 6.07 -44.49
C LEU J 125 -32.26 5.69 -45.05
N SER J 126 -32.22 4.67 -45.89
CA SER J 126 -30.99 4.25 -46.55
C SER J 126 -31.18 4.42 -48.06
N ASN J 127 -30.55 5.46 -48.60
CA ASN J 127 -30.66 5.80 -50.02
C ASN J 127 -32.12 5.97 -50.43
N GLY J 128 -32.89 6.65 -49.57
CA GLY J 128 -34.28 6.99 -49.82
C GLY J 128 -35.34 6.10 -49.18
N HIS J 129 -35.24 4.78 -49.31
CA HIS J 129 -36.28 3.93 -48.73
C HIS J 129 -36.05 3.73 -47.24
N SER J 130 -37.14 3.59 -46.50
CA SER J 130 -37.08 3.46 -45.05
C SER J 130 -36.68 2.06 -44.63
N VAL J 131 -35.73 1.98 -43.68
CA VAL J 131 -35.23 0.72 -43.13
C VAL J 131 -36.03 0.38 -41.87
N THR J 132 -36.37 -0.90 -41.74
CA THR J 132 -37.14 -1.37 -40.59
C THR J 132 -36.42 -2.41 -39.74
N GLU J 133 -35.42 -3.10 -40.27
CA GLU J 133 -34.71 -4.13 -39.53
C GLU J 133 -33.39 -3.58 -38.99
N GLY J 134 -33.03 -4.02 -37.79
CA GLY J 134 -31.84 -3.54 -37.13
C GLY J 134 -31.99 -2.19 -36.49
N VAL J 135 -33.23 -1.73 -36.30
CA VAL J 135 -33.53 -0.42 -35.71
C VAL J 135 -34.12 -0.62 -34.33
N SER J 136 -33.51 0.01 -33.34
CA SER J 136 -34.06 0.06 -31.98
C SER J 136 -33.76 1.44 -31.41
N GLU J 137 -34.63 1.87 -30.49
CA GLU J 137 -34.50 3.21 -29.93
C GLU J 137 -34.79 3.18 -28.44
N THR J 138 -34.41 4.26 -27.77
CA THR J 138 -34.69 4.43 -26.34
C THR J 138 -36.01 5.17 -26.16
N SER J 139 -36.45 5.22 -24.90
CA SER J 139 -37.67 5.94 -24.53
C SER J 139 -37.37 7.44 -24.46
N PHE J 140 -38.32 8.21 -23.94
CA PHE J 140 -38.14 9.64 -23.76
C PHE J 140 -37.28 9.87 -22.52
N LEU J 141 -36.04 10.29 -22.72
CA LEU J 141 -35.16 10.61 -21.60
C LEU J 141 -35.43 12.03 -21.12
N SER J 142 -35.53 12.20 -19.80
CA SER J 142 -35.91 13.48 -19.23
C SER J 142 -34.73 14.44 -19.22
N LYS J 143 -35.06 15.73 -19.27
CA LYS J 143 -34.07 16.80 -19.22
C LYS J 143 -34.35 17.68 -18.00
N SER J 144 -33.35 18.51 -17.66
CA SER J 144 -33.49 19.39 -16.50
C SER J 144 -34.53 20.47 -16.73
N ASP J 145 -34.70 20.93 -17.97
CA ASP J 145 -35.71 21.92 -18.31
C ASP J 145 -37.06 21.30 -18.63
N HIS J 146 -37.28 20.07 -18.15
CA HIS J 146 -38.57 19.38 -18.23
C HIS J 146 -39.00 19.07 -19.66
N SER J 147 -38.08 19.15 -20.61
CA SER J 147 -38.31 18.64 -21.95
C SER J 147 -37.74 17.22 -22.04
N PHE J 148 -37.63 16.68 -23.25
CA PHE J 148 -37.15 15.33 -23.45
C PHE J 148 -36.23 15.27 -24.65
N PHE J 149 -35.47 14.17 -24.72
CA PHE J 149 -34.68 13.85 -25.90
C PHE J 149 -34.73 12.34 -26.12
N LYS J 150 -34.72 11.94 -27.39
CA LYS J 150 -34.80 10.54 -27.76
C LYS J 150 -33.61 10.17 -28.65
N ILE J 151 -33.19 8.91 -28.56
CA ILE J 151 -32.07 8.39 -29.32
C ILE J 151 -32.52 7.16 -30.07
N SER J 152 -32.36 7.17 -31.39
CA SER J 152 -32.68 6.02 -32.23
C SER J 152 -31.39 5.43 -32.80
N TYR J 153 -31.33 4.11 -32.85
CA TYR J 153 -30.14 3.40 -33.30
C TYR J 153 -30.41 2.64 -34.59
N LEU J 154 -29.34 2.41 -35.36
CA LEU J 154 -29.42 1.65 -36.61
C LEU J 154 -28.10 0.94 -36.81
N THR J 155 -28.07 -0.37 -36.59
CA THR J 155 -26.90 -1.18 -36.88
C THR J 155 -26.81 -1.40 -38.39
N PHE J 156 -25.66 -1.04 -38.97
CA PHE J 156 -25.49 -1.08 -40.41
C PHE J 156 -24.09 -1.57 -40.74
N LEU J 157 -23.86 -1.80 -42.03
CA LEU J 157 -22.56 -2.23 -42.52
C LEU J 157 -22.01 -1.16 -43.47
N PRO J 158 -20.94 -0.44 -43.08
CA PRO J 158 -20.45 0.66 -43.92
C PRO J 158 -20.00 0.17 -45.29
N SER J 159 -20.57 0.77 -46.32
CA SER J 159 -20.25 0.45 -47.70
C SER J 159 -20.06 1.74 -48.49
N ALA J 160 -19.43 1.62 -49.65
CA ALA J 160 -19.18 2.79 -50.50
C ALA J 160 -20.47 3.32 -51.13
N ASP J 161 -21.45 2.46 -51.36
CA ASP J 161 -22.67 2.88 -52.04
C ASP J 161 -23.90 2.75 -51.16
N GLU J 162 -23.87 3.39 -49.98
CA GLU J 162 -25.02 3.42 -49.09
C GLU J 162 -24.93 4.65 -48.21
N ILE J 163 -25.88 5.57 -48.38
CA ILE J 163 -25.92 6.83 -47.64
C ILE J 163 -27.19 6.86 -46.80
N TYR J 164 -27.03 7.09 -45.50
CA TYR J 164 -28.12 7.02 -44.54
C TYR J 164 -28.64 8.40 -44.13
N ASP J 165 -29.90 8.43 -43.72
CA ASP J 165 -30.56 9.65 -43.29
C ASP J 165 -31.39 9.36 -42.04
N CYS J 166 -31.56 10.38 -41.21
CA CYS J 166 -32.45 10.31 -40.05
C CYS J 166 -33.59 11.29 -40.28
N LYS J 167 -34.82 10.77 -40.30
CA LYS J 167 -36.02 11.54 -40.60
C LYS J 167 -36.81 11.76 -39.32
N VAL J 168 -36.94 13.02 -38.90
CA VAL J 168 -37.63 13.38 -37.67
C VAL J 168 -38.90 14.15 -38.02
N GLU J 169 -40.03 13.69 -37.49
CA GLU J 169 -41.33 14.34 -37.69
C GLU J 169 -41.83 14.81 -36.34
N HIS J 170 -42.01 16.13 -36.19
CA HIS J 170 -42.45 16.70 -34.93
C HIS J 170 -43.37 17.88 -35.23
N TRP J 171 -44.22 18.21 -34.26
CA TRP J 171 -45.16 19.32 -34.44
C TRP J 171 -44.45 20.67 -34.43
N GLY J 172 -43.35 20.80 -33.70
CA GLY J 172 -42.61 22.05 -33.72
C GLY J 172 -41.98 22.37 -35.05
N LEU J 173 -41.81 21.36 -35.91
CA LEU J 173 -41.28 21.55 -37.25
C LEU J 173 -42.41 21.74 -38.25
N ASP J 174 -42.10 22.45 -39.34
CA ASP J 174 -43.06 22.64 -40.43
C ASP J 174 -43.01 21.49 -41.43
N GLU J 175 -41.84 20.93 -41.67
CA GLU J 175 -41.62 19.83 -42.59
C GLU J 175 -40.74 18.79 -41.94
N PRO J 176 -40.81 17.53 -42.38
CA PRO J 176 -39.93 16.50 -41.82
C PRO J 176 -38.46 16.87 -41.98
N LEU J 177 -37.74 16.87 -40.85
CA LEU J 177 -36.35 17.26 -40.83
C LEU J 177 -35.47 16.05 -41.14
N LEU J 178 -34.56 16.22 -42.10
CA LEU J 178 -33.65 15.17 -42.51
C LEU J 178 -32.22 15.56 -42.13
N LYS J 179 -31.53 14.68 -41.43
CA LYS J 179 -30.12 14.87 -41.09
C LYS J 179 -29.33 13.79 -41.80
N HIS J 180 -28.24 14.19 -42.47
CA HIS J 180 -27.50 13.31 -43.35
C HIS J 180 -26.26 12.74 -42.65
N TRP J 181 -25.90 11.53 -43.06
CA TRP J 181 -24.68 10.88 -42.61
C TRP J 181 -24.21 9.90 -43.67
N GLU J 182 -22.91 9.91 -43.95
CA GLU J 182 -22.32 9.04 -44.95
C GLU J 182 -20.86 8.81 -44.61
N PRO J 183 -20.29 7.66 -44.98
CA PRO J 183 -18.87 7.43 -44.74
C PRO J 183 -17.99 8.31 -45.60
N GLU J 184 -17.49 9.40 -45.02
CA GLU J 184 -16.57 10.31 -45.70
C GLU J 184 -15.38 9.59 -46.32
N SER K 3 -51.67 21.12 -36.21
CA SER K 3 -51.02 20.74 -34.95
C SER K 3 -52.03 20.72 -33.80
N PRO K 4 -52.41 19.52 -33.37
CA PRO K 4 -53.39 19.41 -32.29
C PRO K 4 -52.80 19.79 -30.95
N GLU K 5 -53.64 20.38 -30.10
CA GLU K 5 -53.21 20.78 -28.77
C GLU K 5 -52.94 19.56 -27.90
N ASP K 6 -51.99 19.72 -26.98
CA ASP K 6 -51.57 18.64 -26.11
C ASP K 6 -51.40 19.15 -24.69
N PHE K 7 -51.80 18.34 -23.71
CA PHE K 7 -51.65 18.66 -22.30
C PHE K 7 -50.80 17.58 -21.65
N VAL K 8 -49.64 17.99 -21.13
CA VAL K 8 -48.64 17.08 -20.59
C VAL K 8 -48.54 17.29 -19.08
N TYR K 9 -48.43 16.19 -18.34
CA TYR K 9 -48.22 16.22 -16.89
C TYR K 9 -47.07 15.28 -16.57
N GLN K 10 -46.14 15.76 -15.73
CA GLN K 10 -44.94 15.00 -15.40
C GLN K 10 -44.73 14.96 -13.89
N PHE K 11 -44.03 13.92 -13.45
CA PHE K 11 -43.60 13.78 -12.06
C PHE K 11 -42.22 13.14 -12.06
N LYS K 12 -41.28 13.77 -11.35
CA LYS K 12 -39.88 13.32 -11.34
C LYS K 12 -39.41 13.21 -9.89
N GLY K 13 -39.33 11.98 -9.38
CA GLY K 13 -38.75 11.74 -8.08
C GLY K 13 -37.25 11.56 -8.16
N MET K 14 -36.49 12.64 -7.94
CA MET K 14 -35.06 12.64 -8.18
C MET K 14 -34.29 12.55 -6.86
N CYS K 15 -33.26 11.72 -6.84
CA CYS K 15 -32.36 11.57 -5.71
C CYS K 15 -30.98 12.12 -6.06
N TYR K 16 -30.37 12.81 -5.10
CA TYR K 16 -29.04 13.40 -5.26
C TYR K 16 -28.11 12.79 -4.23
N PHE K 17 -27.07 12.09 -4.69
CA PHE K 17 -26.12 11.40 -3.84
C PHE K 17 -24.78 12.12 -3.85
N THR K 18 -24.15 12.22 -2.68
CA THR K 18 -22.83 12.83 -2.56
C THR K 18 -22.03 12.10 -1.50
N ASN K 19 -20.79 11.73 -1.84
CA ASN K 19 -19.89 11.02 -0.91
C ASN K 19 -20.49 9.71 -0.43
N GLY K 20 -21.22 9.03 -1.32
CA GLY K 20 -21.89 7.80 -0.96
C GLY K 20 -23.28 8.04 -0.41
N THR K 21 -23.71 7.22 0.55
CA THR K 21 -25.02 7.36 1.18
C THR K 21 -25.00 8.34 2.34
N GLU K 22 -23.93 9.11 2.50
CA GLU K 22 -23.85 10.06 3.61
C GLU K 22 -24.67 11.32 3.34
N ARG K 23 -24.40 12.02 2.24
CA ARG K 23 -25.14 13.22 1.86
C ARG K 23 -26.15 12.90 0.76
N VAL K 24 -27.40 12.65 1.17
CA VAL K 24 -28.48 12.34 0.23
C VAL K 24 -29.58 13.39 0.37
N ARG K 25 -30.07 13.90 -0.77
CA ARG K 25 -31.14 14.89 -0.82
C ARG K 25 -32.19 14.42 -1.82
N LEU K 26 -33.45 14.39 -1.40
CA LEU K 26 -34.56 13.96 -2.25
C LEU K 26 -35.41 15.17 -2.65
N VAL K 27 -35.69 15.30 -3.94
CA VAL K 27 -36.54 16.36 -4.47
C VAL K 27 -37.51 15.75 -5.48
N THR K 28 -38.79 15.69 -5.12
CA THR K 28 -39.83 15.26 -6.03
C THR K 28 -40.43 16.48 -6.71
N ARG K 29 -40.58 16.42 -8.04
CA ARG K 29 -41.00 17.55 -8.83
C ARG K 29 -42.31 17.22 -9.53
N TYR K 30 -43.35 18.03 -9.28
CA TYR K 30 -44.64 17.90 -9.94
C TYR K 30 -44.72 18.97 -11.02
N ILE K 31 -44.71 18.54 -12.28
CA ILE K 31 -44.52 19.41 -13.42
C ILE K 31 -45.75 19.34 -14.31
N TYR K 32 -46.29 20.50 -14.68
CA TYR K 32 -47.36 20.60 -15.65
C TYR K 32 -46.77 21.17 -16.93
N ASN K 33 -46.92 20.44 -18.04
CA ASN K 33 -46.24 20.75 -19.29
C ASN K 33 -44.74 20.90 -19.05
N ARG K 34 -44.26 22.15 -19.05
CA ARG K 34 -42.88 22.46 -18.75
C ARG K 34 -42.72 23.33 -17.51
N GLU K 35 -43.82 23.75 -16.89
CA GLU K 35 -43.79 24.60 -15.70
C GLU K 35 -43.93 23.73 -14.47
N GLU K 36 -42.85 23.61 -13.69
CA GLU K 36 -42.89 22.91 -12.42
C GLU K 36 -43.62 23.76 -11.38
N TYR K 37 -44.76 23.27 -10.90
CA TYR K 37 -45.61 24.07 -10.01
C TYR K 37 -45.56 23.67 -8.55
N ALA K 38 -45.17 22.44 -8.23
CA ALA K 38 -45.09 22.02 -6.84
C ALA K 38 -43.95 21.02 -6.68
N ARG K 39 -43.23 21.12 -5.57
CA ARG K 39 -42.11 20.23 -5.32
C ARG K 39 -41.99 19.95 -3.82
N PHE K 40 -41.50 18.76 -3.51
CA PHE K 40 -41.14 18.36 -2.16
C PHE K 40 -39.63 18.26 -2.07
N ASP K 41 -39.06 18.77 -0.98
CA ASP K 41 -37.62 18.75 -0.79
C ASP K 41 -37.29 18.12 0.56
N SER K 42 -36.41 17.12 0.54
CA SER K 42 -35.97 16.51 1.79
C SER K 42 -35.16 17.50 2.62
N ASP K 43 -34.44 18.41 1.96
CA ASP K 43 -33.70 19.44 2.67
C ASP K 43 -34.64 20.42 3.37
N VAL K 44 -35.74 20.77 2.71
CA VAL K 44 -36.75 21.64 3.32
C VAL K 44 -37.61 20.86 4.31
N GLY K 45 -38.15 19.72 3.86
CA GLY K 45 -38.93 18.84 4.70
C GLY K 45 -40.42 18.84 4.40
N VAL K 46 -40.93 19.81 3.65
CA VAL K 46 -42.36 19.91 3.36
C VAL K 46 -42.54 20.22 1.87
N TYR K 47 -43.80 20.15 1.44
CA TYR K 47 -44.15 20.51 0.07
C TYR K 47 -44.18 22.03 -0.09
N ARG K 48 -43.55 22.53 -1.15
CA ARG K 48 -43.49 23.95 -1.44
C ARG K 48 -44.15 24.23 -2.78
N ALA K 49 -44.86 25.36 -2.86
CA ALA K 49 -45.42 25.81 -4.11
C ALA K 49 -44.39 26.68 -4.82
N VAL K 50 -44.18 26.43 -6.11
CA VAL K 50 -43.18 27.14 -6.87
C VAL K 50 -43.78 28.16 -7.84
N THR K 51 -44.97 27.91 -8.37
CA THR K 51 -45.65 28.82 -9.26
C THR K 51 -47.08 28.99 -8.78
N PRO K 52 -47.80 30.01 -9.25
CA PRO K 52 -49.19 30.21 -8.80
C PRO K 52 -50.12 29.02 -9.05
N LEU K 53 -49.70 28.05 -9.85
CA LEU K 53 -50.49 26.83 -10.04
C LEU K 53 -50.30 25.82 -8.91
N GLY K 54 -49.54 26.17 -7.88
CA GLY K 54 -49.13 25.23 -6.87
C GLY K 54 -49.64 25.39 -5.44
N PRO K 55 -49.97 26.60 -5.00
CA PRO K 55 -50.49 26.76 -3.63
C PRO K 55 -51.65 25.83 -3.31
N PRO K 56 -52.65 25.69 -4.20
CA PRO K 56 -53.73 24.74 -3.89
C PRO K 56 -53.28 23.29 -3.79
N ALA K 57 -52.15 22.94 -4.41
CA ALA K 57 -51.64 21.57 -4.35
C ALA K 57 -50.58 21.36 -3.27
N ALA K 58 -49.74 22.36 -3.00
CA ALA K 58 -48.71 22.19 -1.98
C ALA K 58 -49.32 22.18 -0.58
N GLU K 59 -50.31 23.05 -0.35
CA GLU K 59 -50.94 23.12 0.96
C GLU K 59 -51.89 21.95 1.21
N TYR K 60 -52.44 21.35 0.15
CA TYR K 60 -53.27 20.16 0.33
C TYR K 60 -52.40 18.96 0.70
N TRP K 61 -51.21 18.86 0.11
CA TRP K 61 -50.31 17.76 0.42
C TRP K 61 -49.62 17.92 1.76
N ASN K 62 -49.55 19.16 2.29
CA ASN K 62 -49.04 19.37 3.64
C ASN K 62 -50.12 19.18 4.70
N SER K 63 -51.40 19.27 4.31
CA SER K 63 -52.48 19.08 5.26
C SER K 63 -52.59 17.61 5.67
N GLN K 64 -52.37 16.70 4.72
CA GLN K 64 -52.39 15.28 5.02
C GLN K 64 -51.10 14.91 5.74
N LYS K 65 -51.21 14.32 6.92
CA LYS K 65 -50.02 13.99 7.68
C LYS K 65 -49.44 12.63 7.32
N GLU K 66 -50.25 11.70 6.85
CA GLU K 66 -49.73 10.41 6.39
C GLU K 66 -49.17 10.49 4.97
N VAL K 67 -49.59 11.49 4.19
CA VAL K 67 -49.07 11.66 2.85
C VAL K 67 -47.76 12.44 2.89
N LEU K 68 -47.61 13.36 3.85
CA LEU K 68 -46.35 14.04 4.04
C LEU K 68 -45.34 13.13 4.75
N GLU K 69 -45.83 12.18 5.55
CA GLU K 69 -44.97 11.22 6.20
C GLU K 69 -44.52 10.13 5.24
N ARG K 70 -45.40 9.73 4.32
CA ARG K 70 -45.00 8.74 3.30
C ARG K 70 -43.94 9.31 2.38
N THR K 71 -43.96 10.62 2.14
CA THR K 71 -42.99 11.24 1.22
C THR K 71 -41.66 11.51 1.92
N ARG K 72 -41.70 11.90 3.20
CA ARG K 72 -40.46 12.12 3.95
C ARG K 72 -39.68 10.83 4.12
N ALA K 73 -40.37 9.70 4.28
CA ALA K 73 -39.69 8.42 4.44
C ALA K 73 -39.07 7.90 3.15
N GLU K 74 -39.45 8.48 2.00
CA GLU K 74 -38.88 8.04 0.72
C GLU K 74 -37.40 8.37 0.61
N LEU K 75 -36.88 9.26 1.46
CA LEU K 75 -35.44 9.51 1.48
C LEU K 75 -34.68 8.25 1.85
N ASP K 76 -35.29 7.36 2.63
CA ASP K 76 -34.70 6.10 3.02
C ASP K 76 -35.22 4.91 2.22
N THR K 77 -36.49 4.93 1.82
CA THR K 77 -37.10 3.81 1.12
C THR K 77 -36.98 3.89 -0.40
N VAL K 78 -36.52 5.03 -0.94
CA VAL K 78 -36.38 5.17 -2.38
C VAL K 78 -34.94 5.55 -2.74
N CYS K 79 -34.45 6.65 -2.17
CA CYS K 79 -33.10 7.11 -2.50
C CYS K 79 -32.05 6.17 -1.93
N ARG K 80 -32.00 6.05 -0.60
CA ARG K 80 -31.00 5.20 0.03
C ARG K 80 -31.26 3.71 -0.20
N HIS K 81 -32.50 3.33 -0.50
CA HIS K 81 -32.80 1.92 -0.76
C HIS K 81 -32.25 1.48 -2.11
N ASN K 82 -32.43 2.30 -3.14
CA ASN K 82 -31.94 1.95 -4.47
C ASN K 82 -30.42 2.11 -4.60
N TYR K 83 -29.81 3.01 -3.82
CA TYR K 83 -28.36 3.21 -3.95
C TYR K 83 -27.59 1.96 -3.59
N GLN K 84 -28.11 1.16 -2.66
CA GLN K 84 -27.49 -0.13 -2.35
C GLN K 84 -27.59 -1.10 -3.51
N LEU K 85 -28.59 -0.92 -4.39
CA LEU K 85 -28.72 -1.74 -5.59
C LEU K 85 -27.89 -1.18 -6.75
N GLU K 86 -27.67 0.14 -6.78
CA GLU K 86 -26.71 0.70 -7.74
C GLU K 86 -25.29 0.31 -7.40
N LEU K 87 -25.03 0.04 -6.11
CA LEU K 87 -23.68 -0.26 -5.66
C LEU K 87 -23.19 -1.62 -6.14
N ARG K 88 -24.10 -2.51 -6.54
CA ARG K 88 -23.72 -3.84 -7.01
C ARG K 88 -23.84 -4.01 -8.52
N THR K 89 -24.39 -3.03 -9.25
CA THR K 89 -24.54 -3.13 -10.69
C THR K 89 -23.92 -1.93 -11.40
N THR K 90 -24.52 -0.76 -11.21
CA THR K 90 -24.09 0.42 -11.94
C THR K 90 -22.73 0.92 -11.46
N LEU K 91 -22.59 1.11 -10.15
CA LEU K 91 -21.36 1.68 -9.60
C LEU K 91 -20.17 0.74 -9.69
N GLN K 92 -20.35 -0.50 -10.15
CA GLN K 92 -19.25 -1.41 -10.43
C GLN K 92 -18.99 -1.61 -11.92
N ARG K 93 -19.81 -1.03 -12.79
CA ARG K 93 -19.68 -1.26 -14.22
C ARG K 93 -18.45 -0.54 -14.76
N ARG K 94 -17.53 -1.31 -15.33
CA ARG K 94 -16.30 -0.78 -15.92
C ARG K 94 -16.19 -1.30 -17.35
N VAL K 95 -16.14 -0.38 -18.31
CA VAL K 95 -15.99 -0.72 -19.72
C VAL K 95 -14.70 -0.09 -20.22
N GLU K 96 -13.80 -0.92 -20.72
CA GLU K 96 -12.51 -0.39 -21.15
C GLU K 96 -12.65 0.30 -22.49
N PRO K 97 -12.03 1.46 -22.68
CA PRO K 97 -12.19 2.19 -23.93
C PRO K 97 -11.35 1.56 -25.03
N THR K 98 -11.89 1.54 -26.24
CA THR K 98 -11.16 1.07 -27.40
C THR K 98 -10.57 2.31 -28.06
N VAL K 99 -9.26 2.47 -27.97
CA VAL K 99 -8.57 3.67 -28.45
C VAL K 99 -8.04 3.37 -29.84
N THR K 100 -8.23 4.32 -30.75
CA THR K 100 -7.83 4.16 -32.13
C THR K 100 -7.33 5.50 -32.65
N ILE K 101 -6.19 5.48 -33.33
CA ILE K 101 -5.59 6.67 -33.92
C ILE K 101 -5.67 6.54 -35.43
N SER K 102 -6.12 7.61 -36.08
CA SER K 102 -6.26 7.60 -37.52
C SER K 102 -6.31 9.04 -38.01
N PRO K 103 -5.66 9.36 -39.12
CA PRO K 103 -5.69 10.73 -39.64
C PRO K 103 -7.03 11.05 -40.29
N SER K 104 -7.30 12.34 -40.38
CA SER K 104 -8.57 12.81 -40.93
C SER K 104 -8.59 12.70 -42.45
N LEU K 109 4.47 13.37 -46.60
CA LEU K 109 3.70 14.59 -46.83
C LEU K 109 4.12 15.71 -45.88
N ASN K 110 4.18 16.94 -46.42
CA ASN K 110 4.47 18.11 -45.62
C ASN K 110 3.25 18.98 -45.35
N HIS K 111 2.10 18.69 -45.98
CA HIS K 111 0.89 19.46 -45.71
C HIS K 111 0.34 19.13 -44.34
N HIS K 112 -0.11 20.18 -43.64
CA HIS K 112 -0.72 20.02 -42.34
C HIS K 112 -1.99 19.18 -42.45
N ASN K 113 -2.18 18.30 -41.49
CA ASN K 113 -3.37 17.45 -41.45
C ASN K 113 -3.82 17.38 -40.00
N LEU K 114 -4.72 16.46 -39.71
CA LEU K 114 -5.30 16.33 -38.38
C LEU K 114 -5.40 14.87 -37.97
N LEU K 115 -4.76 14.55 -36.85
CA LEU K 115 -4.76 13.20 -36.30
C LEU K 115 -5.85 13.09 -35.25
N VAL K 116 -6.73 12.11 -35.40
CA VAL K 116 -7.90 11.91 -34.56
C VAL K 116 -7.66 10.69 -33.68
N CYS K 117 -7.64 10.91 -32.37
CA CYS K 117 -7.55 9.83 -31.39
C CYS K 117 -8.97 9.53 -30.91
N SER K 118 -9.57 8.47 -31.46
CA SER K 118 -10.96 8.13 -31.16
C SER K 118 -10.99 7.20 -29.96
N VAL K 119 -11.40 7.74 -28.81
CA VAL K 119 -11.60 6.95 -27.60
C VAL K 119 -13.09 6.68 -27.52
N THR K 120 -13.50 5.45 -27.85
CA THR K 120 -14.90 5.12 -28.05
C THR K 120 -15.34 3.99 -27.13
N ASP K 121 -16.64 4.01 -26.80
CA ASP K 121 -17.30 3.01 -25.96
C ASP K 121 -16.60 2.85 -24.62
N PHE K 122 -16.90 3.75 -23.67
CA PHE K 122 -16.35 3.62 -22.32
C PHE K 122 -17.38 4.09 -21.30
N TYR K 123 -17.26 3.55 -20.09
CA TYR K 123 -18.12 3.87 -18.95
C TYR K 123 -17.34 3.56 -17.67
N PRO K 124 -17.36 4.43 -16.66
CA PRO K 124 -18.14 5.67 -16.57
C PRO K 124 -17.57 6.85 -17.36
N ALA K 125 -18.00 8.06 -17.00
CA ALA K 125 -17.71 9.24 -17.79
C ALA K 125 -16.34 9.84 -17.54
N GLN K 126 -15.76 9.61 -16.36
CA GLN K 126 -14.45 10.18 -16.03
C GLN K 126 -13.38 9.60 -16.93
N ILE K 127 -12.70 10.47 -17.70
CA ILE K 127 -11.67 10.02 -18.62
C ILE K 127 -10.78 11.22 -18.93
N LYS K 128 -9.48 10.94 -19.16
CA LYS K 128 -8.51 11.96 -19.54
C LYS K 128 -7.72 11.46 -20.74
N VAL K 129 -7.67 12.28 -21.79
CA VAL K 129 -6.94 11.94 -23.01
C VAL K 129 -5.86 13.00 -23.22
N ARG K 130 -4.65 12.55 -23.55
CA ARG K 130 -3.53 13.45 -23.76
C ARG K 130 -2.76 13.05 -25.02
N TRP K 131 -2.32 14.04 -25.78
CA TRP K 131 -1.51 13.83 -26.97
C TRP K 131 -0.03 14.04 -26.65
N PHE K 132 0.82 13.28 -27.33
CA PHE K 132 2.26 13.31 -27.08
C PHE K 132 3.00 13.23 -28.41
N ARG K 133 3.78 14.27 -28.71
CA ARG K 133 4.68 14.27 -29.84
C ARG K 133 6.06 13.84 -29.35
N ASN K 134 6.54 12.70 -29.85
CA ASN K 134 7.73 12.04 -29.33
C ASN K 134 7.60 11.85 -27.83
N ASP K 135 7.97 12.85 -27.04
CA ASP K 135 7.80 12.78 -25.59
C ASP K 135 7.47 14.14 -24.98
N GLN K 136 6.97 15.07 -25.79
CA GLN K 136 6.55 16.39 -25.33
C GLN K 136 5.03 16.48 -25.36
N GLU K 137 4.42 16.68 -24.19
CA GLU K 137 2.97 16.77 -24.10
C GLU K 137 2.47 17.95 -24.92
N GLU K 138 1.52 17.68 -25.80
CA GLU K 138 1.01 18.70 -26.72
C GLU K 138 0.05 19.63 -25.99
N THR K 139 0.51 20.84 -25.70
CA THR K 139 -0.31 21.87 -25.07
C THR K 139 -0.99 22.79 -26.06
N THR K 140 -0.70 22.65 -27.37
CA THR K 140 -1.35 23.43 -28.41
C THR K 140 -1.77 22.53 -29.56
N GLY K 141 -2.88 22.88 -30.19
CA GLY K 141 -3.39 22.11 -31.31
C GLY K 141 -4.28 20.96 -30.95
N VAL K 142 -4.71 20.84 -29.70
CA VAL K 142 -5.57 19.73 -29.27
C VAL K 142 -7.02 20.20 -29.37
N VAL K 143 -7.76 19.63 -30.32
CA VAL K 143 -9.17 19.94 -30.51
C VAL K 143 -9.96 18.75 -29.99
N SER K 144 -10.60 18.93 -28.84
CA SER K 144 -11.36 17.87 -28.19
C SER K 144 -12.85 18.15 -28.30
N THR K 145 -13.61 17.12 -28.58
CA THR K 145 -15.05 17.23 -28.60
C THR K 145 -15.62 17.00 -27.20
N PRO K 146 -16.78 17.56 -26.88
CA PRO K 146 -17.38 17.28 -25.57
C PRO K 146 -17.73 15.80 -25.46
N LEU K 147 -17.92 15.36 -24.21
CA LEU K 147 -18.22 13.96 -23.96
C LEU K 147 -19.54 13.59 -24.62
N ILE K 148 -19.49 12.61 -25.52
CA ILE K 148 -20.67 12.19 -26.28
C ILE K 148 -21.36 11.06 -25.54
N ARG K 149 -22.65 11.24 -25.29
CA ARG K 149 -23.46 10.23 -24.61
C ARG K 149 -24.15 9.38 -25.67
N ASN K 150 -23.70 8.13 -25.83
CA ASN K 150 -24.29 7.26 -26.85
C ASN K 150 -25.71 6.86 -26.49
N GLY K 151 -26.04 6.84 -25.19
CA GLY K 151 -27.37 6.51 -24.73
C GLY K 151 -27.57 5.07 -24.32
N ASP K 152 -26.64 4.17 -24.68
CA ASP K 152 -26.70 2.77 -24.30
C ASP K 152 -25.68 2.44 -23.22
N TRP K 153 -25.56 3.34 -22.23
CA TRP K 153 -24.65 3.18 -21.10
C TRP K 153 -23.19 3.11 -21.54
N THR K 154 -22.87 3.74 -22.67
CA THR K 154 -21.50 3.89 -23.15
C THR K 154 -21.27 5.34 -23.56
N PHE K 155 -20.01 5.73 -23.59
CA PHE K 155 -19.62 7.09 -23.97
C PHE K 155 -18.58 7.03 -25.08
N GLN K 156 -18.17 8.20 -25.55
CA GLN K 156 -17.15 8.31 -26.60
C GLN K 156 -16.70 9.76 -26.68
N ILE K 157 -15.43 9.96 -26.96
CA ILE K 157 -14.86 11.30 -27.09
C ILE K 157 -13.79 11.27 -28.17
N LEU K 158 -13.75 12.31 -28.99
CA LEU K 158 -12.85 12.40 -30.13
C LEU K 158 -11.88 13.55 -29.89
N VAL K 159 -10.60 13.23 -29.73
CA VAL K 159 -9.55 14.20 -29.50
C VAL K 159 -8.71 14.29 -30.78
N MET K 160 -8.70 15.48 -31.39
CA MET K 160 -7.97 15.72 -32.62
C MET K 160 -6.72 16.53 -32.33
N LEU K 161 -5.73 16.38 -33.20
CA LEU K 161 -4.45 17.07 -33.07
C LEU K 161 -4.11 17.73 -34.39
N GLU K 162 -3.87 19.04 -34.36
CA GLU K 162 -3.49 19.80 -35.55
C GLU K 162 -1.97 19.88 -35.57
N MET K 163 -1.35 19.09 -36.45
CA MET K 163 0.09 18.94 -36.47
C MET K 163 0.59 18.91 -37.91
N THR K 164 1.90 18.76 -38.08
CA THR K 164 2.53 18.63 -39.38
C THR K 164 3.38 17.36 -39.36
N PRO K 165 3.13 16.39 -40.25
CA PRO K 165 3.88 15.15 -40.22
C PRO K 165 5.26 15.27 -40.87
N GLN K 166 6.27 15.65 -40.10
CA GLN K 166 7.62 15.85 -40.60
C GLN K 166 8.58 14.85 -39.99
N ARG K 167 9.76 14.74 -40.61
CA ARG K 167 10.83 13.86 -40.12
C ARG K 167 10.35 12.45 -39.82
N GLY K 168 10.77 11.95 -38.67
CA GLY K 168 10.43 10.61 -38.22
C GLY K 168 9.99 10.64 -36.77
N ASP K 169 8.90 11.36 -36.50
CA ASP K 169 8.39 11.51 -35.14
C ASP K 169 7.21 10.58 -34.90
N VAL K 170 7.16 10.03 -33.70
CA VAL K 170 6.15 9.06 -33.29
C VAL K 170 5.19 9.75 -32.32
N TYR K 171 3.96 9.98 -32.78
CA TYR K 171 2.93 10.59 -31.95
C TYR K 171 2.16 9.51 -31.24
N THR K 172 1.88 9.74 -29.95
CA THR K 172 1.15 8.79 -29.13
C THR K 172 -0.01 9.47 -28.44
N CYS K 173 -1.08 8.71 -28.23
CA CYS K 173 -2.28 9.17 -27.55
C CYS K 173 -2.44 8.38 -26.26
N HIS K 174 -2.34 9.06 -25.13
CA HIS K 174 -2.41 8.43 -23.82
C HIS K 174 -3.80 8.65 -23.24
N VAL K 175 -4.47 7.57 -22.87
CA VAL K 175 -5.85 7.59 -22.37
C VAL K 175 -5.86 7.00 -20.97
N GLU K 176 -6.43 7.74 -20.02
CA GLU K 176 -6.59 7.29 -18.65
C GLU K 176 -8.08 7.13 -18.33
N HIS K 177 -8.43 6.02 -17.67
CA HIS K 177 -9.81 5.69 -17.38
C HIS K 177 -9.83 4.78 -16.17
N PRO K 178 -10.87 4.85 -15.33
CA PRO K 178 -10.91 3.96 -14.15
C PRO K 178 -10.86 2.48 -14.49
N SER K 179 -11.31 2.08 -15.68
CA SER K 179 -11.28 0.68 -16.10
C SER K 179 -9.90 0.21 -16.54
N LEU K 180 -8.85 0.99 -16.29
CA LEU K 180 -7.51 0.68 -16.77
C LEU K 180 -6.51 0.66 -15.61
N GLN K 181 -5.72 -0.41 -15.54
CA GLN K 181 -4.63 -0.46 -14.57
C GLN K 181 -3.48 0.45 -15.00
N ASN K 182 -3.16 0.42 -16.29
CA ASN K 182 -2.18 1.27 -16.94
C ASN K 182 -2.85 2.06 -18.05
N PRO K 183 -2.42 3.29 -18.31
CA PRO K 183 -3.03 4.08 -19.38
C PRO K 183 -2.84 3.38 -20.72
N ILE K 184 -3.85 3.47 -21.56
CA ILE K 184 -3.77 2.88 -22.90
C ILE K 184 -3.01 3.84 -23.81
N ILE K 185 -2.04 3.30 -24.55
CA ILE K 185 -1.20 4.09 -25.43
C ILE K 185 -1.26 3.47 -26.82
N VAL K 186 -1.62 4.29 -27.80
CA VAL K 186 -1.65 3.90 -29.20
C VAL K 186 -0.69 4.81 -29.95
N GLU K 187 0.15 4.23 -30.79
CA GLU K 187 1.18 4.99 -31.50
C GLU K 187 0.82 5.20 -32.96
N TRP K 188 1.50 6.17 -33.56
CA TRP K 188 1.35 6.50 -34.98
C TRP K 188 2.64 7.14 -35.43
N ARG K 189 3.34 6.52 -36.38
CA ARG K 189 4.60 7.04 -36.87
C ARG K 189 4.43 7.70 -38.22
N ALA K 190 5.23 8.74 -38.47
CA ALA K 190 5.21 9.43 -39.74
C ALA K 190 5.86 8.59 -40.83
N GLN K 191 5.25 8.61 -42.02
CA GLN K 191 5.78 7.90 -43.18
C GLN K 191 5.99 6.42 -42.91
N GLN L 2 -33.13 -7.11 -3.33
CA GLN L 2 -34.50 -6.76 -2.96
C GLN L 2 -35.27 -6.24 -4.17
N VAL L 3 -36.54 -5.91 -3.95
CA VAL L 3 -37.39 -5.39 -5.01
C VAL L 3 -37.14 -3.90 -5.14
N GLU L 4 -36.72 -3.46 -6.34
CA GLU L 4 -36.53 -2.05 -6.56
C GLU L 4 -37.88 -1.37 -6.77
N LEU L 5 -37.94 -0.10 -6.40
CA LEU L 5 -39.16 0.70 -6.48
C LEU L 5 -38.77 2.16 -6.22
N GLY L 6 -39.77 3.03 -6.25
CA GLY L 6 -39.52 4.43 -5.99
C GLY L 6 -40.55 5.32 -6.65
N GLY L 7 -40.42 6.61 -6.38
CA GLY L 7 -41.27 7.64 -6.94
C GLY L 7 -42.75 7.51 -6.63
N GLY L 8 -43.14 7.75 -5.39
CA GLY L 8 -44.55 7.78 -5.07
C GLY L 8 -45.20 9.09 -5.48
N ASN L 9 -46.24 9.01 -6.29
CA ASN L 9 -46.92 10.18 -6.79
C ASN L 9 -48.03 10.64 -5.83
N ALA L 10 -48.26 11.95 -5.78
CA ALA L 10 -49.26 12.53 -4.91
C ALA L 10 -50.53 12.87 -5.67
N VAL L 11 -51.68 12.63 -5.04
CA VAL L 11 -52.99 12.84 -5.67
C VAL L 11 -53.49 14.24 -5.35
N GLU L 12 -54.14 14.87 -6.33
CA GLU L 12 -54.68 16.23 -6.20
C GLU L 12 -56.20 16.19 -6.00
N VAL L 13 -56.73 17.26 -5.40
CA VAL L 13 -58.16 17.35 -5.14
C VAL L 13 -58.87 17.68 -6.45
N CYS L 14 -59.63 16.72 -6.98
CA CYS L 14 -60.33 16.96 -8.24
C CYS L 14 -61.77 16.45 -8.17
C1 NAG M . -27.70 -12.94 -4.85
C2 NAG M . -28.77 -13.58 -3.96
C3 NAG M . -29.78 -12.52 -3.50
C4 NAG M . -29.06 -11.34 -2.86
C5 NAG M . -28.00 -10.80 -3.83
C6 NAG M . -27.15 -9.70 -3.23
C7 NAG M . -30.13 -15.63 -4.04
C8 NAG M . -30.76 -16.66 -4.93
N2 NAG M . -29.46 -14.65 -4.66
O3 NAG M . -30.68 -13.10 -2.57
O4 NAG M . -30.00 -10.31 -2.58
O5 NAG M . -27.10 -11.85 -4.17
O6 NAG M . -27.68 -8.41 -3.56
O7 NAG M . -30.22 -15.69 -2.82
C1 NAG M . -29.94 -9.92 -1.19
C2 NAG M . -30.70 -8.59 -1.06
C3 NAG M . -32.07 -8.82 -0.41
C4 NAG M . -31.93 -9.45 0.98
C5 NAG M . -30.76 -10.41 1.01
C6 NAG M . -30.99 -11.62 1.88
C7 NAG M . -29.31 -6.58 -0.87
C8 NAG M . -28.55 -5.67 0.07
N2 NAG M . -29.93 -7.62 -0.30
O3 NAG M . -32.85 -9.67 -1.25
O4 NAG M . -31.72 -8.43 1.95
O5 NAG M . -30.52 -10.90 -0.33
O6 NAG M . -29.81 -12.40 2.03
O7 NAG M . -29.35 -6.38 -2.08
C1 BMA M . -35.01 -7.71 3.68
C2 BMA M . -34.12 -7.79 2.45
C3 BMA M . -32.78 -8.43 2.82
C4 BMA M . -32.16 -7.74 4.04
C5 BMA M . -33.16 -7.73 5.20
C6 BMA M . -32.65 -7.00 6.43
O1 BMA M . -36.11 -6.92 3.34
O2 BMA M . -33.82 -6.49 1.95
O4 BMA M . -30.98 -8.44 4.44
O5 BMA M . -34.36 -7.08 4.76
O6 BMA M . -32.81 -5.61 6.21
C1 NAG N . -2.81 3.36 -0.85
C2 NAG N . -2.40 4.54 -1.75
C3 NAG N . -3.63 5.13 -2.45
C4 NAG N . -4.43 4.04 -3.14
C5 NAG N . -4.74 2.91 -2.15
C6 NAG N . -5.47 1.75 -2.77
C7 NAG N . -0.44 5.92 -1.15
C8 NAG N . 0.07 7.00 -0.25
N2 NAG N . -1.73 5.57 -0.96
O3 NAG N . -3.20 6.09 -3.41
O4 NAG N . -5.65 4.57 -3.63
O5 NAG N . -3.51 2.40 -1.61
O6 NAG N . -5.73 0.73 -1.80
O7 NAG N . 0.25 5.40 -2.00
C1 PEG O . -11.65 -0.66 -11.07
O1 PEG O . -11.45 -1.83 -11.85
C2 PEG O . -10.42 0.18 -11.04
O2 PEG O . -10.32 0.85 -9.80
C3 PEG O . -11.01 2.09 -9.78
C4 PEG O . -12.08 2.05 -8.73
O4 PEG O . -12.74 3.31 -8.62
C1 NAG P . -33.66 -0.36 12.03
C2 NAG P . -34.00 0.41 13.33
C3 NAG P . -35.24 1.30 13.13
C4 NAG P . -35.08 2.17 11.89
C5 NAG P . -34.71 1.32 10.68
C6 NAG P . -34.43 2.15 9.45
C7 NAG P . -35.01 -1.43 14.77
C8 NAG P . -36.03 -1.74 13.71
N2 NAG P . -34.12 -0.44 14.51
O3 NAG P . -35.43 2.11 14.28
O4 NAG P . -36.29 2.85 11.63
O5 NAG P . -33.51 0.58 10.95
O6 NAG P . -33.04 2.20 9.16
O7 NAG P . -34.97 -2.06 15.82
C1 NAG Q . -46.19 10.63 -36.71
C2 NAG Q . -46.71 11.87 -37.43
C3 NAG Q . -48.23 11.96 -37.31
C4 NAG Q . -48.88 10.66 -37.78
C5 NAG Q . -48.29 9.49 -37.01
C6 NAG Q . -48.82 8.15 -37.48
C7 NAG Q . -45.88 14.17 -37.65
C8 NAG Q . -45.23 15.32 -36.94
N2 NAG Q . -46.09 13.07 -36.91
O3 NAG Q . -48.70 13.05 -38.10
O4 NAG Q . -50.29 10.72 -37.55
O5 NAG Q . -46.87 9.46 -37.20
O6 NAG Q . -47.91 7.10 -37.17
O7 NAG Q . -46.20 14.22 -38.83
C1 PEG R . -16.92 -6.67 -11.95
O1 PEG R . -18.33 -6.71 -11.79
C2 PEG R . -16.52 -5.77 -13.08
O2 PEG R . -15.46 -4.94 -12.66
C3 PEG R . -14.35 -4.96 -13.54
C4 PEG R . -13.38 -3.89 -13.13
O4 PEG R . -12.41 -3.66 -14.14
#